data_6VFT
#
_entry.id   6VFT
#
_cell.length_a   214.550
_cell.length_b   105.838
_cell.length_c   101.403
_cell.angle_alpha   90.000
_cell.angle_beta   101.038
_cell.angle_gamma   90.000
#
_symmetry.space_group_name_H-M   'C 1 2 1'
#
loop_
_entity.id
_entity.type
_entity.pdbx_description
1 polymer Protocadherin-17
2 branched 2-acetamido-2-deoxy-beta-D-glucopyranose-(1-4)-[alpha-L-fucopyranose-(1-6)]2-acetamido-2-deoxy-beta-D-glucopyranose
3 branched 2-acetamido-2-deoxy-beta-D-glucopyranose-(1-4)-2-acetamido-2-deoxy-beta-D-glucopyranose
4 branched beta-D-mannopyranose-(1-4)-2-acetamido-2-deoxy-beta-D-glucopyranose-(1-4)-[alpha-L-fucopyranose-(1-6)]2-acetamido-2-deoxy-beta-D-glucopyranose
5 branched beta-D-mannopyranose-(1-4)-2-acetamido-2-deoxy-beta-D-glucopyranose-(1-4)-2-acetamido-2-deoxy-beta-D-glucopyranose
6 branched alpha-D-mannopyranose-(1-6)-beta-D-mannopyranose-(1-4)-2-acetamido-2-deoxy-beta-D-glucopyranose-(1-4)-[alpha-L-fucopyranose-(1-6)]2-acetamido-2-deoxy-beta-D-glucopyranose
7 non-polymer 'CALCIUM ION'
8 non-polymer alpha-D-mannopyranose
9 non-polymer 2-acetamido-2-deoxy-beta-D-glucopyranose
10 water water
#
_entity_poly.entity_id   1
_entity_poly.type   'polypeptide(L)'
_entity_poly.pdbx_seq_one_letter_code
;LKNLNYSVPEEQGAGTVIGNIGRDARLQPGLPPAERGGGGRSKSGSYRVLENSAPHLLDVDADSGLLYTKQRIDRESLCR
HNAKCQLSLEVFANDKEICMIKVEIQDINDNAPSFSSDQIEMDISENAAPGTRFPLTSAHDPDAGENGLRTYLLTRDDHG
LFGLDVKSRGDGTKFPELVIQKALDREQQNHHTLVLTALDGGEPPRSATVQINVKVIDSNDNSPVFEAPSYLVELPENAP
LGTVVIDLNATDADEGPNGEVLYSFSSYVPDRVRELFSIDPKTGLIRVKGNLDYEENGMLEIDVQARDLGPNPIPAHCKV
TVKLIDRNDNAPSIGFVSVRQGALSEAAPPGTVIALVRVTDRDSGKNGQLQCRVLGGGGTGGGGGLGGPGGSVPFKLEEN
YDNFYTVVTDRPLDRETQDEYNVTIVARDGGSPPLNSTKSFAIKILDHHHHHH
;
_entity_poly.pdbx_strand_id   A,B,C,D
#
# COMPACT_ATOMS: atom_id res chain seq x y z
N LYS A 2 -0.14 36.94 -68.55
CA LYS A 2 -0.37 36.86 -67.08
C LYS A 2 -0.69 35.44 -66.66
N ASN A 3 -0.03 34.97 -65.59
CA ASN A 3 -0.42 33.68 -65.04
C ASN A 3 -1.88 33.76 -64.59
N LEU A 4 -2.52 32.61 -64.50
CA LEU A 4 -3.89 32.53 -64.04
C LEU A 4 -3.88 31.66 -62.80
N ASN A 5 -4.48 32.15 -61.73
CA ASN A 5 -4.46 31.47 -60.44
C ASN A 5 -5.89 31.15 -60.02
N TYR A 6 -6.23 29.86 -60.00
CA TYR A 6 -7.54 29.40 -59.58
C TYR A 6 -7.43 28.67 -58.26
N SER A 7 -8.58 28.48 -57.61
CA SER A 7 -8.67 27.65 -56.42
C SER A 7 -10.09 27.11 -56.35
N VAL A 8 -10.21 25.80 -56.17
CA VAL A 8 -11.48 25.11 -56.37
C VAL A 8 -11.65 24.03 -55.31
N PRO A 9 -12.86 23.83 -54.77
CA PRO A 9 -13.05 22.74 -53.80
C PRO A 9 -12.78 21.38 -54.43
N GLU A 10 -12.47 20.42 -53.57
CA GLU A 10 -12.30 19.05 -54.03
C GLU A 10 -13.66 18.44 -54.35
N GLU A 11 -13.63 17.17 -54.77
CA GLU A 11 -14.83 16.41 -55.11
C GLU A 11 -15.78 17.23 -56.00
N GLN A 12 -15.21 17.96 -56.95
CA GLN A 12 -16.02 18.68 -57.92
C GLN A 12 -16.75 17.71 -58.85
N GLY A 13 -17.87 18.21 -59.40
CA GLY A 13 -18.63 17.42 -60.35
C GLY A 13 -17.86 17.21 -61.65
N ALA A 14 -18.00 16.01 -62.20
CA ALA A 14 -17.31 15.67 -63.44
C ALA A 14 -17.68 16.64 -64.55
N GLY A 15 -16.67 17.22 -65.19
CA GLY A 15 -16.91 18.20 -66.22
C GLY A 15 -17.32 19.56 -65.72
N THR A 16 -16.97 19.90 -64.49
CA THR A 16 -17.28 21.23 -63.96
C THR A 16 -16.30 22.24 -64.55
N VAL A 17 -16.84 23.39 -64.97
CA VAL A 17 -16.01 24.43 -65.55
C VAL A 17 -15.21 25.10 -64.44
N ILE A 18 -13.89 24.98 -64.51
CA ILE A 18 -13.04 25.63 -63.53
C ILE A 18 -12.78 27.08 -63.92
N GLY A 19 -12.40 27.32 -65.17
CA GLY A 19 -12.01 28.65 -65.58
C GLY A 19 -12.22 28.91 -67.04
N ASN A 20 -12.04 30.19 -67.42
CA ASN A 20 -12.08 30.63 -68.81
C ASN A 20 -10.74 31.30 -69.13
N ILE A 21 -9.87 30.55 -69.80
CA ILE A 21 -8.55 31.05 -70.13
C ILE A 21 -8.65 32.27 -71.04
N GLY A 22 -9.43 32.17 -72.11
CA GLY A 22 -9.51 33.25 -73.08
C GLY A 22 -9.80 34.59 -72.44
N ARG A 23 -10.82 34.63 -71.57
CA ARG A 23 -11.21 35.89 -70.95
C ARG A 23 -10.23 36.31 -69.86
N ASP A 24 -9.76 35.35 -69.04
CA ASP A 24 -8.93 35.70 -67.90
C ASP A 24 -7.55 36.20 -68.33
N ALA A 25 -6.97 35.59 -69.36
CA ALA A 25 -5.66 35.98 -69.86
C ALA A 25 -5.71 36.99 -70.99
N ARG A 26 -6.90 37.35 -71.47
CA ARG A 26 -7.06 38.37 -72.50
C ARG A 26 -6.41 37.91 -73.82
N LEU A 27 -6.82 36.74 -74.29
CA LEU A 27 -6.24 36.13 -75.48
C LEU A 27 -7.32 35.88 -76.52
N GLN A 28 -6.94 35.22 -77.63
CA GLN A 28 -7.83 34.99 -78.75
C GLN A 28 -8.12 33.50 -78.92
N PRO A 29 -9.37 33.11 -79.25
CA PRO A 29 -9.68 31.71 -79.55
C PRO A 29 -9.11 31.26 -80.90
N TYR A 47 -6.54 26.57 -78.31
CA TYR A 47 -5.92 26.46 -76.99
C TYR A 47 -5.37 25.05 -76.78
N ARG A 48 -4.12 24.85 -77.15
CA ARG A 48 -3.44 23.56 -77.02
C ARG A 48 -2.75 23.48 -75.66
N VAL A 49 -2.65 22.26 -75.15
CA VAL A 49 -2.01 22.00 -73.86
C VAL A 49 -0.59 21.51 -74.12
N LEU A 50 0.39 22.29 -73.65
CA LEU A 50 1.79 21.89 -73.82
C LEU A 50 2.22 20.94 -72.72
N GLU A 51 2.12 21.36 -71.46
CA GLU A 51 2.61 20.53 -70.35
C GLU A 51 1.79 20.84 -69.12
N ASN A 52 0.91 19.92 -68.71
CA ASN A 52 0.09 20.17 -67.54
C ASN A 52 0.39 19.15 -66.45
N SER A 53 -0.03 19.50 -65.23
CA SER A 53 0.29 18.69 -64.05
C SER A 53 -0.44 17.35 -64.10
N ALA A 54 -1.75 17.38 -64.32
CA ALA A 54 -2.59 16.19 -64.27
C ALA A 54 -3.35 16.03 -65.57
N PRO A 55 -3.00 15.05 -66.42
CA PRO A 55 -3.77 14.87 -67.67
C PRO A 55 -5.15 14.31 -67.45
N HIS A 56 -5.34 13.49 -66.40
CA HIS A 56 -6.63 12.86 -66.15
C HIS A 56 -7.58 13.75 -65.37
N LEU A 57 -7.08 14.81 -64.73
CA LEU A 57 -7.93 15.63 -63.86
C LEU A 57 -8.49 16.86 -64.57
N LEU A 58 -7.65 17.60 -65.28
CA LEU A 58 -8.06 18.85 -65.93
C LEU A 58 -7.67 18.86 -67.41
N ASP A 59 -8.53 19.46 -68.22
CA ASP A 59 -8.26 19.61 -69.64
C ASP A 59 -8.93 20.90 -70.13
N VAL A 60 -8.36 21.46 -71.19
CA VAL A 60 -8.85 22.71 -71.79
C VAL A 60 -9.44 22.41 -73.16
N ASP A 61 -10.62 22.96 -73.42
CA ASP A 61 -11.26 22.80 -74.71
C ASP A 61 -10.52 23.64 -75.76
N ALA A 62 -10.11 22.98 -76.84
CA ALA A 62 -9.20 23.61 -77.80
C ALA A 62 -9.77 24.90 -78.36
N ASP A 63 -11.05 24.90 -78.72
CA ASP A 63 -11.65 26.00 -79.46
C ASP A 63 -12.42 26.98 -78.59
N SER A 64 -12.48 26.76 -77.27
CA SER A 64 -13.14 27.69 -76.37
C SER A 64 -12.22 28.28 -75.31
N GLY A 65 -11.08 27.65 -75.01
CA GLY A 65 -10.22 28.16 -73.97
C GLY A 65 -10.75 27.96 -72.58
N LEU A 66 -11.62 26.99 -72.40
CA LEU A 66 -12.27 26.73 -71.11
C LEU A 66 -11.57 25.59 -70.40
N LEU A 67 -11.24 25.81 -69.13
CA LEU A 67 -10.57 24.82 -68.30
C LEU A 67 -11.62 24.07 -67.48
N TYR A 68 -11.72 22.75 -67.70
CA TYR A 68 -12.73 21.92 -67.07
C TYR A 68 -12.09 20.72 -66.40
N THR A 69 -12.81 20.17 -65.43
CA THR A 69 -12.39 18.97 -64.74
C THR A 69 -12.74 17.74 -65.57
N LYS A 70 -11.79 16.84 -65.72
CA LYS A 70 -12.01 15.62 -66.47
C LYS A 70 -12.51 14.48 -65.58
N GLN A 71 -12.13 14.50 -64.32
CA GLN A 71 -12.61 13.56 -63.32
C GLN A 71 -12.78 14.30 -61.99
N ARG A 72 -13.19 13.55 -60.98
CA ARG A 72 -13.23 14.09 -59.62
C ARG A 72 -11.83 14.30 -59.07
N ILE A 73 -11.73 15.22 -58.11
CA ILE A 73 -10.48 15.51 -57.42
C ILE A 73 -10.65 15.22 -55.94
N ASP A 74 -9.87 14.26 -55.44
CA ASP A 74 -9.85 13.94 -54.02
C ASP A 74 -8.56 14.55 -53.47
N ARG A 75 -8.69 15.68 -52.76
CA ARG A 75 -7.51 16.35 -52.24
C ARG A 75 -6.73 15.43 -51.30
N GLU A 76 -7.42 14.54 -50.60
CA GLU A 76 -6.75 13.62 -49.69
C GLU A 76 -5.86 12.64 -50.45
N SER A 77 -6.32 12.16 -51.61
CA SER A 77 -5.53 11.22 -52.39
C SER A 77 -4.34 11.90 -53.05
N LEU A 78 -4.46 13.19 -53.36
CA LEU A 78 -3.37 13.92 -54.00
C LEU A 78 -2.33 14.38 -52.99
N CYS A 79 -2.75 15.20 -52.02
CA CYS A 79 -1.84 15.95 -51.16
C CYS A 79 -1.91 15.54 -49.70
N ARG A 80 -2.69 14.52 -49.35
CA ARG A 80 -2.73 13.99 -48.00
C ARG A 80 -3.06 15.10 -47.00
N HIS A 81 -2.14 15.45 -46.11
CA HIS A 81 -2.42 16.46 -45.07
C HIS A 81 -1.91 17.85 -45.43
N ASN A 82 -1.28 18.01 -46.59
CA ASN A 82 -0.67 19.30 -46.93
C ASN A 82 -1.70 20.41 -46.90
N ALA A 83 -1.34 21.53 -46.26
CA ALA A 83 -2.24 22.67 -46.18
C ALA A 83 -2.48 23.27 -47.55
N LYS A 84 -1.44 23.39 -48.36
CA LYS A 84 -1.55 23.91 -49.72
C LYS A 84 -1.39 22.74 -50.70
N CYS A 85 -2.26 22.71 -51.71
CA CYS A 85 -2.30 21.60 -52.67
C CYS A 85 -2.56 22.18 -54.06
N GLN A 86 -1.55 22.11 -54.93
CA GLN A 86 -1.55 22.88 -56.17
C GLN A 86 -1.31 21.98 -57.37
N LEU A 87 -1.91 22.37 -58.49
CA LEU A 87 -1.73 21.71 -59.78
C LEU A 87 -1.36 22.76 -60.82
N SER A 88 -0.34 22.47 -61.61
CA SER A 88 0.14 23.35 -62.67
C SER A 88 -0.37 22.88 -64.03
N LEU A 89 -0.42 23.81 -64.97
CA LEU A 89 -0.93 23.52 -66.31
C LEU A 89 -0.40 24.57 -67.27
N GLU A 90 0.17 24.12 -68.40
CA GLU A 90 0.78 25.00 -69.39
C GLU A 90 0.10 24.81 -70.74
N VAL A 91 -0.70 25.81 -71.14
CA VAL A 91 -1.38 25.84 -72.42
C VAL A 91 -0.90 27.08 -73.20
N PHE A 92 -1.13 27.05 -74.50
CA PHE A 92 -0.91 28.19 -75.37
C PHE A 92 -2.07 28.38 -76.34
N ALA A 93 -2.11 29.56 -76.95
CA ALA A 93 -3.19 29.95 -77.86
C ALA A 93 -2.59 30.45 -79.18
N ASN A 94 -3.46 30.71 -80.15
CA ASN A 94 -3.04 31.10 -81.48
C ASN A 94 -2.07 32.27 -81.41
N ASP A 95 -1.07 32.26 -82.30
CA ASP A 95 -0.06 33.32 -82.40
C ASP A 95 0.88 33.32 -81.18
N LYS A 96 1.43 32.14 -80.89
CA LYS A 96 2.40 31.94 -79.80
C LYS A 96 2.00 32.72 -78.54
N GLU A 97 0.81 32.40 -78.03
CA GLU A 97 0.31 33.01 -76.80
C GLU A 97 0.40 31.97 -75.69
N ILE A 98 1.44 32.05 -74.87
CA ILE A 98 1.72 31.07 -73.84
C ILE A 98 1.05 31.53 -72.54
N CYS A 99 0.46 30.60 -71.81
CA CYS A 99 -0.22 30.88 -70.54
C CYS A 99 0.18 29.89 -69.46
N MET A 100 0.33 30.39 -68.24
CA MET A 100 0.60 29.56 -67.07
C MET A 100 -0.63 29.54 -66.18
N ILE A 101 -1.30 28.39 -66.12
CA ILE A 101 -2.43 28.17 -65.24
C ILE A 101 -1.96 27.39 -64.02
N LYS A 102 -2.36 27.85 -62.84
CA LYS A 102 -2.09 27.13 -61.60
C LYS A 102 -3.32 27.18 -60.71
N VAL A 103 -3.78 26.02 -60.28
CA VAL A 103 -5.05 25.88 -59.56
C VAL A 103 -4.82 25.10 -58.27
N GLU A 104 -5.24 25.68 -57.15
CA GLU A 104 -5.15 25.04 -55.86
C GLU A 104 -6.45 24.29 -55.55
N ILE A 105 -6.32 23.16 -54.87
CA ILE A 105 -7.46 22.32 -54.52
C ILE A 105 -7.74 22.48 -53.03
N GLN A 106 -8.90 23.04 -52.71
CA GLN A 106 -9.28 23.28 -51.33
C GLN A 106 -9.86 22.02 -50.70
N ASP A 107 -9.61 21.87 -49.41
CA ASP A 107 -10.15 20.74 -48.66
C ASP A 107 -11.60 21.00 -48.25
N ILE A 108 -12.38 19.92 -48.21
CA ILE A 108 -13.71 19.93 -47.62
C ILE A 108 -13.79 18.75 -46.66
N ASN A 109 -14.63 18.90 -45.63
CA ASN A 109 -14.76 17.87 -44.59
C ASN A 109 -15.64 16.73 -45.11
N ASP A 110 -15.11 16.00 -46.08
CA ASP A 110 -15.78 14.83 -46.64
C ASP A 110 -15.30 13.53 -46.01
N ASN A 111 -14.55 13.60 -44.91
CA ASN A 111 -14.10 12.42 -44.19
C ASN A 111 -14.31 12.63 -42.70
N ALA A 112 -14.69 11.55 -42.00
CA ALA A 112 -14.82 11.54 -40.56
C ALA A 112 -13.63 10.84 -39.91
N PRO A 113 -13.35 11.12 -38.64
CA PRO A 113 -12.32 10.35 -37.95
C PRO A 113 -12.73 8.88 -37.89
N SER A 114 -11.72 8.00 -37.87
CA SER A 114 -11.97 6.57 -37.91
C SER A 114 -11.02 5.85 -36.97
N PHE A 115 -11.56 4.85 -36.26
CA PHE A 115 -10.77 4.00 -35.38
C PHE A 115 -10.45 2.69 -36.10
N SER A 116 -9.36 2.05 -35.68
CA SER A 116 -8.96 0.78 -36.29
C SER A 116 -9.96 -0.34 -36.01
N SER A 117 -10.90 -0.14 -35.09
CA SER A 117 -11.92 -1.13 -34.77
C SER A 117 -13.13 -0.41 -34.22
N ASP A 118 -14.20 -1.15 -33.97
CA ASP A 118 -15.37 -0.61 -33.30
C ASP A 118 -15.43 -1.00 -31.84
N GLN A 119 -14.62 -1.95 -31.39
CA GLN A 119 -14.63 -2.35 -29.99
C GLN A 119 -13.23 -2.73 -29.55
N ILE A 120 -12.81 -2.18 -28.41
CA ILE A 120 -11.63 -2.64 -27.70
C ILE A 120 -12.11 -3.30 -26.42
N GLU A 121 -11.28 -4.17 -25.88
CA GLU A 121 -11.53 -4.80 -24.59
C GLU A 121 -10.30 -4.63 -23.73
N MET A 122 -10.52 -4.31 -22.45
CA MET A 122 -9.43 -4.07 -21.51
C MET A 122 -9.58 -4.98 -20.30
N ASP A 123 -8.46 -5.18 -19.62
CA ASP A 123 -8.40 -5.97 -18.39
C ASP A 123 -7.85 -5.08 -17.30
N ILE A 124 -8.74 -4.52 -16.48
CA ILE A 124 -8.37 -3.62 -15.39
C ILE A 124 -8.69 -4.31 -14.07
N SER A 125 -7.67 -4.47 -13.23
CA SER A 125 -7.89 -5.03 -11.90
C SER A 125 -8.55 -3.99 -11.01
N GLU A 126 -9.48 -4.46 -10.17
CA GLU A 126 -10.15 -3.59 -9.21
C GLU A 126 -9.19 -2.91 -8.25
N ASN A 127 -7.95 -3.40 -8.16
CA ASN A 127 -6.92 -2.82 -7.31
C ASN A 127 -6.27 -1.59 -7.92
N ALA A 128 -6.73 -1.17 -9.10
CA ALA A 128 -6.10 -0.06 -9.81
C ALA A 128 -6.24 1.23 -9.01
N ALA A 129 -5.11 1.87 -8.74
CA ALA A 129 -5.11 3.08 -7.92
C ALA A 129 -5.85 4.21 -8.63
N PRO A 130 -6.66 4.99 -7.92
CA PRO A 130 -7.25 6.18 -8.52
C PRO A 130 -6.17 7.12 -9.06
N GLY A 131 -6.40 7.64 -10.26
CA GLY A 131 -5.44 8.46 -10.96
C GLY A 131 -4.71 7.72 -12.06
N THR A 132 -4.59 6.40 -11.94
CA THR A 132 -3.92 5.60 -12.96
C THR A 132 -4.54 5.83 -14.32
N ARG A 133 -3.71 5.82 -15.36
CA ARG A 133 -4.16 6.07 -16.72
C ARG A 133 -3.75 4.92 -17.62
N PHE A 134 -4.61 4.62 -18.61
CA PHE A 134 -4.46 3.44 -19.44
C PHE A 134 -4.50 3.84 -20.92
N PRO A 135 -3.59 3.32 -21.74
CA PRO A 135 -3.63 3.62 -23.18
C PRO A 135 -4.99 3.32 -23.81
N LEU A 136 -5.26 4.03 -24.90
CA LEU A 136 -6.41 3.77 -25.77
C LEU A 136 -5.99 4.03 -27.21
N THR A 137 -6.62 3.33 -28.14
CA THR A 137 -6.31 3.54 -29.55
C THR A 137 -6.79 4.92 -29.99
N SER A 138 -5.96 5.61 -30.76
CA SER A 138 -6.31 6.91 -31.30
C SER A 138 -7.00 6.76 -32.65
N ALA A 139 -7.72 7.81 -33.04
CA ALA A 139 -8.41 7.86 -34.32
C ALA A 139 -7.61 8.69 -35.33
N HIS A 140 -7.98 8.55 -36.60
CA HIS A 140 -7.29 9.22 -37.70
C HIS A 140 -8.31 9.84 -38.64
N ASP A 141 -8.10 11.12 -38.97
CA ASP A 141 -8.90 11.84 -39.95
C ASP A 141 -8.02 12.23 -41.13
N PRO A 142 -8.33 11.80 -42.36
CA PRO A 142 -7.46 12.17 -43.48
C PRO A 142 -7.59 13.63 -43.89
N ASP A 143 -8.70 14.29 -43.57
CA ASP A 143 -8.89 15.68 -43.93
C ASP A 143 -7.76 16.54 -43.36
N ALA A 144 -7.64 17.75 -43.90
CA ALA A 144 -6.51 18.61 -43.58
C ALA A 144 -6.96 19.77 -42.69
N GLY A 145 -6.02 20.22 -41.86
CA GLY A 145 -6.26 21.40 -41.05
C GLY A 145 -7.45 21.23 -40.13
N GLU A 146 -8.31 22.24 -40.12
CA GLU A 146 -9.42 22.30 -39.18
C GLU A 146 -10.43 21.17 -39.39
N ASN A 147 -10.36 20.47 -40.52
CA ASN A 147 -11.26 19.35 -40.78
C ASN A 147 -10.73 18.04 -40.22
N GLY A 148 -9.53 18.03 -39.64
CA GLY A 148 -8.97 16.85 -39.03
C GLY A 148 -9.40 16.67 -37.59
N LEU A 149 -8.78 15.69 -36.94
CA LEU A 149 -9.18 15.30 -35.59
C LEU A 149 -9.08 16.48 -34.63
N ARG A 150 -10.17 16.73 -33.91
CA ARG A 150 -10.22 17.82 -32.94
C ARG A 150 -9.91 17.29 -31.54
N THR A 151 -10.84 16.53 -30.95
CA THR A 151 -10.63 16.01 -29.61
C THR A 151 -11.43 14.71 -29.45
N TYR A 152 -11.26 14.06 -28.30
CA TYR A 152 -12.03 12.89 -27.94
C TYR A 152 -12.95 13.20 -26.77
N LEU A 153 -14.03 12.43 -26.66
CA LEU A 153 -14.98 12.55 -25.56
C LEU A 153 -15.48 11.17 -25.17
N LEU A 154 -15.63 10.95 -23.87
CA LEU A 154 -16.09 9.68 -23.34
C LEU A 154 -17.53 9.76 -22.86
N THR A 155 -18.23 8.63 -22.92
CA THR A 155 -19.57 8.46 -22.38
C THR A 155 -19.51 7.44 -21.24
N ARG A 156 -19.30 7.93 -20.02
CA ARG A 156 -19.22 7.10 -18.82
C ARG A 156 -20.57 7.11 -18.12
N ASP A 157 -21.34 6.03 -18.33
CA ASP A 157 -22.72 5.94 -17.86
C ASP A 157 -22.85 5.64 -16.37
N ASP A 158 -21.85 4.99 -15.78
CA ASP A 158 -21.98 4.49 -14.41
C ASP A 158 -21.44 5.53 -13.43
N HIS A 159 -22.23 6.57 -13.20
CA HIS A 159 -21.92 7.58 -12.20
C HIS A 159 -20.47 8.06 -12.32
N GLY A 160 -20.08 8.41 -13.55
CA GLY A 160 -18.76 8.98 -13.74
C GLY A 160 -17.66 8.13 -13.16
N LEU A 161 -17.74 6.80 -13.35
CA LEU A 161 -16.69 5.92 -12.85
C LEU A 161 -15.34 6.21 -13.50
N PHE A 162 -15.30 6.29 -14.82
CA PHE A 162 -14.06 6.53 -15.53
C PHE A 162 -14.06 7.92 -16.15
N GLY A 163 -12.85 8.49 -16.30
CA GLY A 163 -12.67 9.75 -16.98
C GLY A 163 -11.71 9.61 -18.14
N LEU A 164 -11.43 10.74 -18.78
CA LEU A 164 -10.63 10.76 -20.00
C LEU A 164 -9.57 11.86 -19.92
N ASP A 165 -8.35 11.53 -20.32
CA ASP A 165 -7.30 12.53 -20.51
C ASP A 165 -6.91 12.56 -21.99
N VAL A 166 -6.80 13.77 -22.53
CA VAL A 166 -6.46 14.00 -23.93
C VAL A 166 -5.13 14.72 -23.98
N LYS A 167 -4.20 14.21 -24.78
CA LYS A 167 -2.86 14.79 -24.82
C LYS A 167 -2.35 14.92 -26.25
N SER A 168 -1.62 16.00 -26.52
CA SER A 168 -1.09 16.26 -27.85
C SER A 168 0.27 15.58 -28.02
N ARG A 169 0.63 15.36 -29.28
CA ARG A 169 1.92 14.80 -29.64
C ARG A 169 2.82 15.90 -30.20
N GLY A 170 4.01 15.50 -30.66
CA GLY A 170 4.91 16.45 -31.26
C GLY A 170 4.27 17.21 -32.42
N ASP A 171 3.54 16.50 -33.27
CA ASP A 171 2.93 17.14 -34.43
C ASP A 171 1.88 18.15 -34.01
N GLY A 172 1.01 17.77 -33.08
CA GLY A 172 -0.23 18.49 -32.85
C GLY A 172 -1.39 17.53 -32.93
N THR A 173 -1.09 16.24 -33.05
CA THR A 173 -2.11 15.21 -33.04
C THR A 173 -2.40 14.83 -31.60
N LYS A 174 -3.63 14.39 -31.36
CA LYS A 174 -4.09 14.12 -30.02
C LYS A 174 -4.31 12.62 -29.84
N PHE A 175 -4.12 12.15 -28.62
CA PHE A 175 -4.39 10.77 -28.28
C PHE A 175 -5.04 10.72 -26.92
N PRO A 176 -5.93 9.75 -26.69
CA PRO A 176 -6.64 9.67 -25.41
C PRO A 176 -6.09 8.58 -24.52
N GLU A 177 -6.32 8.69 -23.21
CA GLU A 177 -6.13 7.55 -22.33
C GLU A 177 -7.16 7.62 -21.21
N LEU A 178 -7.58 6.43 -20.77
CA LEU A 178 -8.57 6.34 -19.72
C LEU A 178 -7.96 6.74 -18.39
N VAL A 179 -8.76 7.38 -17.55
CA VAL A 179 -8.36 7.71 -16.19
C VAL A 179 -9.31 7.03 -15.24
N ILE A 180 -8.77 6.53 -14.13
CA ILE A 180 -9.56 5.96 -13.05
C ILE A 180 -9.70 7.06 -12.00
N GLN A 181 -10.83 7.76 -12.04
CA GLN A 181 -11.02 8.91 -11.18
C GLN A 181 -11.35 8.49 -9.74
N LYS A 182 -12.00 7.35 -9.56
CA LYS A 182 -12.21 6.76 -8.24
C LYS A 182 -12.14 5.25 -8.35
N ALA A 183 -11.96 4.61 -7.21
CA ALA A 183 -11.61 3.19 -7.15
C ALA A 183 -12.68 2.33 -7.81
N LEU A 184 -12.27 1.12 -8.18
CA LEU A 184 -13.13 0.09 -8.75
C LEU A 184 -13.35 -1.04 -7.76
N ASP A 185 -14.42 -1.81 -7.99
CA ASP A 185 -14.73 -2.97 -7.16
C ASP A 185 -15.36 -4.03 -8.04
N ARG A 186 -14.66 -5.14 -8.24
CA ARG A 186 -15.23 -6.25 -9.02
C ARG A 186 -16.50 -6.78 -8.36
N GLU A 187 -16.44 -7.04 -7.05
CA GLU A 187 -17.57 -7.62 -6.34
C GLU A 187 -18.82 -6.75 -6.38
N GLN A 188 -18.70 -5.48 -6.80
CA GLN A 188 -19.85 -4.62 -7.00
C GLN A 188 -20.32 -4.57 -8.44
N GLN A 189 -19.39 -4.65 -9.39
CA GLN A 189 -19.74 -4.70 -10.81
C GLN A 189 -18.57 -5.36 -11.54
N ASN A 190 -18.83 -6.50 -12.17
CA ASN A 190 -17.75 -7.32 -12.73
C ASN A 190 -17.25 -6.78 -14.05
N HIS A 191 -18.11 -6.17 -14.85
CA HIS A 191 -17.77 -5.69 -16.17
C HIS A 191 -18.24 -4.25 -16.32
N HIS A 192 -17.54 -3.49 -17.16
CA HIS A 192 -18.06 -2.21 -17.61
C HIS A 192 -17.91 -2.11 -19.13
N THR A 193 -18.76 -1.27 -19.72
CA THR A 193 -18.67 -0.95 -21.14
C THR A 193 -18.93 0.54 -21.30
N LEU A 194 -18.01 1.25 -21.93
CA LEU A 194 -18.13 2.68 -22.10
C LEU A 194 -17.65 3.05 -23.50
N VAL A 195 -18.14 4.16 -24.03
CA VAL A 195 -17.93 4.51 -25.44
C VAL A 195 -17.02 5.73 -25.53
N LEU A 196 -15.97 5.59 -26.33
CA LEU A 196 -15.04 6.68 -26.64
C LEU A 196 -15.31 7.15 -28.06
N THR A 197 -15.56 8.45 -28.23
CA THR A 197 -15.81 9.03 -29.54
C THR A 197 -14.75 10.05 -29.88
N ALA A 198 -14.42 10.12 -31.17
CA ALA A 198 -13.49 11.10 -31.70
C ALA A 198 -14.25 12.08 -32.58
N LEU A 199 -14.02 13.38 -32.33
CA LEU A 199 -14.62 14.49 -33.05
C LEU A 199 -13.55 15.29 -33.77
N ASP A 200 -13.86 15.64 -35.02
CA ASP A 200 -13.03 16.51 -35.84
C ASP A 200 -13.62 17.92 -35.86
N GLY A 201 -12.88 18.84 -36.46
CA GLY A 201 -13.38 20.19 -36.63
C GLY A 201 -14.32 20.25 -37.82
N GLY A 202 -14.26 21.33 -38.59
CA GLY A 202 -15.09 21.46 -39.78
C GLY A 202 -16.53 21.76 -39.42
N GLU A 203 -17.24 22.47 -40.28
CA GLU A 203 -18.57 22.93 -39.89
C GLU A 203 -19.58 21.79 -39.87
N PRO A 204 -19.50 20.81 -40.77
CA PRO A 204 -20.19 19.54 -40.52
C PRO A 204 -19.35 18.69 -39.60
N PRO A 205 -19.61 18.73 -38.29
CA PRO A 205 -18.72 18.05 -37.34
C PRO A 205 -18.85 16.55 -37.46
N ARG A 206 -17.77 15.90 -37.88
CA ARG A 206 -17.74 14.46 -38.05
C ARG A 206 -17.25 13.79 -36.78
N SER A 207 -17.84 12.63 -36.47
CA SER A 207 -17.50 11.90 -35.26
C SER A 207 -17.52 10.41 -35.54
N ALA A 208 -16.80 9.65 -34.73
CA ALA A 208 -16.80 8.20 -34.84
C ALA A 208 -16.53 7.59 -33.48
N THR A 209 -17.19 6.47 -33.20
CA THR A 209 -17.22 5.90 -31.86
C THR A 209 -16.55 4.53 -31.83
N VAL A 210 -16.13 4.14 -30.62
CA VAL A 210 -15.55 2.84 -30.34
C VAL A 210 -16.02 2.41 -28.95
N GLN A 211 -16.41 1.14 -28.83
CA GLN A 211 -16.78 0.58 -27.54
C GLN A 211 -15.55 0.03 -26.82
N ILE A 212 -15.43 0.39 -25.55
CA ILE A 212 -14.41 -0.14 -24.65
C ILE A 212 -15.12 -1.09 -23.69
N ASN A 213 -14.81 -2.38 -23.79
CA ASN A 213 -15.38 -3.42 -22.93
C ASN A 213 -14.29 -3.83 -21.93
N VAL A 214 -14.43 -3.37 -20.69
CA VAL A 214 -13.39 -3.52 -19.69
C VAL A 214 -13.81 -4.61 -18.72
N LYS A 215 -12.97 -5.64 -18.62
CA LYS A 215 -13.14 -6.73 -17.67
C LYS A 215 -12.47 -6.35 -16.36
N VAL A 216 -13.24 -6.32 -15.28
CA VAL A 216 -12.72 -5.94 -13.96
C VAL A 216 -12.16 -7.21 -13.30
N ILE A 217 -10.84 -7.24 -13.11
CA ILE A 217 -10.17 -8.42 -12.57
C ILE A 217 -10.30 -8.41 -11.06
N ASP A 218 -10.23 -9.59 -10.46
CA ASP A 218 -10.33 -9.73 -9.02
C ASP A 218 -8.99 -9.47 -8.35
N SER A 219 -9.03 -8.72 -7.25
CA SER A 219 -7.93 -8.65 -6.29
C SER A 219 -8.46 -9.14 -4.95
N ASN A 220 -7.61 -9.85 -4.21
CA ASN A 220 -8.00 -10.51 -2.97
C ASN A 220 -8.28 -9.44 -1.91
N ASP A 221 -9.48 -8.85 -2.00
CA ASP A 221 -9.87 -7.77 -1.10
C ASP A 221 -11.11 -8.15 -0.29
N ASN A 222 -11.28 -9.42 0.03
CA ASN A 222 -12.35 -9.87 0.91
C ASN A 222 -11.85 -10.99 1.81
N SER A 223 -12.03 -10.80 3.12
CA SER A 223 -11.68 -11.82 4.09
C SER A 223 -12.73 -12.93 4.11
N PRO A 224 -12.36 -14.15 4.47
CA PRO A 224 -13.38 -15.16 4.77
C PRO A 224 -14.24 -14.69 5.94
N VAL A 225 -15.43 -15.29 6.06
CA VAL A 225 -16.38 -14.89 7.09
C VAL A 225 -17.09 -16.13 7.59
N PHE A 226 -16.89 -16.46 8.87
CA PHE A 226 -17.64 -17.53 9.49
C PHE A 226 -19.09 -17.10 9.74
N GLU A 227 -20.01 -18.06 9.62
CA GLU A 227 -21.42 -17.77 9.87
C GLU A 227 -21.64 -17.09 11.21
N ALA A 228 -20.85 -17.47 12.22
CA ALA A 228 -20.95 -16.84 13.53
C ALA A 228 -19.59 -16.91 14.21
N PRO A 229 -19.20 -15.90 14.98
CA PRO A 229 -17.86 -15.90 15.56
C PRO A 229 -17.64 -16.99 16.60
N SER A 230 -18.70 -17.47 17.25
CA SER A 230 -18.54 -18.43 18.34
C SER A 230 -19.66 -19.46 18.29
N TYR A 231 -19.34 -20.67 18.74
CA TYR A 231 -20.30 -21.76 18.85
C TYR A 231 -20.09 -22.46 20.18
N LEU A 232 -21.14 -23.12 20.66
CA LEU A 232 -21.08 -23.89 21.90
C LEU A 232 -21.77 -25.23 21.67
N VAL A 233 -21.05 -26.31 21.90
CA VAL A 233 -21.51 -27.66 21.58
C VAL A 233 -21.36 -28.54 22.81
N GLU A 234 -22.42 -29.29 23.14
CA GLU A 234 -22.39 -30.28 24.20
C GLU A 234 -22.15 -31.67 23.61
N LEU A 235 -21.30 -32.44 24.27
CA LEU A 235 -21.02 -33.82 23.88
C LEU A 235 -20.98 -34.69 25.14
N PRO A 236 -21.43 -35.94 25.04
CA PRO A 236 -21.30 -36.86 26.17
C PRO A 236 -19.88 -37.39 26.28
N GLU A 237 -19.36 -37.40 27.50
CA GLU A 237 -17.99 -37.86 27.70
C GLU A 237 -17.83 -39.27 27.14
N ASN A 238 -16.59 -39.62 26.80
CA ASN A 238 -16.28 -40.92 26.22
C ASN A 238 -17.05 -41.16 24.93
N ALA A 239 -17.33 -40.09 24.19
CA ALA A 239 -18.07 -40.20 22.95
C ALA A 239 -17.32 -41.08 21.95
N PRO A 240 -18.03 -41.79 21.08
CA PRO A 240 -17.34 -42.71 20.17
C PRO A 240 -16.54 -41.96 19.12
N LEU A 241 -15.41 -42.56 18.75
CA LEU A 241 -14.50 -41.95 17.78
C LEU A 241 -15.23 -41.58 16.50
N GLY A 242 -14.85 -40.44 15.92
CA GLY A 242 -15.45 -40.00 14.67
C GLY A 242 -16.75 -39.26 14.82
N THR A 243 -17.28 -39.14 16.04
CA THR A 243 -18.51 -38.40 16.24
C THR A 243 -18.35 -36.97 15.72
N VAL A 244 -19.36 -36.49 15.01
CA VAL A 244 -19.30 -35.17 14.42
C VAL A 244 -19.50 -34.14 15.52
N VAL A 245 -18.58 -33.19 15.61
CA VAL A 245 -18.73 -32.09 16.55
C VAL A 245 -19.49 -30.93 15.92
N ILE A 246 -19.01 -30.44 14.78
CA ILE A 246 -19.67 -29.30 14.14
C ILE A 246 -19.14 -29.15 12.72
N ASP A 247 -19.97 -28.60 11.83
CA ASP A 247 -19.56 -28.27 10.47
C ASP A 247 -19.49 -26.75 10.37
N LEU A 248 -18.27 -26.21 10.42
CA LEU A 248 -18.08 -24.79 10.24
C LEU A 248 -18.19 -24.43 8.76
N ASN A 249 -18.67 -23.21 8.49
CA ASN A 249 -18.79 -22.70 7.13
C ASN A 249 -18.30 -21.27 7.11
N ALA A 250 -17.26 -21.02 6.33
CA ALA A 250 -16.72 -19.69 6.11
C ALA A 250 -16.81 -19.39 4.62
N THR A 251 -17.07 -18.13 4.29
CA THR A 251 -17.28 -17.73 2.91
C THR A 251 -16.40 -16.55 2.56
N ASP A 252 -15.77 -16.61 1.39
CA ASP A 252 -14.99 -15.52 0.85
C ASP A 252 -15.62 -15.10 -0.48
N ALA A 253 -15.96 -13.82 -0.58
CA ALA A 253 -16.67 -13.31 -1.75
C ALA A 253 -15.75 -13.06 -2.94
N ASP A 254 -14.48 -13.42 -2.86
CA ASP A 254 -13.57 -13.21 -3.97
C ASP A 254 -13.69 -14.38 -4.96
N GLU A 255 -12.94 -14.27 -6.04
CA GLU A 255 -12.99 -15.23 -7.13
C GLU A 255 -11.80 -16.18 -7.07
N GLY A 256 -11.97 -17.35 -7.67
CA GLY A 256 -10.91 -18.33 -7.78
C GLY A 256 -10.24 -18.61 -6.45
N PRO A 257 -8.91 -18.81 -6.45
CA PRO A 257 -8.21 -19.04 -5.17
C PRO A 257 -8.43 -17.95 -4.14
N ASN A 258 -8.58 -16.69 -4.56
CA ASN A 258 -8.84 -15.63 -3.61
C ASN A 258 -10.10 -15.90 -2.79
N GLY A 259 -11.04 -16.67 -3.35
CA GLY A 259 -12.26 -17.03 -2.65
C GLY A 259 -12.36 -18.50 -2.32
N GLU A 260 -11.23 -19.12 -2.00
CA GLU A 260 -11.16 -20.54 -1.64
C GLU A 260 -10.85 -20.66 -0.15
N VAL A 261 -11.79 -21.22 0.60
CA VAL A 261 -11.65 -21.29 2.05
C VAL A 261 -10.78 -22.49 2.41
N LEU A 262 -9.87 -22.29 3.37
CA LEU A 262 -9.08 -23.37 3.92
C LEU A 262 -9.17 -23.29 5.44
N TYR A 263 -9.58 -24.38 6.07
CA TYR A 263 -9.70 -24.44 7.53
C TYR A 263 -8.48 -25.10 8.16
N SER A 264 -8.17 -24.69 9.38
CA SER A 264 -7.10 -25.31 10.15
C SER A 264 -7.25 -24.88 11.61
N PHE A 265 -6.63 -25.64 12.50
CA PHE A 265 -6.59 -25.25 13.90
C PHE A 265 -5.66 -24.06 14.10
N SER A 266 -6.06 -23.15 14.97
CA SER A 266 -5.28 -21.95 15.21
C SER A 266 -3.90 -22.30 15.76
N SER A 267 -3.03 -21.28 15.76
CA SER A 267 -1.65 -21.45 16.20
C SER A 267 -1.56 -21.72 17.69
N TYR A 268 -2.52 -21.24 18.47
CA TYR A 268 -2.42 -21.23 19.93
C TYR A 268 -3.42 -22.13 20.64
N VAL A 269 -3.84 -23.22 20.00
CA VAL A 269 -4.70 -24.22 20.63
C VAL A 269 -3.79 -25.29 21.21
N PRO A 270 -4.00 -25.73 22.44
CA PRO A 270 -3.04 -26.67 23.03
C PRO A 270 -2.98 -27.98 22.27
N ASP A 271 -1.85 -28.68 22.41
CA ASP A 271 -1.65 -29.95 21.73
C ASP A 271 -2.79 -30.92 22.03
N ARG A 272 -3.06 -31.12 23.33
CA ARG A 272 -4.09 -32.06 23.77
C ARG A 272 -5.35 -31.97 22.92
N VAL A 273 -5.88 -30.76 22.75
CA VAL A 273 -7.04 -30.57 21.90
C VAL A 273 -6.78 -31.11 20.51
N ARG A 274 -5.59 -30.84 19.96
CA ARG A 274 -5.24 -31.37 18.64
C ARG A 274 -5.31 -32.89 18.63
N GLU A 275 -4.93 -33.52 19.74
CA GLU A 275 -5.07 -34.97 19.85
C GLU A 275 -6.54 -35.36 19.86
N LEU A 276 -7.40 -34.53 20.47
CA LEU A 276 -8.78 -34.93 20.74
C LEU A 276 -9.69 -34.75 19.53
N PHE A 277 -9.40 -33.80 18.65
CA PHE A 277 -10.32 -33.45 17.58
C PHE A 277 -9.60 -33.40 16.24
N SER A 278 -10.35 -33.64 15.18
CA SER A 278 -9.85 -33.58 13.81
C SER A 278 -10.76 -32.69 12.99
N ILE A 279 -10.19 -31.68 12.33
CA ILE A 279 -10.92 -30.81 11.42
C ILE A 279 -10.45 -31.11 10.00
N ASP A 280 -11.41 -31.31 9.11
CA ASP A 280 -11.15 -31.53 7.69
C ASP A 280 -10.84 -30.20 7.01
N PRO A 281 -9.69 -30.09 6.34
CA PRO A 281 -9.27 -28.75 5.89
C PRO A 281 -10.21 -28.09 4.91
N LYS A 282 -10.93 -28.88 4.11
CA LYS A 282 -11.75 -28.33 3.04
C LYS A 282 -13.23 -28.24 3.40
N THR A 283 -13.78 -29.22 4.11
CA THR A 283 -15.17 -29.13 4.53
C THR A 283 -15.33 -28.15 5.67
N GLY A 284 -14.43 -28.17 6.64
CA GLY A 284 -14.63 -27.48 7.90
C GLY A 284 -15.32 -28.31 8.95
N LEU A 285 -15.25 -29.64 8.84
CA LEU A 285 -15.94 -30.54 9.75
C LEU A 285 -15.00 -30.91 10.90
N ILE A 286 -15.44 -30.66 12.12
CA ILE A 286 -14.71 -31.02 13.33
C ILE A 286 -15.40 -32.24 13.93
N ARG A 287 -14.61 -33.30 14.13
CA ARG A 287 -15.09 -34.60 14.59
C ARG A 287 -14.16 -35.12 15.67
N VAL A 288 -14.69 -36.06 16.46
CA VAL A 288 -13.95 -36.59 17.60
C VAL A 288 -12.83 -37.49 17.12
N LYS A 289 -11.67 -37.36 17.77
CA LYS A 289 -10.48 -38.15 17.47
C LYS A 289 -9.95 -38.94 18.65
N GLY A 290 -10.37 -38.61 19.87
CA GLY A 290 -9.95 -39.35 21.05
C GLY A 290 -11.08 -39.43 22.06
N ASN A 291 -10.83 -40.17 23.14
CA ASN A 291 -11.83 -40.35 24.18
C ASN A 291 -11.91 -39.09 25.02
N LEU A 292 -13.12 -38.52 25.12
CA LEU A 292 -13.33 -37.26 25.82
C LEU A 292 -13.71 -37.55 27.26
N ASP A 293 -12.74 -37.47 28.16
CA ASP A 293 -12.96 -37.76 29.57
C ASP A 293 -13.42 -36.50 30.29
N TYR A 294 -14.63 -36.53 30.85
CA TYR A 294 -15.11 -35.39 31.62
C TYR A 294 -14.19 -35.10 32.79
N GLU A 295 -13.72 -36.15 33.48
CA GLU A 295 -12.88 -35.95 34.65
C GLU A 295 -11.52 -35.36 34.29
N GLU A 296 -11.07 -35.51 33.04
CA GLU A 296 -9.86 -34.83 32.61
C GLU A 296 -10.10 -33.34 32.45
N ASN A 297 -11.16 -32.97 31.72
CA ASN A 297 -11.45 -31.56 31.47
C ASN A 297 -12.94 -31.42 31.19
N GLY A 298 -13.59 -30.54 31.93
CA GLY A 298 -15.03 -30.37 31.79
C GLY A 298 -15.43 -29.85 30.41
N MET A 299 -14.75 -28.80 29.96
CA MET A 299 -15.01 -28.22 28.65
C MET A 299 -13.71 -27.73 28.03
N LEU A 300 -13.70 -27.71 26.70
CA LEU A 300 -12.52 -27.41 25.91
C LEU A 300 -12.85 -26.30 24.91
N GLU A 301 -11.80 -25.64 24.41
CA GLU A 301 -11.95 -24.60 23.41
C GLU A 301 -11.17 -24.99 22.17
N ILE A 302 -11.83 -24.95 21.02
CA ILE A 302 -11.25 -25.26 19.72
C ILE A 302 -11.27 -23.98 18.90
N ASP A 303 -10.10 -23.38 18.70
CA ASP A 303 -9.99 -22.11 17.98
C ASP A 303 -9.60 -22.41 16.53
N VAL A 304 -10.56 -22.30 15.64
CA VAL A 304 -10.38 -22.58 14.22
C VAL A 304 -10.02 -21.28 13.50
N GLN A 305 -9.33 -21.42 12.38
CA GLN A 305 -9.07 -20.30 11.50
C GLN A 305 -9.27 -20.72 10.05
N ALA A 306 -9.82 -19.80 9.27
CA ALA A 306 -10.07 -19.99 7.84
C ALA A 306 -9.31 -18.92 7.07
N ARG A 307 -8.65 -19.33 6.00
CA ARG A 307 -7.85 -18.41 5.21
C ARG A 307 -8.07 -18.70 3.74
N ASP A 308 -8.08 -17.66 2.92
CA ASP A 308 -8.22 -17.86 1.48
C ASP A 308 -6.88 -18.24 0.86
N LEU A 309 -6.95 -18.90 -0.30
CA LEU A 309 -5.78 -19.43 -0.97
C LEU A 309 -5.17 -18.43 -1.96
N GLY A 310 -5.45 -17.15 -1.81
CA GLY A 310 -4.82 -16.12 -2.60
C GLY A 310 -3.54 -15.64 -1.97
N PRO A 311 -2.89 -14.65 -2.59
CA PRO A 311 -1.69 -14.07 -1.99
C PRO A 311 -2.05 -13.10 -0.88
N ASN A 312 -1.07 -12.86 0.00
CA ASN A 312 -1.27 -12.11 1.23
C ASN A 312 -2.62 -12.50 1.83
N PRO A 313 -2.81 -13.79 2.16
CA PRO A 313 -4.14 -14.27 2.53
C PRO A 313 -4.64 -13.64 3.82
N ILE A 314 -5.95 -13.51 3.91
CA ILE A 314 -6.61 -12.83 5.01
C ILE A 314 -7.17 -13.88 5.95
N PRO A 315 -6.68 -13.99 7.18
CA PRO A 315 -7.19 -15.02 8.09
C PRO A 315 -8.47 -14.56 8.79
N ALA A 316 -9.16 -15.54 9.38
CA ALA A 316 -10.40 -15.29 10.11
C ALA A 316 -10.53 -16.34 11.21
N HIS A 317 -10.93 -15.89 12.39
CA HIS A 317 -10.92 -16.74 13.58
C HIS A 317 -12.34 -17.07 14.02
N CYS A 318 -12.54 -18.32 14.44
CA CYS A 318 -13.78 -18.78 15.03
C CYS A 318 -13.46 -19.64 16.23
N LYS A 319 -14.44 -19.83 17.11
CA LYS A 319 -14.17 -20.46 18.40
C LYS A 319 -15.33 -21.37 18.79
N VAL A 320 -15.05 -22.66 18.92
CA VAL A 320 -16.04 -23.69 19.23
C VAL A 320 -15.72 -24.22 20.62
N THR A 321 -16.60 -23.95 21.59
CA THR A 321 -16.47 -24.49 22.94
C THR A 321 -17.22 -25.81 23.04
N VAL A 322 -16.49 -26.87 23.35
CA VAL A 322 -17.08 -28.19 23.57
C VAL A 322 -17.33 -28.37 25.06
N LYS A 323 -18.60 -28.50 25.42
CA LYS A 323 -19.03 -28.72 26.79
C LYS A 323 -19.35 -30.20 26.97
N LEU A 324 -18.66 -30.84 27.93
CA LEU A 324 -18.85 -32.26 28.15
C LEU A 324 -19.94 -32.52 29.18
N ILE A 325 -20.54 -33.70 29.08
CA ILE A 325 -21.56 -34.17 30.01
C ILE A 325 -20.97 -35.36 30.76
N ASP A 326 -21.07 -35.34 32.09
CA ASP A 326 -20.47 -36.38 32.91
C ASP A 326 -21.36 -37.63 32.93
N ARG A 327 -20.74 -38.78 32.68
CA ARG A 327 -21.37 -40.07 32.84
C ARG A 327 -20.74 -40.81 34.02
N ASN A 328 -21.53 -41.64 34.69
CA ASN A 328 -21.04 -42.44 35.80
C ASN A 328 -20.10 -43.52 35.27
N ASP A 329 -18.83 -43.12 35.07
CA ASP A 329 -17.81 -44.03 34.56
C ASP A 329 -16.68 -44.24 35.57
N ASN A 330 -16.91 -43.93 36.84
CA ASN A 330 -15.93 -44.17 37.89
C ASN A 330 -16.65 -44.82 39.08
N ALA A 331 -16.33 -46.09 39.33
CA ALA A 331 -16.82 -46.75 40.52
C ALA A 331 -16.18 -46.14 41.76
N PRO A 332 -16.81 -46.26 42.92
CA PRO A 332 -16.24 -45.66 44.13
C PRO A 332 -15.06 -46.48 44.66
N SER A 333 -14.05 -45.76 45.14
CA SER A 333 -12.84 -46.37 45.65
C SER A 333 -12.78 -46.23 47.17
N ILE A 334 -12.25 -47.27 47.83
CA ILE A 334 -12.18 -47.35 49.28
C ILE A 334 -10.72 -47.46 49.69
N GLY A 335 -10.34 -46.72 50.72
CA GLY A 335 -8.95 -46.71 51.17
C GLY A 335 -8.80 -46.58 52.67
N PHE A 336 -8.05 -47.51 53.28
CA PHE A 336 -7.87 -47.51 54.73
C PHE A 336 -6.78 -46.53 55.14
N VAL A 337 -7.15 -45.53 55.93
CA VAL A 337 -6.19 -44.60 56.51
C VAL A 337 -5.46 -45.25 57.68
N SER A 338 -6.18 -45.97 58.53
CA SER A 338 -5.59 -46.62 59.70
C SER A 338 -6.50 -47.77 60.11
N VAL A 339 -5.88 -48.87 60.55
CA VAL A 339 -6.62 -50.08 60.94
C VAL A 339 -6.14 -50.58 62.30
N ARG A 340 -5.45 -49.75 63.07
CA ARG A 340 -5.05 -50.17 64.42
C ARG A 340 -4.26 -51.48 64.34
N GLN A 341 -4.45 -52.38 65.30
CA GLN A 341 -3.79 -53.67 65.32
C GLN A 341 -4.73 -54.69 64.71
N GLY A 342 -4.27 -55.92 64.62
CA GLY A 342 -5.13 -56.96 64.12
C GLY A 342 -5.91 -57.63 65.22
N ALA A 343 -6.00 -57.01 66.40
CA ALA A 343 -6.59 -57.68 67.55
C ALA A 343 -7.09 -56.66 68.56
N LEU A 344 -8.40 -56.65 68.80
CA LEU A 344 -9.07 -55.75 69.73
C LEU A 344 -9.18 -56.39 71.12
N SER A 345 -9.60 -55.59 72.11
CA SER A 345 -9.81 -56.08 73.46
C SER A 345 -11.14 -56.82 73.58
N GLU A 346 -11.13 -57.91 74.35
CA GLU A 346 -12.33 -58.71 74.53
C GLU A 346 -13.51 -57.87 75.02
N ALA A 347 -13.27 -57.01 76.01
CA ALA A 347 -14.35 -56.18 76.55
C ALA A 347 -14.18 -54.74 76.08
N ALA A 348 -14.08 -54.53 74.77
CA ALA A 348 -14.00 -53.17 74.24
C ALA A 348 -15.36 -52.51 74.26
N PRO A 349 -15.49 -51.31 74.84
CA PRO A 349 -16.81 -50.72 74.98
C PRO A 349 -17.43 -50.43 73.62
N PRO A 350 -18.76 -50.52 73.52
CA PRO A 350 -19.43 -50.16 72.26
C PRO A 350 -19.00 -48.80 71.74
N GLY A 351 -18.53 -48.76 70.50
CA GLY A 351 -18.04 -47.53 69.91
C GLY A 351 -16.53 -47.43 69.82
N THR A 352 -15.80 -48.45 70.28
CA THR A 352 -14.36 -48.44 70.13
C THR A 352 -13.98 -48.30 68.66
N VAL A 353 -13.11 -47.34 68.38
CA VAL A 353 -12.67 -47.13 67.01
C VAL A 353 -11.76 -48.27 66.60
N ILE A 354 -12.01 -48.83 65.41
CA ILE A 354 -11.22 -49.93 64.90
C ILE A 354 -10.41 -49.55 63.66
N ALA A 355 -10.89 -48.61 62.86
CA ALA A 355 -10.15 -48.17 61.68
C ALA A 355 -10.79 -46.90 61.16
N LEU A 356 -9.99 -46.14 60.42
CA LEU A 356 -10.45 -44.96 59.68
C LEU A 356 -10.36 -45.28 58.20
N VAL A 357 -11.40 -44.94 57.44
CA VAL A 357 -11.45 -45.25 56.02
C VAL A 357 -11.93 -44.01 55.27
N ARG A 358 -11.55 -43.94 54.00
CA ARG A 358 -12.00 -42.89 53.10
C ARG A 358 -12.61 -43.53 51.87
N VAL A 359 -13.74 -42.98 51.41
CA VAL A 359 -14.36 -43.38 50.15
C VAL A 359 -14.35 -42.19 49.21
N THR A 360 -14.24 -42.47 47.92
CA THR A 360 -14.16 -41.40 46.93
C THR A 360 -14.80 -41.86 45.63
N ASP A 361 -15.15 -40.89 44.79
CA ASP A 361 -15.66 -41.17 43.46
C ASP A 361 -15.26 -40.03 42.55
N ARG A 362 -14.53 -40.34 41.48
CA ARG A 362 -14.03 -39.29 40.59
C ARG A 362 -15.15 -38.63 39.80
N ASP A 363 -16.32 -39.25 39.72
CA ASP A 363 -17.44 -38.64 39.03
C ASP A 363 -17.96 -37.45 39.82
N SER A 364 -18.91 -36.73 39.22
CA SER A 364 -19.52 -35.55 39.81
C SER A 364 -21.02 -35.72 39.84
N GLY A 365 -21.66 -34.97 40.75
CA GLY A 365 -23.10 -35.04 40.88
C GLY A 365 -23.56 -36.33 41.53
N LYS A 366 -24.77 -36.76 41.17
CA LYS A 366 -25.29 -38.02 41.68
C LYS A 366 -24.38 -39.19 41.34
N ASN A 367 -23.71 -39.14 40.19
CA ASN A 367 -22.80 -40.21 39.83
C ASN A 367 -21.69 -40.37 40.85
N GLY A 368 -21.35 -39.29 41.56
CA GLY A 368 -20.33 -39.33 42.59
C GLY A 368 -20.86 -39.24 44.00
N GLN A 369 -22.17 -39.44 44.17
CA GLN A 369 -22.79 -39.44 45.49
C GLN A 369 -22.75 -40.84 46.07
N LEU A 370 -22.10 -40.99 47.22
CA LEU A 370 -21.81 -42.29 47.80
C LEU A 370 -22.72 -42.60 48.98
N GLN A 371 -22.90 -43.91 49.21
CA GLN A 371 -23.50 -44.46 50.41
C GLN A 371 -22.74 -45.74 50.77
N CYS A 372 -22.30 -45.84 52.02
CA CYS A 372 -21.45 -46.94 52.45
C CYS A 372 -22.06 -47.69 53.63
N ARG A 373 -21.71 -48.97 53.74
CA ARG A 373 -22.19 -49.79 54.86
C ARG A 373 -21.24 -50.97 55.07
N VAL A 374 -21.26 -51.51 56.29
CA VAL A 374 -20.48 -52.68 56.66
C VAL A 374 -21.28 -53.96 56.42
N LEU A 375 -20.56 -55.06 56.19
CA LEU A 375 -21.20 -56.33 55.87
C LEU A 375 -22.28 -56.65 56.88
N GLY A 376 -21.96 -56.54 58.17
CA GLY A 376 -22.90 -56.83 59.24
C GLY A 376 -23.32 -55.59 59.98
N GLY A 377 -24.45 -55.65 60.67
CA GLY A 377 -24.97 -54.51 61.42
C GLY A 377 -24.91 -53.20 60.65
N VAL A 393 -22.23 -59.17 62.08
CA VAL A 393 -21.04 -58.89 62.86
C VAL A 393 -21.13 -57.50 63.52
N PRO A 394 -20.24 -57.25 64.63
CA PRO A 394 -20.38 -56.05 65.49
C PRO A 394 -19.59 -54.83 65.04
N PHE A 395 -19.98 -54.22 63.93
CA PHE A 395 -19.26 -53.02 63.52
C PHE A 395 -20.21 -52.06 62.83
N LYS A 396 -20.07 -50.78 63.14
CA LYS A 396 -20.82 -49.72 62.49
C LYS A 396 -19.86 -48.90 61.63
N LEU A 397 -20.41 -48.21 60.65
CA LEU A 397 -19.70 -47.20 59.90
C LEU A 397 -20.29 -45.85 60.26
N GLU A 398 -19.44 -44.93 60.70
CA GLU A 398 -19.87 -43.62 61.18
C GLU A 398 -19.14 -42.54 60.41
N GLU A 399 -19.87 -41.81 59.57
CA GLU A 399 -19.27 -40.76 58.74
C GLU A 399 -19.08 -39.51 59.59
N ASN A 400 -17.83 -39.08 59.70
CA ASN A 400 -17.47 -37.91 60.50
C ASN A 400 -17.24 -36.68 59.65
N TYR A 401 -16.47 -36.79 58.57
CA TYR A 401 -16.14 -35.61 57.78
C TYR A 401 -16.50 -35.89 56.33
N ASP A 402 -16.36 -34.86 55.48
CA ASP A 402 -16.56 -35.05 54.06
C ASP A 402 -15.78 -36.26 53.56
N ASN A 403 -16.51 -37.32 53.18
CA ASN A 403 -15.91 -38.54 52.65
C ASN A 403 -14.97 -39.21 53.65
N PHE A 404 -15.25 -39.08 54.95
CA PHE A 404 -14.43 -39.71 55.98
C PHE A 404 -15.31 -40.37 57.02
N TYR A 405 -15.10 -41.69 57.17
CA TYR A 405 -15.89 -42.61 57.98
C TYR A 405 -15.01 -43.31 58.99
N THR A 406 -15.55 -43.58 60.17
CA THR A 406 -14.87 -44.36 61.21
C THR A 406 -15.64 -45.64 61.45
N VAL A 407 -14.98 -46.78 61.26
CA VAL A 407 -15.57 -48.07 61.58
C VAL A 407 -15.28 -48.36 63.05
N VAL A 408 -16.34 -48.49 63.84
CA VAL A 408 -16.23 -48.68 65.27
C VAL A 408 -16.95 -49.97 65.64
N THR A 409 -16.84 -50.34 66.90
CA THR A 409 -17.51 -51.53 67.41
C THR A 409 -18.98 -51.22 67.59
N ASP A 410 -19.83 -52.21 67.30
CA ASP A 410 -21.27 -51.98 67.27
C ASP A 410 -21.87 -52.03 68.67
N ARG A 411 -21.57 -53.08 69.43
CA ARG A 411 -22.16 -53.33 70.73
C ARG A 411 -21.13 -54.01 71.64
N PRO A 412 -21.48 -54.35 72.88
CA PRO A 412 -20.53 -55.09 73.73
C PRO A 412 -20.10 -56.44 73.16
N LEU A 413 -18.82 -56.75 73.36
CA LEU A 413 -18.18 -57.96 72.84
C LEU A 413 -18.26 -59.08 73.87
N ASP A 414 -19.26 -59.93 73.74
CA ASP A 414 -19.33 -61.19 74.46
C ASP A 414 -20.45 -62.01 73.83
N ARG A 415 -20.61 -63.24 74.30
CA ARG A 415 -21.63 -64.14 73.81
C ARG A 415 -21.57 -64.25 72.29
N GLU A 416 -20.44 -64.74 71.79
CA GLU A 416 -20.26 -64.89 70.36
C GLU A 416 -19.23 -65.97 70.08
N THR A 417 -19.40 -66.63 68.94
CA THR A 417 -18.57 -67.76 68.51
C THR A 417 -17.49 -67.34 67.51
N GLN A 418 -17.05 -66.09 67.56
CA GLN A 418 -16.03 -65.57 66.66
C GLN A 418 -14.78 -65.13 67.42
N ASP A 419 -13.62 -65.43 66.83
CA ASP A 419 -12.32 -65.01 67.35
C ASP A 419 -11.71 -63.93 66.47
N GLU A 420 -11.70 -64.13 65.16
CA GLU A 420 -11.32 -63.13 64.18
C GLU A 420 -12.51 -62.81 63.29
N TYR A 421 -12.50 -61.60 62.76
CA TYR A 421 -13.55 -61.09 61.89
C TYR A 421 -12.94 -60.66 60.56
N ASN A 422 -13.62 -61.05 59.48
CA ASN A 422 -13.29 -60.60 58.12
C ASN A 422 -14.28 -59.48 57.76
N VAL A 423 -13.95 -58.28 58.23
CA VAL A 423 -14.81 -57.12 57.99
C VAL A 423 -14.71 -56.72 56.52
N THR A 424 -15.86 -56.42 55.91
CA THR A 424 -15.91 -56.01 54.51
C THR A 424 -16.78 -54.77 54.40
N ILE A 425 -16.22 -53.70 53.82
CA ILE A 425 -16.93 -52.45 53.61
C ILE A 425 -17.47 -52.44 52.19
N VAL A 426 -18.63 -51.81 52.01
CA VAL A 426 -19.28 -51.66 50.71
C VAL A 426 -19.57 -50.19 50.48
N ALA A 427 -19.16 -49.67 49.33
CA ALA A 427 -19.52 -48.34 48.87
C ALA A 427 -20.35 -48.45 47.60
N ARG A 428 -21.34 -47.58 47.47
CA ARG A 428 -22.31 -47.63 46.37
C ARG A 428 -22.60 -46.20 45.92
N ASP A 429 -22.34 -45.91 44.65
CA ASP A 429 -22.58 -44.58 44.13
C ASP A 429 -24.02 -44.45 43.63
N GLY A 430 -24.42 -43.20 43.33
CA GLY A 430 -25.77 -42.92 42.89
C GLY A 430 -25.89 -42.69 41.41
N GLY A 431 -25.30 -43.59 40.61
CA GLY A 431 -25.32 -43.46 39.17
C GLY A 431 -26.53 -44.14 38.54
N SER A 432 -26.57 -44.06 37.21
CA SER A 432 -27.65 -44.67 36.42
C SER A 432 -27.10 -45.43 35.22
N PRO A 433 -26.77 -46.73 35.39
CA PRO A 433 -26.94 -47.51 36.62
C PRO A 433 -25.86 -47.20 37.66
N PRO A 434 -26.12 -47.54 38.91
CA PRO A 434 -25.13 -47.27 39.96
C PRO A 434 -23.97 -48.27 39.90
N LEU A 435 -22.92 -47.94 40.67
CA LEU A 435 -21.73 -48.76 40.77
C LEU A 435 -21.36 -48.93 42.23
N ASN A 436 -20.80 -50.09 42.56
CA ASN A 436 -20.42 -50.41 43.92
C ASN A 436 -19.09 -51.14 43.95
N SER A 437 -18.34 -50.90 45.02
CA SER A 437 -17.07 -51.56 45.25
C SER A 437 -17.00 -51.97 46.72
N THR A 438 -16.20 -53.01 46.99
CA THR A 438 -16.07 -53.56 48.32
C THR A 438 -14.61 -53.70 48.67
N LYS A 439 -14.31 -53.80 49.97
CA LYS A 439 -12.93 -53.94 50.40
C LYS A 439 -12.90 -54.48 51.82
N SER A 440 -12.05 -55.46 52.06
CA SER A 440 -12.07 -56.20 53.32
C SER A 440 -10.76 -56.05 54.07
N PHE A 441 -10.86 -56.21 55.39
CA PHE A 441 -9.71 -56.27 56.28
C PHE A 441 -10.09 -57.15 57.46
N ALA A 442 -9.10 -57.75 58.10
CA ALA A 442 -9.33 -58.71 59.17
C ALA A 442 -8.83 -58.17 60.50
N ILE A 443 -9.55 -58.49 61.58
CA ILE A 443 -9.18 -58.07 62.93
C ILE A 443 -9.48 -59.21 63.88
N LYS A 444 -8.75 -59.26 64.99
CA LYS A 444 -8.83 -60.36 65.95
C LYS A 444 -9.26 -59.82 67.31
N ILE A 445 -9.65 -60.74 68.20
CA ILE A 445 -9.90 -60.41 69.60
C ILE A 445 -8.80 -61.04 70.44
N LEU A 446 -8.28 -60.28 71.41
CA LEU A 446 -7.25 -60.77 72.31
C LEU A 446 -7.87 -61.40 73.56
N LEU B 1 -19.35 -37.79 67.23
CA LEU B 1 -19.21 -36.39 66.73
C LEU B 1 -19.50 -36.32 65.23
N LYS B 2 -20.78 -36.31 64.84
CA LYS B 2 -21.15 -36.17 63.44
C LYS B 2 -21.34 -34.71 63.08
N ASN B 3 -20.66 -34.28 62.02
CA ASN B 3 -20.79 -32.95 61.43
C ASN B 3 -21.88 -32.89 60.37
N LEU B 4 -22.32 -31.66 60.08
CA LEU B 4 -23.37 -31.39 59.10
C LEU B 4 -22.89 -30.44 58.02
N ASN B 5 -23.20 -30.78 56.77
CA ASN B 5 -22.82 -30.00 55.59
C ASN B 5 -24.09 -29.57 54.87
N TYR B 6 -24.34 -28.26 54.82
CA TYR B 6 -25.46 -27.69 54.10
C TYR B 6 -24.97 -26.97 52.85
N SER B 7 -25.91 -26.68 51.95
CA SER B 7 -25.63 -25.87 50.78
C SER B 7 -26.91 -25.15 50.38
N VAL B 8 -26.80 -23.84 50.18
CA VAL B 8 -27.99 -22.98 50.09
C VAL B 8 -27.76 -21.92 49.02
N PRO B 9 -28.77 -21.56 48.22
CA PRO B 9 -28.60 -20.48 47.25
C PRO B 9 -28.32 -19.15 47.93
N GLU B 10 -27.69 -18.25 47.18
CA GLU B 10 -27.47 -16.90 47.67
C GLU B 10 -28.78 -16.11 47.66
N GLU B 11 -28.71 -14.85 48.06
CA GLU B 11 -29.87 -13.97 48.11
C GLU B 11 -31.05 -14.65 48.80
N GLN B 12 -30.76 -15.39 49.86
CA GLN B 12 -31.82 -15.98 50.67
C GLN B 12 -32.61 -14.88 51.37
N GLY B 13 -33.88 -15.18 51.64
CA GLY B 13 -34.69 -14.24 52.40
C GLY B 13 -34.19 -14.14 53.84
N ALA B 14 -34.15 -12.91 54.34
CA ALA B 14 -33.70 -12.69 55.72
C ALA B 14 -34.61 -13.47 56.67
N GLY B 15 -33.98 -14.21 57.59
CA GLY B 15 -34.72 -15.09 58.48
C GLY B 15 -35.13 -16.40 57.85
N THR B 16 -34.44 -16.83 56.81
CA THR B 16 -34.68 -18.15 56.23
C THR B 16 -34.01 -19.22 57.07
N VAL B 17 -34.75 -20.30 57.31
CA VAL B 17 -34.21 -21.43 58.08
C VAL B 17 -33.32 -22.25 57.16
N ILE B 18 -32.04 -22.34 57.50
CA ILE B 18 -31.11 -23.17 56.73
C ILE B 18 -31.14 -24.61 57.21
N GLY B 19 -31.08 -24.84 58.52
CA GLY B 19 -30.96 -26.20 59.00
C GLY B 19 -31.60 -26.40 60.36
N ASN B 20 -31.68 -27.67 60.74
CA ASN B 20 -32.17 -28.10 62.04
C ASN B 20 -31.09 -28.97 62.67
N ILE B 21 -30.26 -28.37 63.53
CA ILE B 21 -29.14 -29.10 64.11
C ILE B 21 -29.65 -30.25 64.97
N GLY B 22 -30.60 -29.97 65.86
CA GLY B 22 -31.08 -31.01 66.76
C GLY B 22 -31.51 -32.27 66.04
N ARG B 23 -32.33 -32.11 65.00
CA ARG B 23 -32.84 -33.27 64.27
C ARG B 23 -31.77 -33.89 63.37
N ASP B 24 -30.98 -33.06 62.68
CA ASP B 24 -30.02 -33.59 61.73
C ASP B 24 -28.90 -34.35 62.43
N ALA B 25 -28.45 -33.84 63.58
CA ALA B 25 -27.38 -34.47 64.33
C ALA B 25 -27.89 -35.48 65.36
N ARG B 26 -29.21 -35.59 65.55
CA ARG B 26 -29.78 -36.62 66.41
C ARG B 26 -29.41 -36.39 67.87
N LEU B 27 -29.67 -35.17 68.35
CA LEU B 27 -29.30 -34.77 69.70
C LEU B 27 -30.55 -34.36 70.47
N GLN B 28 -30.38 -34.00 71.73
CA GLN B 28 -31.49 -33.59 72.56
C GLN B 28 -31.29 -32.15 73.04
N PRO B 29 -32.35 -31.32 73.04
CA PRO B 29 -32.23 -30.03 73.72
C PRO B 29 -32.23 -30.15 75.24
N SER B 46 -29.00 -24.54 75.19
CA SER B 46 -29.20 -25.86 74.63
C SER B 46 -28.42 -26.05 73.34
N TYR B 47 -28.15 -24.94 72.66
CA TYR B 47 -27.32 -24.94 71.45
C TYR B 47 -26.49 -23.66 71.47
N ARG B 48 -25.31 -23.73 72.08
CA ARG B 48 -24.42 -22.59 72.18
C ARG B 48 -23.46 -22.50 71.00
N VAL B 49 -23.22 -21.27 70.56
CA VAL B 49 -22.31 -20.97 69.46
C VAL B 49 -21.06 -20.31 70.04
N LEU B 50 -19.90 -20.92 69.86
CA LEU B 50 -18.66 -20.31 70.28
C LEU B 50 -17.64 -20.19 69.16
N GLU B 51 -17.90 -20.76 67.99
CA GLU B 51 -17.07 -20.41 66.84
C GLU B 51 -17.98 -20.32 65.63
N ASN B 52 -17.68 -19.40 64.72
CA ASN B 52 -18.54 -19.27 63.54
C ASN B 52 -17.91 -18.30 62.55
N SER B 53 -18.00 -18.67 61.26
CA SER B 53 -17.38 -17.88 60.21
C SER B 53 -18.00 -16.50 60.10
N ALA B 54 -19.32 -16.45 60.00
CA ALA B 54 -20.04 -15.18 59.84
C ALA B 54 -21.10 -15.06 60.92
N PRO B 55 -20.85 -14.25 61.96
CA PRO B 55 -21.90 -14.04 62.97
C PRO B 55 -23.01 -13.15 62.47
N HIS B 56 -22.69 -12.24 61.56
CA HIS B 56 -23.65 -11.28 61.02
C HIS B 56 -24.55 -11.88 59.94
N LEU B 57 -24.28 -13.11 59.50
CA LEU B 57 -25.03 -13.75 58.44
C LEU B 57 -25.71 -15.03 58.86
N LEU B 58 -25.16 -15.75 59.85
CA LEU B 58 -25.66 -17.03 60.27
C LEU B 58 -25.79 -17.06 61.77
N ASP B 59 -26.87 -17.63 62.28
CA ASP B 59 -26.99 -17.76 63.73
C ASP B 59 -27.90 -18.94 64.05
N VAL B 60 -27.67 -19.53 65.22
CA VAL B 60 -28.46 -20.66 65.71
C VAL B 60 -29.24 -20.19 66.92
N ASP B 61 -30.54 -20.48 66.94
CA ASP B 61 -31.39 -20.14 68.06
C ASP B 61 -31.09 -21.08 69.22
N ALA B 62 -30.79 -20.51 70.39
CA ALA B 62 -30.27 -21.31 71.50
C ALA B 62 -31.20 -22.44 71.89
N ASP B 63 -32.50 -22.18 71.94
CA ASP B 63 -33.44 -23.14 72.53
C ASP B 63 -34.16 -24.01 71.51
N SER B 64 -33.90 -23.85 70.21
CA SER B 64 -34.51 -24.71 69.20
C SER B 64 -33.51 -25.49 68.36
N GLY B 65 -32.26 -25.04 68.27
CA GLY B 65 -31.29 -25.70 67.43
C GLY B 65 -31.47 -25.50 65.94
N LEU B 66 -32.15 -24.44 65.54
CA LEU B 66 -32.35 -24.14 64.12
C LEU B 66 -31.36 -23.10 63.65
N LEU B 67 -30.72 -23.37 62.52
CA LEU B 67 -29.75 -22.50 61.91
C LEU B 67 -30.43 -21.63 60.85
N TYR B 68 -30.37 -20.31 61.06
CA TYR B 68 -31.08 -19.35 60.22
C TYR B 68 -30.13 -18.27 59.72
N THR B 69 -30.56 -17.63 58.62
CA THR B 69 -29.87 -16.51 58.02
C THR B 69 -30.18 -15.23 58.77
N LYS B 70 -29.14 -14.44 59.06
CA LYS B 70 -29.33 -13.16 59.74
C LYS B 70 -29.57 -12.01 58.77
N GLN B 71 -29.00 -12.07 57.57
CA GLN B 71 -29.25 -11.10 56.51
C GLN B 71 -29.23 -11.84 55.19
N ARG B 72 -29.42 -11.10 54.10
CA ARG B 72 -29.22 -11.70 52.79
C ARG B 72 -27.75 -12.07 52.61
N ILE B 73 -27.50 -13.04 51.73
CA ILE B 73 -26.15 -13.52 51.48
C ILE B 73 -25.88 -13.32 49.99
N ASP B 74 -24.92 -12.45 49.67
CA ASP B 74 -24.53 -12.19 48.30
C ASP B 74 -23.22 -12.94 48.03
N ARG B 75 -23.31 -14.04 47.30
CA ARG B 75 -22.11 -14.83 47.02
C ARG B 75 -21.07 -14.01 46.29
N GLU B 76 -21.50 -13.04 45.47
CA GLU B 76 -20.54 -12.22 44.74
C GLU B 76 -19.74 -11.33 45.69
N SER B 77 -20.39 -10.77 46.71
CA SER B 77 -19.69 -9.91 47.65
C SER B 77 -18.77 -10.70 48.57
N LEU B 78 -19.11 -11.97 48.85
CA LEU B 78 -18.29 -12.80 49.71
C LEU B 78 -17.11 -13.39 48.97
N CYS B 79 -17.38 -14.17 47.91
CA CYS B 79 -16.38 -15.04 47.30
C CYS B 79 -16.00 -14.68 45.86
N ARG B 80 -16.51 -13.56 45.33
CA ARG B 80 -16.14 -13.05 44.01
C ARG B 80 -16.45 -14.13 42.98
N HIS B 81 -15.45 -14.69 42.28
CA HIS B 81 -15.62 -15.68 41.23
C HIS B 81 -15.38 -17.10 41.71
N ASN B 82 -15.05 -17.29 42.98
CA ASN B 82 -14.67 -18.61 43.47
C ASN B 82 -15.79 -19.61 43.20
N ALA B 83 -15.41 -20.77 42.64
CA ALA B 83 -16.40 -21.80 42.35
C ALA B 83 -17.02 -22.35 43.63
N LYS B 84 -16.21 -22.56 44.66
CA LYS B 84 -16.69 -23.00 45.96
C LYS B 84 -16.62 -21.84 46.94
N CYS B 85 -17.70 -21.69 47.73
CA CYS B 85 -17.84 -20.58 48.66
C CYS B 85 -18.49 -21.13 49.92
N GLN B 86 -17.72 -21.21 51.01
CA GLN B 86 -18.13 -21.97 52.18
C GLN B 86 -18.06 -21.10 53.43
N LEU B 87 -18.95 -21.40 54.38
CA LEU B 87 -18.98 -20.75 55.68
C LEU B 87 -18.96 -21.82 56.76
N SER B 88 -18.13 -21.60 57.78
CA SER B 88 -17.98 -22.53 58.90
C SER B 88 -18.78 -22.03 60.09
N LEU B 89 -19.12 -22.99 60.96
CA LEU B 89 -19.90 -22.73 62.15
C LEU B 89 -19.66 -23.87 63.12
N GLU B 90 -19.38 -23.53 64.38
CA GLU B 90 -19.07 -24.47 65.45
C GLU B 90 -19.96 -24.17 66.65
N VAL B 91 -20.92 -25.08 66.89
CA VAL B 91 -21.84 -25.01 68.02
C VAL B 91 -21.58 -26.22 68.90
N PHE B 92 -22.08 -26.17 70.13
CA PHE B 92 -22.17 -27.37 70.94
C PHE B 92 -23.55 -27.38 71.56
N ALA B 93 -24.10 -28.57 71.75
CA ALA B 93 -25.49 -28.72 72.16
C ALA B 93 -25.58 -29.34 73.54
N ASN B 94 -26.79 -29.31 74.10
CA ASN B 94 -27.03 -29.69 75.49
C ASN B 94 -26.20 -30.89 75.89
N ASP B 95 -25.52 -30.77 77.03
CA ASP B 95 -24.58 -31.78 77.50
C ASP B 95 -23.39 -31.92 76.57
N LYS B 96 -22.90 -30.79 76.05
CA LYS B 96 -21.53 -30.70 75.55
C LYS B 96 -21.34 -31.56 74.30
N GLU B 97 -22.28 -31.43 73.38
CA GLU B 97 -22.32 -32.25 72.16
C GLU B 97 -21.89 -31.36 70.99
N ILE B 98 -20.59 -31.35 70.71
CA ILE B 98 -20.02 -30.40 69.78
C ILE B 98 -20.40 -30.80 68.36
N CYS B 99 -20.75 -29.80 67.55
CA CYS B 99 -21.12 -29.98 66.15
C CYS B 99 -20.42 -28.95 65.28
N MET B 100 -19.92 -29.42 64.13
CA MET B 100 -19.35 -28.57 63.10
C MET B 100 -20.34 -28.53 61.93
N ILE B 101 -20.93 -27.37 61.73
CA ILE B 101 -21.82 -27.08 60.63
C ILE B 101 -21.00 -26.33 59.60
N LYS B 102 -21.09 -26.75 58.34
CA LYS B 102 -20.42 -26.04 57.26
C LYS B 102 -21.39 -25.95 56.10
N VAL B 103 -21.61 -24.73 55.61
CA VAL B 103 -22.65 -24.46 54.64
C VAL B 103 -22.03 -23.74 53.45
N GLU B 104 -22.23 -24.30 52.26
CA GLU B 104 -21.74 -23.70 51.03
C GLU B 104 -22.82 -22.82 50.45
N ILE B 105 -22.41 -21.70 49.85
CA ILE B 105 -23.34 -20.74 49.25
C ILE B 105 -23.27 -20.89 47.74
N GLN B 106 -24.37 -21.31 47.14
CA GLN B 106 -24.43 -21.53 45.70
C GLN B 106 -24.67 -20.21 44.97
N ASP B 107 -24.11 -20.12 43.77
CA ASP B 107 -24.32 -18.95 42.93
C ASP B 107 -25.66 -19.06 42.21
N ILE B 108 -26.26 -17.90 41.94
CA ILE B 108 -27.41 -17.81 41.06
C ILE B 108 -27.16 -16.65 40.10
N ASN B 109 -27.74 -16.75 38.91
CA ASN B 109 -27.51 -15.75 37.86
C ASN B 109 -28.38 -14.52 38.15
N ASP B 110 -28.00 -13.82 39.22
CA ASP B 110 -28.68 -12.59 39.62
C ASP B 110 -27.94 -11.36 39.13
N ASN B 111 -26.96 -11.52 38.24
CA ASN B 111 -26.25 -10.39 37.65
C ASN B 111 -26.11 -10.61 36.15
N ALA B 112 -26.25 -9.53 35.40
CA ALA B 112 -26.04 -9.51 33.97
C ALA B 112 -24.69 -8.88 33.65
N PRO B 113 -24.12 -9.17 32.48
CA PRO B 113 -22.90 -8.47 32.07
C PRO B 113 -23.15 -6.98 31.93
N SER B 114 -22.10 -6.20 32.18
CA SER B 114 -22.19 -4.75 32.15
C SER B 114 -20.97 -4.16 31.48
N PHE B 115 -21.18 -3.14 30.66
CA PHE B 115 -20.12 -2.41 30.00
C PHE B 115 -19.81 -1.12 30.74
N SER B 116 -18.59 -0.63 30.56
CA SER B 116 -18.14 0.61 31.19
C SER B 116 -18.88 1.83 30.67
N SER B 117 -19.62 1.71 29.57
CA SER B 117 -20.40 2.81 29.03
C SER B 117 -21.57 2.24 28.25
N ASP B 118 -22.43 3.13 27.77
CA ASP B 118 -23.50 2.76 26.86
C ASP B 118 -23.17 3.10 25.41
N GLN B 119 -22.13 3.89 25.18
CA GLN B 119 -21.73 4.26 23.83
C GLN B 119 -20.21 4.41 23.78
N ILE B 120 -19.58 3.79 22.80
CA ILE B 120 -18.21 4.11 22.43
C ILE B 120 -18.26 4.75 21.05
N GLU B 121 -17.26 5.57 20.77
CA GLU B 121 -17.10 6.14 19.44
C GLU B 121 -15.66 5.94 18.99
N MET B 122 -15.48 5.52 17.75
CA MET B 122 -14.16 5.27 17.20
C MET B 122 -14.00 6.02 15.89
N ASP B 123 -12.74 6.20 15.52
CA ASP B 123 -12.35 6.94 14.31
C ASP B 123 -11.58 5.99 13.40
N ILE B 124 -12.25 5.47 12.38
CA ILE B 124 -11.68 4.50 11.44
C ILE B 124 -11.53 5.19 10.08
N SER B 125 -10.32 5.22 9.56
CA SER B 125 -10.10 5.76 8.23
C SER B 125 -10.64 4.78 7.17
N GLU B 126 -11.25 5.35 6.14
CA GLU B 126 -11.85 4.52 5.08
C GLU B 126 -10.83 3.65 4.34
N ASN B 127 -9.54 3.96 4.45
CA ASN B 127 -8.52 3.14 3.78
C ASN B 127 -8.16 1.88 4.57
N ALA B 128 -8.85 1.58 5.66
CA ALA B 128 -8.47 0.46 6.51
C ALA B 128 -8.51 -0.83 5.71
N ALA B 129 -7.38 -1.54 5.70
CA ALA B 129 -7.26 -2.73 4.89
C ALA B 129 -8.24 -3.80 5.38
N PRO B 130 -8.89 -4.53 4.47
CA PRO B 130 -9.74 -5.64 4.91
C PRO B 130 -8.99 -6.61 5.80
N GLY B 131 -9.64 -7.02 6.90
CA GLY B 131 -9.03 -7.88 7.89
C GLY B 131 -8.59 -7.16 9.14
N THR B 132 -8.30 -5.87 9.05
CA THR B 132 -7.83 -5.11 10.21
C THR B 132 -8.82 -5.25 11.36
N ARG B 133 -8.29 -5.30 12.58
CA ARG B 133 -9.10 -5.48 13.77
C ARG B 133 -8.85 -4.36 14.77
N PHE B 134 -9.91 -3.97 15.48
CA PHE B 134 -9.87 -2.80 16.34
C PHE B 134 -10.37 -3.12 17.74
N PRO B 135 -9.68 -2.62 18.78
CA PRO B 135 -10.13 -2.86 20.14
C PRO B 135 -11.60 -2.49 20.38
N LEU B 136 -12.19 -3.16 21.36
CA LEU B 136 -13.51 -2.81 21.88
C LEU B 136 -13.49 -3.08 23.39
N THR B 137 -14.31 -2.32 24.13
CA THR B 137 -14.39 -2.55 25.56
C THR B 137 -15.08 -3.88 25.83
N SER B 138 -14.53 -4.63 26.78
CA SER B 138 -15.14 -5.89 27.19
C SER B 138 -16.14 -5.63 28.31
N ALA B 139 -17.05 -6.59 28.49
CA ALA B 139 -18.03 -6.54 29.56
C ALA B 139 -17.59 -7.41 30.72
N HIS B 140 -18.24 -7.21 31.87
CA HIS B 140 -17.89 -7.93 33.09
C HIS B 140 -19.16 -8.45 33.74
N ASP B 141 -19.16 -9.74 34.08
CA ASP B 141 -20.24 -10.38 34.81
C ASP B 141 -19.69 -10.85 36.15
N PRO B 142 -20.22 -10.40 37.29
CA PRO B 142 -19.66 -10.86 38.57
C PRO B 142 -20.02 -12.30 38.90
N ASP B 143 -21.08 -12.84 38.31
CA ASP B 143 -21.47 -14.21 38.60
C ASP B 143 -20.33 -15.17 38.28
N ALA B 144 -20.40 -16.36 38.87
CA ALA B 144 -19.33 -17.35 38.81
C ALA B 144 -19.75 -18.56 37.98
N GLY B 145 -18.75 -19.22 37.41
CA GLY B 145 -18.97 -20.44 36.64
C GLY B 145 -19.82 -20.21 35.41
N GLU B 146 -20.75 -21.12 35.16
CA GLU B 146 -21.53 -21.06 33.92
C GLU B 146 -22.42 -19.83 33.82
N ASN B 147 -22.64 -19.10 34.91
CA ASN B 147 -23.43 -17.87 34.84
C ASN B 147 -22.60 -16.65 34.44
N GLY B 148 -21.30 -16.81 34.22
CA GLY B 148 -20.46 -15.74 33.76
C GLY B 148 -20.52 -15.57 32.25
N LEU B 149 -19.62 -14.73 31.74
CA LEU B 149 -19.65 -14.35 30.34
C LEU B 149 -19.52 -15.57 29.43
N ARG B 150 -20.44 -15.68 28.47
CA ARG B 150 -20.44 -16.75 27.49
C ARG B 150 -19.82 -16.31 26.17
N THR B 151 -20.43 -15.32 25.50
CA THR B 151 -19.87 -14.86 24.24
C THR B 151 -20.40 -13.47 23.94
N TYR B 152 -19.87 -12.87 22.87
CA TYR B 152 -20.30 -11.59 22.35
C TYR B 152 -21.02 -11.78 21.01
N LEU B 153 -21.87 -10.81 20.68
CA LEU B 153 -22.60 -10.81 19.42
C LEU B 153 -22.71 -9.40 18.87
N LEU B 154 -22.57 -9.27 17.56
CA LEU B 154 -22.71 -7.99 16.88
C LEU B 154 -24.01 -7.93 16.12
N THR B 155 -24.54 -6.72 15.96
CA THR B 155 -25.66 -6.44 15.09
C THR B 155 -25.13 -5.54 13.97
N ARG B 156 -24.63 -6.16 12.90
CA ARG B 156 -24.05 -5.41 11.79
C ARG B 156 -25.17 -4.93 10.89
N ASP B 157 -25.26 -3.62 10.67
CA ASP B 157 -26.38 -3.06 9.93
C ASP B 157 -26.13 -2.95 8.43
N ASP B 158 -24.87 -2.87 7.99
CA ASP B 158 -24.55 -2.60 6.60
C ASP B 158 -24.09 -3.87 5.88
N HIS B 159 -25.00 -4.84 5.83
CA HIS B 159 -24.87 -6.00 4.94
C HIS B 159 -23.47 -6.62 5.03
N GLY B 160 -23.00 -6.80 6.26
CA GLY B 160 -21.73 -7.48 6.48
C GLY B 160 -20.50 -6.65 6.18
N LEU B 161 -20.54 -5.35 6.45
CA LEU B 161 -19.34 -4.54 6.38
C LEU B 161 -18.38 -4.92 7.51
N PHE B 162 -18.92 -5.02 8.72
CA PHE B 162 -18.16 -5.30 9.92
C PHE B 162 -18.43 -6.71 10.43
N GLY B 163 -17.41 -7.31 11.04
CA GLY B 163 -17.54 -8.57 11.72
C GLY B 163 -16.99 -8.45 13.14
N LEU B 164 -17.00 -9.58 13.85
CA LEU B 164 -16.60 -9.62 15.24
C LEU B 164 -15.64 -10.77 15.47
N ASP B 165 -14.55 -10.52 16.19
CA ASP B 165 -13.67 -11.57 16.64
C ASP B 165 -13.71 -11.64 18.16
N VAL B 166 -13.85 -12.87 18.68
CA VAL B 166 -13.95 -13.14 20.11
C VAL B 166 -12.75 -13.99 20.51
N LYS B 167 -12.07 -13.58 21.57
CA LYS B 167 -10.86 -14.27 22.01
C LYS B 167 -10.87 -14.43 23.52
N SER B 168 -10.33 -15.54 23.99
CA SER B 168 -10.34 -15.91 25.41
C SER B 168 -9.14 -15.33 26.14
N ARG B 169 -9.26 -15.32 27.47
CA ARG B 169 -8.23 -14.85 28.38
C ARG B 169 -7.85 -15.94 29.39
N GLY B 170 -6.89 -15.61 30.24
CA GLY B 170 -6.41 -16.59 31.22
C GLY B 170 -7.52 -17.11 32.11
N ASP B 171 -8.40 -16.23 32.58
CA ASP B 171 -9.47 -16.62 33.48
C ASP B 171 -10.58 -17.38 32.76
N GLY B 172 -10.47 -17.60 31.46
CA GLY B 172 -11.57 -18.11 30.68
C GLY B 172 -12.58 -17.06 30.29
N THR B 173 -12.31 -15.79 30.59
CA THR B 173 -13.16 -14.69 30.19
C THR B 173 -12.74 -14.18 28.80
N LYS B 174 -13.69 -13.59 28.09
CA LYS B 174 -13.51 -13.25 26.68
C LYS B 174 -13.49 -11.74 26.51
N PHE B 175 -12.85 -11.28 25.42
CA PHE B 175 -12.86 -9.87 25.06
C PHE B 175 -12.99 -9.76 23.54
N PRO B 176 -13.87 -8.88 23.01
CA PRO B 176 -14.07 -8.84 21.56
C PRO B 176 -13.25 -7.76 20.86
N GLU B 177 -13.22 -7.80 19.53
CA GLU B 177 -12.68 -6.69 18.77
C GLU B 177 -13.27 -6.73 17.35
N LEU B 178 -13.47 -5.53 16.80
CA LEU B 178 -14.13 -5.40 15.50
C LEU B 178 -13.22 -5.86 14.38
N VAL B 179 -13.83 -6.41 13.33
CA VAL B 179 -13.13 -6.79 12.11
C VAL B 179 -13.74 -6.02 10.94
N ILE B 180 -12.89 -5.62 10.00
CA ILE B 180 -13.34 -5.01 8.75
C ILE B 180 -13.28 -6.12 7.70
N GLN B 181 -14.44 -6.71 7.41
CA GLN B 181 -14.47 -7.86 6.51
C GLN B 181 -14.29 -7.44 5.06
N LYS B 182 -14.77 -6.25 4.69
CA LYS B 182 -14.47 -5.68 3.38
C LYS B 182 -14.30 -4.18 3.53
N ALA B 183 -13.69 -3.57 2.53
CA ALA B 183 -13.22 -2.19 2.63
C ALA B 183 -14.35 -1.22 2.96
N LEU B 184 -13.96 -0.05 3.45
CA LEU B 184 -14.85 1.06 3.78
C LEU B 184 -14.72 2.17 2.74
N ASP B 185 -15.74 3.02 2.68
CA ASP B 185 -15.70 4.19 1.80
C ASP B 185 -16.46 5.32 2.47
N ARG B 186 -15.74 6.36 2.88
CA ARG B 186 -16.40 7.53 3.47
C ARG B 186 -17.37 8.17 2.50
N GLU B 187 -16.92 8.40 1.26
CA GLU B 187 -17.75 9.10 0.29
C GLU B 187 -19.04 8.36 -0.04
N GLN B 188 -19.18 7.09 0.35
CA GLN B 188 -20.44 6.39 0.19
C GLN B 188 -21.25 6.33 1.48
N GLN B 189 -20.60 6.32 2.64
CA GLN B 189 -21.31 6.40 3.92
C GLN B 189 -20.35 6.98 4.95
N ASN B 190 -20.71 8.13 5.51
CA ASN B 190 -19.79 8.90 6.35
C ASN B 190 -19.71 8.35 7.77
N HIS B 191 -20.80 7.84 8.30
CA HIS B 191 -20.86 7.33 9.66
C HIS B 191 -21.49 5.96 9.68
N HIS B 192 -21.12 5.14 10.66
CA HIS B 192 -21.85 3.92 10.94
C HIS B 192 -22.13 3.83 12.43
N THR B 193 -23.16 3.07 12.78
CA THR B 193 -23.46 2.76 14.17
C THR B 193 -23.91 1.30 14.24
N LEU B 194 -23.25 0.53 15.10
CA LEU B 194 -23.56 -0.89 15.26
C LEU B 194 -23.50 -1.24 16.73
N VAL B 195 -24.25 -2.27 17.12
CA VAL B 195 -24.46 -2.60 18.53
C VAL B 195 -23.75 -3.89 18.86
N LEU B 196 -22.92 -3.83 19.91
CA LEU B 196 -22.21 -4.99 20.44
C LEU B 196 -22.88 -5.40 21.75
N THR B 197 -23.29 -6.66 21.83
CA THR B 197 -23.93 -7.18 23.03
C THR B 197 -23.06 -8.27 23.63
N ALA B 198 -23.06 -8.33 24.96
CA ALA B 198 -22.38 -9.37 25.71
C ALA B 198 -23.44 -10.25 26.35
N LEU B 199 -23.32 -11.56 26.13
CA LEU B 199 -24.24 -12.56 26.65
C LEU B 199 -23.50 -13.50 27.58
N ASP B 200 -24.12 -13.77 28.73
CA ASP B 200 -23.61 -14.71 29.70
C ASP B 200 -24.34 -16.05 29.57
N GLY B 201 -23.86 -17.03 30.33
CA GLY B 201 -24.50 -18.32 30.37
C GLY B 201 -25.74 -18.27 31.25
N GLY B 202 -25.97 -19.31 32.02
CA GLY B 202 -27.09 -19.32 32.94
C GLY B 202 -28.43 -19.54 32.26
N GLU B 203 -29.35 -20.13 33.00
CA GLU B 203 -30.64 -20.57 32.50
C GLU B 203 -31.53 -19.38 32.18
N PRO B 204 -31.50 -18.33 32.99
CA PRO B 204 -31.98 -17.01 32.52
C PRO B 204 -30.86 -16.27 31.82
N PRO B 205 -30.79 -16.32 30.49
CA PRO B 205 -29.62 -15.72 29.80
C PRO B 205 -29.64 -14.20 29.90
N ARG B 206 -28.64 -13.65 30.58
CA ARG B 206 -28.51 -12.22 30.76
C ARG B 206 -27.64 -11.62 29.66
N SER B 207 -28.01 -10.42 29.21
CA SER B 207 -27.33 -9.75 28.10
C SER B 207 -27.26 -8.25 28.37
N ALA B 208 -26.29 -7.60 27.74
CA ALA B 208 -26.18 -6.15 27.83
C ALA B 208 -25.53 -5.60 26.57
N THR B 209 -26.00 -4.44 26.10
CA THR B 209 -25.61 -3.92 24.80
C THR B 209 -24.87 -2.58 24.94
N VAL B 210 -24.11 -2.25 23.89
CA VAL B 210 -23.42 -0.96 23.78
C VAL B 210 -23.43 -0.55 22.32
N GLN B 211 -23.67 0.74 22.09
CA GLN B 211 -23.59 1.30 20.74
C GLN B 211 -22.16 1.70 20.44
N ILE B 212 -21.69 1.29 19.26
CA ILE B 212 -20.41 1.71 18.70
C ILE B 212 -20.73 2.65 17.55
N ASN B 213 -20.38 3.92 17.71
CA ASN B 213 -20.61 4.94 16.68
C ASN B 213 -19.26 5.23 16.04
N VAL B 214 -19.07 4.75 14.82
CA VAL B 214 -17.77 4.79 14.16
C VAL B 214 -17.82 5.89 13.10
N LYS B 215 -16.90 6.85 13.24
CA LYS B 215 -16.70 7.92 12.29
C LYS B 215 -15.71 7.47 11.22
N VAL B 216 -16.13 7.47 9.96
CA VAL B 216 -15.28 7.04 8.86
C VAL B 216 -14.47 8.25 8.39
N ILE B 217 -13.16 8.20 8.59
CA ILE B 217 -12.30 9.33 8.26
C ILE B 217 -12.00 9.33 6.76
N ASP B 218 -11.69 10.52 6.24
CA ASP B 218 -11.40 10.66 4.82
C ASP B 218 -9.94 10.30 4.54
N SER B 219 -9.72 9.52 3.49
CA SER B 219 -8.42 9.35 2.87
C SER B 219 -8.51 9.90 1.45
N ASN B 220 -7.44 10.56 1.01
CA ASN B 220 -7.44 11.26 -0.27
C ASN B 220 -7.45 10.24 -1.40
N ASP B 221 -8.65 9.72 -1.69
CA ASP B 221 -8.84 8.67 -2.68
C ASP B 221 -9.75 9.11 -3.82
N ASN B 222 -9.77 10.40 -4.15
CA ASN B 222 -10.51 10.89 -5.30
C ASN B 222 -9.73 12.00 -5.99
N SER B 223 -9.52 11.83 -7.29
CA SER B 223 -8.87 12.84 -8.10
C SER B 223 -9.81 13.99 -8.39
N PRO B 224 -9.29 15.20 -8.61
CA PRO B 224 -10.13 16.25 -9.18
C PRO B 224 -10.64 15.84 -10.55
N VAL B 225 -11.71 16.49 -10.99
CA VAL B 225 -12.34 16.15 -12.26
C VAL B 225 -12.81 17.43 -12.93
N PHE B 226 -12.22 17.74 -14.08
CA PHE B 226 -12.70 18.85 -14.89
C PHE B 226 -14.03 18.50 -15.54
N GLU B 227 -14.90 19.50 -15.67
CA GLU B 227 -16.19 19.27 -16.29
C GLU B 227 -16.05 18.58 -17.65
N ALA B 228 -14.99 18.90 -18.39
CA ALA B 228 -14.74 18.28 -19.68
C ALA B 228 -13.24 18.28 -19.94
N PRO B 229 -12.71 17.25 -20.59
CA PRO B 229 -11.25 17.18 -20.77
C PRO B 229 -10.70 18.24 -21.70
N SER B 230 -11.50 18.75 -22.64
CA SER B 230 -10.99 19.69 -23.64
C SER B 230 -12.00 20.78 -23.90
N TYR B 231 -11.49 21.97 -24.22
CA TYR B 231 -12.32 23.11 -24.59
C TYR B 231 -11.68 23.80 -25.80
N LEU B 232 -12.51 24.53 -26.54
CA LEU B 232 -12.05 25.31 -27.69
C LEU B 232 -12.70 26.69 -27.63
N VAL B 233 -11.88 27.73 -27.63
CA VAL B 233 -12.33 29.10 -27.45
C VAL B 233 -11.80 29.94 -28.61
N GLU B 234 -12.68 30.74 -29.22
CA GLU B 234 -12.29 31.68 -30.25
C GLU B 234 -12.08 33.06 -29.62
N LEU B 235 -11.01 33.73 -30.04
CA LEU B 235 -10.77 35.09 -29.60
C LEU B 235 -10.32 35.94 -30.79
N PRO B 236 -10.71 37.22 -30.83
CA PRO B 236 -10.20 38.10 -31.88
C PRO B 236 -8.78 38.55 -31.57
N GLU B 237 -7.92 38.51 -32.58
CA GLU B 237 -6.53 38.89 -32.37
C GLU B 237 -6.46 40.30 -31.78
N ASN B 238 -5.35 40.57 -31.09
CA ASN B 238 -5.16 41.85 -30.42
C ASN B 238 -6.28 42.12 -29.42
N ALA B 239 -6.82 41.07 -28.82
CA ALA B 239 -7.91 41.22 -27.87
C ALA B 239 -7.48 42.09 -26.70
N PRO B 240 -8.40 42.84 -26.10
CA PRO B 240 -8.00 43.78 -25.05
C PRO B 240 -7.57 43.07 -23.78
N LEU B 241 -6.59 43.67 -23.11
CA LEU B 241 -6.04 43.09 -21.89
C LEU B 241 -7.14 42.81 -20.88
N GLY B 242 -7.01 41.68 -20.18
CA GLY B 242 -7.98 41.30 -19.18
C GLY B 242 -9.21 40.58 -19.71
N THR B 243 -9.34 40.43 -21.02
CA THR B 243 -10.47 39.71 -21.58
C THR B 243 -10.52 38.30 -21.03
N VAL B 244 -11.71 37.88 -20.62
CA VAL B 244 -11.89 36.55 -20.02
C VAL B 244 -11.83 35.52 -21.12
N VAL B 245 -10.99 34.50 -20.94
CA VAL B 245 -10.93 33.40 -21.89
C VAL B 245 -11.89 32.28 -21.49
N ILE B 246 -11.79 31.78 -20.27
CA ILE B 246 -12.66 30.68 -19.85
C ILE B 246 -12.59 30.50 -18.34
N ASP B 247 -13.68 30.03 -17.73
CA ASP B 247 -13.70 29.69 -16.32
C ASP B 247 -13.77 28.17 -16.21
N LEU B 248 -12.64 27.54 -15.92
CA LEU B 248 -12.60 26.11 -15.70
C LEU B 248 -13.15 25.76 -14.32
N ASN B 249 -13.74 24.58 -14.22
CA ASN B 249 -14.29 24.10 -12.95
C ASN B 249 -13.91 22.65 -12.76
N ALA B 250 -13.15 22.36 -11.71
CA ALA B 250 -12.78 21.00 -11.35
C ALA B 250 -13.28 20.70 -9.93
N THR B 251 -13.69 19.47 -9.71
CA THR B 251 -14.31 19.08 -8.45
C THR B 251 -13.61 17.84 -7.87
N ASP B 252 -13.35 17.88 -6.57
CA ASP B 252 -12.78 16.75 -5.84
C ASP B 252 -13.79 16.36 -4.75
N ALA B 253 -14.20 15.09 -4.76
CA ALA B 253 -15.23 14.62 -3.85
C ALA B 253 -14.71 14.32 -2.45
N ASP B 254 -13.44 14.60 -2.16
CA ASP B 254 -12.90 14.33 -0.83
C ASP B 254 -13.22 15.49 0.11
N GLU B 255 -12.80 15.34 1.36
CA GLU B 255 -13.10 16.29 2.41
C GLU B 255 -11.88 17.16 2.70
N GLY B 256 -12.14 18.34 3.27
CA GLY B 256 -11.09 19.24 3.68
C GLY B 256 -10.06 19.51 2.59
N PRO B 257 -8.79 19.64 2.94
CA PRO B 257 -7.77 19.85 1.91
C PRO B 257 -7.76 18.76 0.84
N ASN B 258 -8.07 17.52 1.20
CA ASN B 258 -8.11 16.46 0.19
C ASN B 258 -9.08 16.80 -0.93
N GLY B 259 -10.09 17.61 -0.65
CA GLY B 259 -11.04 18.03 -1.66
C GLY B 259 -10.97 19.52 -1.96
N GLU B 260 -9.77 20.11 -1.85
CA GLU B 260 -9.55 21.51 -2.15
C GLU B 260 -8.71 21.59 -3.42
N VAL B 261 -9.31 22.08 -4.49
CA VAL B 261 -8.67 22.11 -5.81
C VAL B 261 -7.83 23.37 -5.95
N LEU B 262 -6.66 23.21 -6.58
CA LEU B 262 -5.78 24.31 -6.95
C LEU B 262 -5.42 24.16 -8.43
N TYR B 263 -5.64 25.23 -9.20
CA TYR B 263 -5.36 25.25 -10.62
C TYR B 263 -3.99 25.88 -10.88
N SER B 264 -3.36 25.45 -11.97
CA SER B 264 -2.11 26.06 -12.40
C SER B 264 -1.83 25.66 -13.83
N PHE B 265 -0.96 26.42 -14.48
CA PHE B 265 -0.51 26.04 -15.81
C PHE B 265 0.36 24.79 -15.72
N SER B 266 0.15 23.87 -16.65
CA SER B 266 0.89 22.62 -16.65
C SER B 266 2.38 22.90 -16.84
N SER B 267 3.19 21.86 -16.60
CA SER B 267 4.62 22.02 -16.69
C SER B 267 5.09 22.30 -18.12
N TYR B 268 4.36 21.80 -19.12
CA TYR B 268 4.84 21.86 -20.50
C TYR B 268 3.95 22.76 -21.37
N VAL B 269 3.45 23.84 -20.81
CA VAL B 269 2.91 24.93 -21.63
C VAL B 269 4.10 25.87 -21.89
N PRO B 270 4.34 26.28 -23.12
CA PRO B 270 5.54 27.10 -23.39
C PRO B 270 5.46 28.45 -22.67
N ASP B 271 6.64 29.03 -22.46
CA ASP B 271 6.70 30.31 -21.76
C ASP B 271 5.81 31.35 -22.41
N ARG B 272 5.95 31.53 -23.73
CA ARG B 272 5.18 32.53 -24.46
C ARG B 272 3.70 32.51 -24.03
N VAL B 273 3.08 31.33 -24.04
CA VAL B 273 1.71 31.21 -23.58
C VAL B 273 1.59 31.77 -22.16
N ARG B 274 2.56 31.45 -21.31
CA ARG B 274 2.54 31.98 -19.94
C ARG B 274 2.52 33.51 -19.96
N GLU B 275 3.24 34.14 -20.90
CA GLU B 275 3.16 35.58 -21.04
C GLU B 275 1.77 36.02 -21.49
N LEU B 276 1.12 35.22 -22.33
CA LEU B 276 -0.11 35.69 -22.98
C LEU B 276 -1.33 35.54 -22.10
N PHE B 277 -1.34 34.60 -21.16
CA PHE B 277 -2.54 34.30 -20.39
C PHE B 277 -2.23 34.25 -18.90
N SER B 278 -3.25 34.53 -18.10
CA SER B 278 -3.17 34.46 -16.65
C SER B 278 -4.33 33.62 -16.13
N ILE B 279 -4.01 32.60 -15.34
CA ILE B 279 -5.02 31.76 -14.68
C ILE B 279 -4.97 32.04 -13.19
N ASP B 280 -6.14 32.28 -12.61
CA ASP B 280 -6.27 32.50 -11.17
C ASP B 280 -6.24 31.16 -10.44
N PRO B 281 -5.35 30.97 -9.46
CA PRO B 281 -5.14 29.62 -8.92
C PRO B 281 -6.38 29.03 -8.27
N LYS B 282 -7.26 29.85 -7.71
CA LYS B 282 -8.40 29.34 -6.94
C LYS B 282 -9.70 29.35 -7.71
N THR B 283 -9.96 30.37 -8.53
CA THR B 283 -11.18 30.38 -9.33
C THR B 283 -11.08 29.39 -10.49
N GLY B 284 -9.93 29.35 -11.16
CA GLY B 284 -9.82 28.67 -12.42
C GLY B 284 -10.12 29.53 -13.63
N LEU B 285 -10.01 30.84 -13.49
CA LEU B 285 -10.34 31.78 -14.56
C LEU B 285 -9.10 32.08 -15.38
N ILE B 286 -9.18 31.85 -16.69
CA ILE B 286 -8.12 32.16 -17.63
C ILE B 286 -8.53 33.41 -18.39
N ARG B 287 -7.65 34.42 -18.36
CA ARG B 287 -7.90 35.72 -18.95
C ARG B 287 -6.67 36.16 -19.72
N VAL B 288 -6.90 37.09 -20.66
CA VAL B 288 -5.83 37.55 -21.54
C VAL B 288 -4.86 38.43 -20.76
N LYS B 289 -3.57 38.26 -21.03
CA LYS B 289 -2.50 39.02 -20.40
C LYS B 289 -1.65 39.80 -21.38
N GLY B 290 -1.69 39.47 -22.67
CA GLY B 290 -0.96 40.19 -23.69
C GLY B 290 -1.76 40.24 -24.99
N ASN B 291 -1.21 40.98 -25.96
CA ASN B 291 -1.88 41.14 -27.24
C ASN B 291 -1.69 39.87 -28.07
N LEU B 292 -2.81 39.29 -28.51
CA LEU B 292 -2.82 38.02 -29.23
C LEU B 292 -2.74 38.31 -30.73
N ASP B 293 -1.55 38.20 -31.28
CA ASP B 293 -1.33 38.51 -32.69
C ASP B 293 -1.61 37.27 -33.54
N TYR B 294 -2.60 37.38 -34.44
CA TYR B 294 -2.91 36.29 -35.34
C TYR B 294 -1.70 35.92 -36.20
N GLU B 295 -0.99 36.94 -36.70
CA GLU B 295 0.16 36.69 -37.57
C GLU B 295 1.32 36.03 -36.81
N GLU B 296 1.35 36.16 -35.48
CA GLU B 296 2.33 35.42 -34.70
C GLU B 296 1.97 33.93 -34.63
N ASN B 297 0.73 33.62 -34.28
CA ASN B 297 0.31 32.24 -34.09
C ASN B 297 -1.19 32.14 -34.28
N GLY B 298 -1.62 31.24 -35.16
CA GLY B 298 -3.04 31.13 -35.46
C GLY B 298 -3.86 30.70 -34.26
N MET B 299 -3.41 29.65 -33.58
CA MET B 299 -4.08 29.15 -32.39
C MET B 299 -3.05 28.63 -31.39
N LEU B 300 -3.43 28.65 -30.12
CA LEU B 300 -2.56 28.32 -29.01
C LEU B 300 -3.22 27.24 -28.16
N GLU B 301 -2.41 26.55 -27.37
CA GLU B 301 -2.90 25.54 -26.44
C GLU B 301 -2.51 25.90 -25.02
N ILE B 302 -3.49 25.91 -24.13
CA ILE B 302 -3.29 26.19 -22.70
C ILE B 302 -3.65 24.91 -21.96
N ASP B 303 -2.63 24.22 -21.44
CA ASP B 303 -2.82 22.95 -20.74
C ASP B 303 -2.84 23.24 -19.25
N VAL B 304 -4.02 23.19 -18.65
CA VAL B 304 -4.21 23.48 -17.24
C VAL B 304 -4.13 22.16 -16.47
N GLN B 305 -3.74 22.26 -15.20
CA GLN B 305 -3.80 21.11 -14.30
C GLN B 305 -4.34 21.54 -12.95
N ALA B 306 -5.12 20.65 -12.35
CA ALA B 306 -5.73 20.85 -11.05
C ALA B 306 -5.27 19.76 -10.09
N ARG B 307 -4.93 20.15 -8.87
CA ARG B 307 -4.48 19.21 -7.85
C ARG B 307 -5.13 19.54 -6.52
N ASP B 308 -5.46 18.51 -5.75
CA ASP B 308 -6.00 18.75 -4.42
C ASP B 308 -4.87 19.03 -3.43
N LEU B 309 -5.20 19.69 -2.34
CA LEU B 309 -4.21 20.11 -1.35
C LEU B 309 -4.00 19.07 -0.25
N GLY B 310 -4.35 17.82 -0.50
CA GLY B 310 -4.06 16.76 0.44
C GLY B 310 -2.68 16.18 0.19
N PRO B 311 -2.31 15.16 0.96
CA PRO B 311 -1.04 14.49 0.72
C PRO B 311 -1.16 13.50 -0.44
N ASN B 312 0.00 13.18 -1.01
CA ASN B 312 0.09 12.40 -2.25
C ASN B 312 -0.97 12.91 -3.22
N PRO B 313 -0.92 14.19 -3.58
CA PRO B 313 -2.03 14.78 -4.35
C PRO B 313 -2.16 14.16 -5.73
N ILE B 314 -3.39 14.14 -6.22
CA ILE B 314 -3.73 13.48 -7.48
C ILE B 314 -3.94 14.58 -8.53
N PRO B 315 -3.12 14.65 -9.57
CA PRO B 315 -3.29 15.71 -10.57
C PRO B 315 -4.32 15.33 -11.60
N ALA B 316 -4.77 16.36 -12.34
CA ALA B 316 -5.77 16.17 -13.39
C ALA B 316 -5.55 17.23 -14.46
N HIS B 317 -5.62 16.82 -15.72
CA HIS B 317 -5.22 17.66 -16.84
C HIS B 317 -6.43 18.06 -17.68
N CYS B 318 -6.40 19.32 -18.15
CA CYS B 318 -7.38 19.83 -19.10
C CYS B 318 -6.63 20.63 -20.16
N LYS B 319 -7.28 20.83 -21.30
CA LYS B 319 -6.63 21.40 -22.47
C LYS B 319 -7.58 22.36 -23.16
N VAL B 320 -7.20 23.64 -23.19
CA VAL B 320 -8.01 24.71 -23.75
C VAL B 320 -7.30 25.24 -24.98
N THR B 321 -7.86 25.00 -26.16
CA THR B 321 -7.33 25.54 -27.41
C THR B 321 -7.97 26.90 -27.69
N VAL B 322 -7.14 27.94 -27.74
CA VAL B 322 -7.59 29.27 -28.11
C VAL B 322 -7.35 29.47 -29.59
N LYS B 323 -8.44 29.65 -30.34
CA LYS B 323 -8.37 29.90 -31.78
C LYS B 323 -8.52 31.40 -32.03
N LEU B 324 -7.55 31.97 -32.75
CA LEU B 324 -7.60 33.40 -33.03
C LEU B 324 -8.32 33.68 -34.34
N ILE B 325 -8.88 34.89 -34.43
CA ILE B 325 -9.55 35.38 -35.62
C ILE B 325 -8.72 36.53 -36.17
N ASP B 326 -8.47 36.53 -37.47
CA ASP B 326 -7.61 37.53 -38.08
C ASP B 326 -8.40 38.81 -38.37
N ARG B 327 -7.83 39.94 -37.94
CA ARG B 327 -8.33 41.25 -38.29
C ARG B 327 -7.33 41.95 -39.20
N ASN B 328 -7.85 42.82 -40.06
CA ASN B 328 -7.00 43.58 -41.00
C ASN B 328 -6.19 44.60 -40.21
N ASP B 329 -5.06 44.15 -39.68
CA ASP B 329 -4.16 45.01 -38.91
C ASP B 329 -2.80 45.13 -39.56
N ASN B 330 -2.68 44.80 -40.84
CA ASN B 330 -1.43 44.94 -41.59
C ASN B 330 -1.74 45.62 -42.91
N ALA B 331 -1.27 46.86 -43.07
CA ALA B 331 -1.36 47.52 -44.36
C ALA B 331 -0.46 46.82 -45.36
N PRO B 332 -0.74 46.94 -46.66
CA PRO B 332 0.11 46.28 -47.65
C PRO B 332 1.42 47.00 -47.84
N SER B 333 2.50 46.23 -48.00
CA SER B 333 3.84 46.75 -48.18
C SER B 333 4.30 46.54 -49.61
N ILE B 334 5.03 47.52 -50.13
CA ILE B 334 5.50 47.54 -51.51
C ILE B 334 7.02 47.55 -51.50
N GLY B 335 7.61 46.74 -52.37
CA GLY B 335 9.06 46.63 -52.44
C GLY B 335 9.57 46.47 -53.86
N PHE B 336 10.51 47.32 -54.27
CA PHE B 336 11.03 47.26 -55.62
C PHE B 336 12.08 46.17 -55.75
N VAL B 337 11.79 45.17 -56.56
CA VAL B 337 12.77 44.13 -56.89
C VAL B 337 13.77 44.67 -57.90
N SER B 338 13.29 45.39 -58.90
CA SER B 338 14.16 45.98 -59.91
C SER B 338 13.44 47.16 -60.55
N VAL B 339 14.21 48.20 -60.84
CA VAL B 339 13.74 49.45 -61.46
C VAL B 339 14.68 49.75 -62.61
N ARG B 340 15.57 48.81 -62.91
CA ARG B 340 16.44 48.94 -64.09
C ARG B 340 17.28 50.20 -63.92
N GLN B 341 17.45 50.99 -64.98
CA GLN B 341 18.20 52.23 -64.92
C GLN B 341 17.25 53.42 -64.78
N GLY B 342 17.84 54.57 -64.46
CA GLY B 342 17.13 55.83 -64.45
C GLY B 342 17.28 56.45 -65.82
N ALA B 343 17.53 55.60 -66.83
CA ALA B 343 17.98 56.01 -68.16
C ALA B 343 17.08 55.36 -69.20
N LEU B 344 15.88 55.91 -69.35
CA LEU B 344 14.89 55.43 -70.30
C LEU B 344 15.11 56.05 -71.67
N SER B 345 14.70 55.33 -72.71
CA SER B 345 14.87 55.77 -74.08
C SER B 345 13.72 56.66 -74.51
N GLU B 346 14.04 57.73 -75.24
CA GLU B 346 13.01 58.64 -75.74
C GLU B 346 11.96 57.88 -76.54
N ALA B 347 12.40 56.99 -77.41
CA ALA B 347 11.49 56.22 -78.26
C ALA B 347 11.37 54.78 -77.78
N ALA B 348 10.99 54.64 -76.51
CA ALA B 348 10.75 53.31 -75.94
C ALA B 348 9.38 52.80 -76.39
N PRO B 349 9.30 51.61 -76.97
CA PRO B 349 8.01 51.13 -77.48
C PRO B 349 7.03 50.92 -76.35
N PRO B 350 5.72 51.15 -76.59
CA PRO B 350 4.72 50.83 -75.56
C PRO B 350 4.87 49.43 -75.02
N GLY B 351 4.99 49.30 -73.70
CA GLY B 351 5.23 48.03 -73.05
C GLY B 351 6.65 47.83 -72.56
N THR B 352 7.53 48.80 -72.75
CA THR B 352 8.88 48.71 -72.21
C THR B 352 8.83 48.51 -70.70
N VAL B 353 9.50 47.46 -70.23
CA VAL B 353 9.53 47.18 -68.79
C VAL B 353 10.42 48.21 -68.11
N ILE B 354 9.93 48.78 -67.01
CA ILE B 354 10.68 49.81 -66.30
C ILE B 354 11.08 49.38 -64.90
N ALA B 355 10.27 48.54 -64.28
CA ALA B 355 10.60 48.09 -62.94
C ALA B 355 9.75 46.87 -62.57
N LEU B 356 10.28 46.09 -61.64
CA LEU B 356 9.59 44.96 -61.05
C LEU B 356 9.32 45.28 -59.58
N VAL B 357 8.10 44.99 -59.12
CA VAL B 357 7.72 45.28 -57.75
C VAL B 357 6.98 44.10 -57.14
N ARG B 358 7.05 44.00 -55.82
CA ARG B 358 6.29 43.05 -55.04
C ARG B 358 5.37 43.82 -54.10
N VAL B 359 4.15 43.31 -53.92
CA VAL B 359 3.27 43.79 -52.87
C VAL B 359 2.96 42.62 -51.96
N THR B 360 2.75 42.90 -50.69
CA THR B 360 2.49 41.85 -49.72
C THR B 360 1.57 42.37 -48.64
N ASP B 361 0.94 41.44 -47.93
CA ASP B 361 0.11 41.77 -46.78
C ASP B 361 0.18 40.61 -45.80
N ARG B 362 0.63 40.90 -44.58
CA ARG B 362 0.82 39.85 -43.60
C ARG B 362 -0.50 39.26 -43.12
N ASP B 363 -1.62 39.95 -43.34
CA ASP B 363 -2.92 39.40 -42.98
C ASP B 363 -3.27 38.23 -43.87
N SER B 364 -4.38 37.58 -43.56
CA SER B 364 -4.87 36.44 -44.31
C SER B 364 -6.29 36.67 -44.78
N GLY B 365 -6.67 35.96 -45.85
CA GLY B 365 -8.00 36.10 -46.39
C GLY B 365 -8.18 37.41 -47.14
N LYS B 366 -9.42 37.91 -47.12
CA LYS B 366 -9.72 39.18 -47.77
C LYS B 366 -8.87 40.31 -47.23
N ASN B 367 -8.54 40.27 -45.93
CA ASN B 367 -7.71 41.31 -45.34
C ASN B 367 -6.34 41.38 -46.00
N GLY B 368 -5.88 40.26 -46.57
CA GLY B 368 -4.60 40.23 -47.25
C GLY B 368 -4.73 40.14 -48.76
N GLN B 369 -5.93 40.41 -49.28
CA GLN B 369 -6.16 40.41 -50.72
C GLN B 369 -5.92 41.80 -51.27
N LEU B 370 -4.98 41.93 -52.19
CA LEU B 370 -4.51 43.22 -52.66
C LEU B 370 -5.06 43.55 -54.04
N GLN B 371 -5.09 44.86 -54.31
CA GLN B 371 -5.37 45.39 -55.63
C GLN B 371 -4.43 46.58 -55.81
N CYS B 372 -3.69 46.58 -56.91
CA CYS B 372 -2.63 47.56 -57.13
C CYS B 372 -2.89 48.35 -58.40
N ARG B 373 -2.32 49.55 -58.43
CA ARG B 373 -2.52 50.46 -59.54
C ARG B 373 -1.31 51.36 -59.65
N VAL B 374 -1.07 51.86 -60.86
CA VAL B 374 -0.15 52.96 -61.05
C VAL B 374 -0.98 54.21 -60.84
N LEU B 375 -0.45 55.15 -60.07
CA LEU B 375 -1.26 56.28 -59.63
C LEU B 375 -1.97 57.00 -60.79
N GLY B 376 -1.33 57.07 -61.97
CA GLY B 376 -1.89 57.88 -63.02
C GLY B 376 -2.70 57.13 -64.07
N GLY B 377 -2.15 56.08 -64.66
CA GLY B 377 -2.85 55.35 -65.69
C GLY B 377 -2.85 53.84 -65.48
N PRO B 394 2.46 58.09 -68.54
CA PRO B 394 2.35 56.87 -69.35
C PRO B 394 2.96 55.64 -68.69
N PHE B 395 2.22 55.03 -67.77
CA PHE B 395 2.68 53.84 -67.07
C PHE B 395 1.51 52.95 -66.68
N LYS B 396 1.74 51.64 -66.76
CA LYS B 396 0.78 50.63 -66.36
C LYS B 396 1.44 49.60 -65.46
N LEU B 397 0.62 48.97 -64.63
CA LEU B 397 1.04 47.89 -63.74
C LEU B 397 0.47 46.58 -64.26
N GLU B 398 1.33 45.58 -64.42
CA GLU B 398 0.95 44.31 -65.02
C GLU B 398 1.32 43.21 -64.04
N GLU B 399 0.31 42.58 -63.42
CA GLU B 399 0.55 41.53 -62.43
C GLU B 399 0.87 40.23 -63.15
N ASN B 400 2.07 39.70 -62.91
CA ASN B 400 2.51 38.48 -63.57
C ASN B 400 2.38 37.26 -62.68
N TYR B 401 2.84 37.33 -61.44
CA TYR B 401 2.87 36.18 -60.54
C TYR B 401 2.18 36.54 -59.24
N ASP B 402 2.01 35.54 -58.37
CA ASP B 402 1.50 35.80 -57.04
C ASP B 402 2.29 36.93 -56.40
N ASN B 403 1.63 38.08 -56.21
CA ASN B 403 2.24 39.25 -55.59
C ASN B 403 3.42 39.78 -56.39
N PHE B 404 3.38 39.63 -57.71
CA PHE B 404 4.47 40.11 -58.58
C PHE B 404 3.91 40.84 -59.78
N TYR B 405 4.28 42.12 -59.88
CA TYR B 405 3.78 43.06 -60.88
C TYR B 405 4.96 43.65 -61.64
N THR B 406 4.77 43.90 -62.94
CA THR B 406 5.76 44.60 -63.75
C THR B 406 5.16 45.91 -64.22
N VAL B 407 5.82 47.02 -63.87
CA VAL B 407 5.40 48.34 -64.33
C VAL B 407 6.07 48.60 -65.67
N VAL B 408 5.25 48.80 -66.70
CA VAL B 408 5.73 48.98 -68.06
C VAL B 408 5.24 50.32 -68.58
N THR B 409 5.71 50.68 -69.77
CA THR B 409 5.30 51.94 -70.39
C THR B 409 3.93 51.81 -71.02
N ASP B 410 3.12 52.86 -70.86
CA ASP B 410 1.75 52.89 -71.33
C ASP B 410 1.64 53.33 -72.79
N ARG B 411 2.32 54.40 -73.16
CA ARG B 411 2.19 54.98 -74.49
C ARG B 411 3.55 55.37 -75.02
N PRO B 412 3.65 55.79 -76.29
CA PRO B 412 4.92 56.33 -76.77
C PRO B 412 5.29 57.57 -75.99
N LEU B 413 6.58 57.69 -75.67
CA LEU B 413 7.04 58.78 -74.82
C LEU B 413 7.52 59.95 -75.68
N ASP B 414 7.78 61.06 -75.00
CA ASP B 414 8.39 62.22 -75.65
C ASP B 414 9.37 62.87 -74.67
N ARG B 415 10.39 63.50 -75.23
CA ARG B 415 11.44 64.11 -74.42
C ARG B 415 11.04 65.50 -73.93
N GLU B 416 10.52 66.35 -74.82
CA GLU B 416 10.23 67.73 -74.48
C GLU B 416 8.86 67.90 -73.85
N THR B 417 8.04 66.85 -73.85
CA THR B 417 6.81 66.89 -73.07
C THR B 417 7.13 66.70 -71.59
N GLN B 418 7.60 65.51 -71.22
CA GLN B 418 8.05 65.24 -69.87
C GLN B 418 9.48 64.71 -69.95
N ASP B 419 10.36 65.24 -69.09
CA ASP B 419 11.75 64.78 -69.08
C ASP B 419 11.96 63.75 -67.97
N GLU B 420 11.49 64.06 -66.77
CA GLU B 420 11.57 63.14 -65.64
C GLU B 420 10.17 62.82 -65.15
N TYR B 421 10.01 61.62 -64.58
CA TYR B 421 8.74 61.14 -64.05
C TYR B 421 8.92 60.74 -62.59
N ASN B 422 7.94 61.12 -61.76
CA ASN B 422 7.87 60.69 -60.36
C ASN B 422 6.74 59.67 -60.27
N VAL B 423 7.05 58.43 -60.64
CA VAL B 423 6.08 57.35 -60.65
C VAL B 423 5.70 56.98 -59.22
N THR B 424 4.41 56.78 -58.98
CA THR B 424 3.90 56.44 -57.66
C THR B 424 2.94 55.27 -57.78
N ILE B 425 3.23 54.18 -57.07
CA ILE B 425 2.39 52.99 -57.05
C ILE B 425 1.50 53.01 -55.82
N VAL B 426 0.29 52.46 -55.96
CA VAL B 426 -0.66 52.36 -54.87
C VAL B 426 -1.12 50.91 -54.74
N ALA B 427 -1.04 50.36 -53.54
CA ALA B 427 -1.60 49.06 -53.20
C ALA B 427 -2.70 49.24 -52.17
N ARG B 428 -3.78 48.48 -52.31
CA ARG B 428 -4.96 48.64 -51.46
C ARG B 428 -5.54 47.26 -51.16
N ASP B 429 -5.62 46.92 -49.88
CA ASP B 429 -6.09 45.60 -49.46
C ASP B 429 -7.62 45.58 -49.34
N GLY B 430 -8.16 44.37 -49.18
CA GLY B 430 -9.60 44.19 -49.10
C GLY B 430 -10.12 43.98 -47.69
N GLY B 431 -9.72 44.85 -46.76
CA GLY B 431 -10.15 44.75 -45.38
C GLY B 431 -11.44 45.51 -45.11
N SER B 432 -11.86 45.46 -43.85
CA SER B 432 -13.07 46.15 -43.41
C SER B 432 -12.82 46.89 -42.08
N PRO B 433 -12.38 48.15 -42.16
CA PRO B 433 -12.15 48.92 -43.39
C PRO B 433 -10.85 48.54 -44.08
N PRO B 434 -10.71 48.88 -45.36
CA PRO B 434 -9.49 48.54 -46.10
C PRO B 434 -8.33 49.46 -45.72
N LEU B 435 -7.15 49.05 -46.17
CA LEU B 435 -5.91 49.80 -45.94
C LEU B 435 -5.16 49.91 -47.25
N ASN B 436 -4.44 51.02 -47.42
CA ASN B 436 -3.71 51.28 -48.65
C ASN B 436 -2.37 51.91 -48.32
N SER B 437 -1.37 51.61 -49.15
CA SER B 437 -0.04 52.18 -49.03
C SER B 437 0.47 52.56 -50.41
N THR B 438 1.39 53.53 -50.44
CA THR B 438 1.91 54.07 -51.68
C THR B 438 3.43 54.08 -51.62
N LYS B 439 4.07 54.15 -52.79
CA LYS B 439 5.52 54.19 -52.85
C LYS B 439 5.98 54.72 -54.20
N SER B 440 6.96 55.61 -54.17
CA SER B 440 7.36 56.38 -55.34
C SER B 440 8.79 56.08 -55.75
N PHE B 441 9.08 56.27 -57.05
CA PHE B 441 10.42 56.24 -57.58
C PHE B 441 10.46 57.15 -58.81
N ALA B 442 11.66 57.66 -59.11
CA ALA B 442 11.83 58.64 -60.18
C ALA B 442 12.67 58.06 -61.30
N ILE B 443 12.35 58.43 -62.53
CA ILE B 443 13.08 57.96 -63.71
C ILE B 443 13.19 59.10 -64.72
N LYS B 444 14.23 59.04 -65.55
CA LYS B 444 14.51 60.08 -66.52
C LYS B 444 14.47 59.49 -67.93
N ILE B 445 14.29 60.38 -68.91
CA ILE B 445 14.39 60.05 -70.32
C ILE B 445 15.65 60.69 -70.86
N LEU B 446 16.37 59.96 -71.71
CA LEU B 446 17.63 60.46 -72.26
C LEU B 446 17.37 61.20 -73.57
N LEU C 1 19.96 51.50 -59.21
CA LEU C 1 19.27 50.44 -58.41
C LEU C 1 20.24 49.39 -57.93
N LYS C 2 20.36 49.21 -56.62
CA LYS C 2 21.37 48.28 -56.12
C LYS C 2 20.97 47.79 -54.74
N ASN C 3 20.99 46.48 -54.53
CA ASN C 3 20.82 45.92 -53.19
C ASN C 3 22.17 45.85 -52.48
N LEU C 4 22.12 46.00 -51.15
CA LEU C 4 23.25 45.73 -50.29
C LEU C 4 22.78 44.87 -49.12
N ASN C 5 23.54 43.82 -48.84
CA ASN C 5 23.20 42.87 -47.78
C ASN C 5 24.34 42.89 -46.77
N TYR C 6 24.07 43.40 -45.58
CA TYR C 6 25.05 43.39 -44.50
C TYR C 6 24.61 42.42 -43.40
N SER C 7 25.56 42.07 -42.55
CA SER C 7 25.27 41.28 -41.36
C SER C 7 26.32 41.60 -40.31
N VAL C 8 25.87 41.90 -39.09
CA VAL C 8 26.72 42.51 -38.08
C VAL C 8 26.41 41.90 -36.72
N PRO C 9 27.40 41.64 -35.87
CA PRO C 9 27.12 41.12 -34.53
C PRO C 9 26.30 42.10 -33.70
N GLU C 10 25.62 41.55 -32.69
CA GLU C 10 24.88 42.38 -31.75
C GLU C 10 25.85 43.10 -30.80
N GLU C 11 25.28 43.86 -29.87
CA GLU C 11 26.06 44.64 -28.91
C GLU C 11 27.18 45.41 -29.59
N GLN C 12 26.88 45.96 -30.77
CA GLN C 12 27.83 46.83 -31.44
C GLN C 12 28.02 48.10 -30.64
N GLY C 13 29.20 48.70 -30.77
CA GLY C 13 29.46 49.98 -30.13
C GLY C 13 28.63 51.07 -30.79
N ALA C 14 28.07 51.95 -29.97
CA ALA C 14 27.29 53.06 -30.49
C ALA C 14 28.15 53.92 -31.40
N GLY C 15 27.63 54.21 -32.59
CA GLY C 15 28.40 54.93 -33.59
C GLY C 15 29.36 54.06 -34.37
N THR C 16 29.11 52.76 -34.44
CA THR C 16 29.93 51.87 -35.26
C THR C 16 29.54 52.01 -36.72
N VAL C 17 30.54 52.09 -37.59
CA VAL C 17 30.30 52.16 -39.02
C VAL C 17 29.97 50.75 -39.50
N ILE C 18 28.76 50.57 -40.02
CA ILE C 18 28.37 49.29 -40.60
C ILE C 18 28.81 49.18 -42.04
N GLY C 19 28.56 50.21 -42.84
CA GLY C 19 28.85 50.09 -44.26
C GLY C 19 29.18 51.42 -44.90
N ASN C 20 29.64 51.34 -46.14
CA ASN C 20 29.90 52.50 -46.99
C ASN C 20 29.08 52.30 -48.25
N ILE C 21 27.91 52.93 -48.30
CA ILE C 21 26.98 52.70 -49.42
C ILE C 21 27.62 53.15 -50.73
N GLY C 22 28.16 54.36 -50.77
CA GLY C 22 28.73 54.87 -52.00
C GLY C 22 29.72 53.93 -52.63
N ARG C 23 30.65 53.41 -51.82
CA ARG C 23 31.69 52.52 -52.33
C ARG C 23 31.15 51.13 -52.61
N ASP C 24 30.31 50.60 -51.73
CA ASP C 24 29.87 49.21 -51.86
C ASP C 24 28.94 49.05 -53.07
N ALA C 25 28.08 50.03 -53.32
CA ALA C 25 27.14 49.96 -54.44
C ALA C 25 27.68 50.57 -55.73
N ARG C 26 28.88 51.18 -55.70
CA ARG C 26 29.53 51.75 -56.88
C ARG C 26 28.70 52.86 -57.48
N LEU C 27 28.44 53.89 -56.67
CA LEU C 27 27.70 55.08 -57.07
C LEU C 27 28.65 56.27 -57.14
N GLN C 28 28.10 57.46 -57.38
CA GLN C 28 28.91 58.66 -57.57
C GLN C 28 28.77 59.67 -56.43
N PRO C 29 29.88 60.33 -56.06
CA PRO C 29 31.26 60.03 -56.45
C PRO C 29 31.79 58.78 -55.75
N GLY C 45 27.70 61.48 -52.80
CA GLY C 45 27.50 62.90 -52.99
C GLY C 45 26.39 63.37 -52.08
N SER C 46 25.17 62.95 -52.40
CA SER C 46 24.02 63.09 -51.52
C SER C 46 23.47 61.69 -51.25
N TYR C 47 23.20 61.40 -49.98
CA TYR C 47 22.65 60.11 -49.57
C TYR C 47 21.44 60.39 -48.68
N ARG C 48 20.28 60.48 -49.30
CA ARG C 48 19.04 60.72 -48.58
C ARG C 48 18.45 59.39 -48.17
N VAL C 49 17.74 59.39 -47.05
CA VAL C 49 17.10 58.18 -46.54
C VAL C 49 15.63 58.24 -46.91
N LEU C 50 15.18 57.33 -47.77
CA LEU C 50 13.75 57.25 -48.02
C LEU C 50 13.03 56.76 -46.77
N GLU C 51 13.33 55.54 -46.34
CA GLU C 51 12.52 54.95 -45.28
C GLU C 51 13.36 53.93 -44.53
N ASN C 52 12.94 53.63 -43.31
CA ASN C 52 13.74 52.68 -42.54
C ASN C 52 12.93 52.03 -41.43
N SER C 53 13.27 50.77 -41.17
CA SER C 53 12.63 50.01 -40.10
C SER C 53 12.88 50.67 -38.75
N ALA C 54 14.13 50.98 -38.44
CA ALA C 54 14.50 51.55 -37.14
C ALA C 54 15.29 52.84 -37.37
N PRO C 55 14.66 54.01 -37.19
CA PRO C 55 15.43 55.26 -37.28
C PRO C 55 16.30 55.50 -36.06
N HIS C 56 15.90 54.98 -34.90
CA HIS C 56 16.64 55.16 -33.67
C HIS C 56 17.92 54.34 -33.62
N LEU C 57 18.15 53.46 -34.59
CA LEU C 57 19.26 52.51 -34.54
C LEU C 57 20.24 52.61 -35.70
N LEU C 58 19.79 53.04 -36.88
CA LEU C 58 20.63 53.07 -38.06
C LEU C 58 20.47 54.42 -38.75
N ASP C 59 21.58 54.98 -39.22
CA ASP C 59 21.48 56.23 -39.96
C ASP C 59 22.66 56.34 -40.92
N VAL C 60 22.45 57.07 -42.01
CA VAL C 60 23.47 57.30 -43.03
C VAL C 60 23.84 58.77 -43.02
N ASP C 61 25.14 59.06 -43.07
CA ASP C 61 25.60 60.44 -43.15
C ASP C 61 25.34 60.95 -44.56
N ALA C 62 24.64 62.10 -44.65
CA ALA C 62 24.15 62.56 -45.94
C ALA C 62 25.28 62.75 -46.95
N ASP C 63 26.39 63.33 -46.52
CA ASP C 63 27.45 63.74 -47.43
C ASP C 63 28.60 62.74 -47.53
N SER C 64 28.54 61.61 -46.81
CA SER C 64 29.57 60.59 -46.91
C SER C 64 29.06 59.23 -47.36
N GLY C 65 27.76 58.97 -47.24
CA GLY C 65 27.23 57.68 -47.62
C GLY C 65 27.60 56.55 -46.68
N LEU C 66 27.91 56.85 -45.42
CA LEU C 66 28.32 55.85 -44.45
C LEU C 66 27.12 55.47 -43.58
N LEU C 67 26.88 54.16 -43.46
CA LEU C 67 25.81 53.61 -42.64
C LEU C 67 26.37 53.22 -41.28
N TYR C 68 25.86 53.86 -40.23
CA TYR C 68 26.35 53.70 -38.87
C TYR C 68 25.23 53.38 -37.89
N THR C 69 25.63 52.79 -36.77
CA THR C 69 24.74 52.47 -35.67
C THR C 69 24.45 53.72 -34.85
N LYS C 70 23.18 53.92 -34.51
CA LYS C 70 22.77 55.08 -33.73
C LYS C 70 22.83 54.82 -32.23
N GLN C 71 22.62 53.57 -31.81
CA GLN C 71 22.77 53.16 -30.42
C GLN C 71 23.33 51.75 -30.41
N ARG C 72 23.52 51.21 -29.21
CA ARG C 72 23.86 49.80 -29.09
C ARG C 72 22.64 48.94 -29.43
N ILE C 73 22.89 47.75 -29.96
CA ILE C 73 21.84 46.89 -30.49
C ILE C 73 21.92 45.56 -29.77
N ASP C 74 20.87 45.23 -29.01
CA ASP C 74 20.76 43.97 -28.30
C ASP C 74 19.80 43.09 -29.10
N ARG C 75 20.34 42.08 -29.79
CA ARG C 75 19.48 41.23 -30.61
C ARG C 75 18.38 40.57 -29.79
N GLU C 76 18.66 40.29 -28.51
CA GLU C 76 17.64 39.68 -27.66
C GLU C 76 16.49 40.64 -27.42
N SER C 77 16.80 41.93 -27.23
CA SER C 77 15.76 42.92 -26.99
C SER C 77 14.96 43.20 -28.26
N LEU C 78 15.60 43.08 -29.43
CA LEU C 78 14.91 43.35 -30.70
C LEU C 78 14.08 42.14 -31.16
N CYS C 79 14.72 40.99 -31.36
CA CYS C 79 14.11 39.87 -32.06
C CYS C 79 13.87 38.65 -31.18
N ARG C 80 14.10 38.75 -29.86
CA ARG C 80 13.80 37.66 -28.92
C ARG C 80 14.53 36.40 -29.36
N HIS C 81 13.82 35.33 -29.71
CA HIS C 81 14.39 34.05 -30.10
C HIS C 81 14.43 33.85 -31.60
N ASN C 82 13.96 34.83 -32.38
CA ASN C 82 13.86 34.64 -33.82
C ASN C 82 15.21 34.27 -34.41
N ALA C 83 15.22 33.21 -35.23
CA ALA C 83 16.45 32.77 -35.85
C ALA C 83 16.99 33.82 -36.81
N LYS C 84 16.11 34.46 -37.56
CA LYS C 84 16.48 35.53 -38.48
C LYS C 84 16.04 36.86 -37.87
N CYS C 85 16.92 37.86 -37.93
CA CYS C 85 16.68 39.16 -37.33
C CYS C 85 17.24 40.21 -38.28
N GLN C 86 16.35 40.95 -38.95
CA GLN C 86 16.72 41.79 -40.07
C GLN C 86 16.21 43.21 -39.86
N LEU C 87 16.97 44.17 -40.41
CA LEU C 87 16.57 45.56 -40.43
C LEU C 87 16.64 46.05 -41.86
N SER C 88 15.59 46.74 -42.30
CA SER C 88 15.51 47.27 -43.65
C SER C 88 15.84 48.76 -43.65
N LEU C 89 16.30 49.23 -44.79
CA LEU C 89 16.70 50.62 -44.97
C LEU C 89 16.68 50.91 -46.45
N GLU C 90 16.08 52.03 -46.83
CA GLU C 90 15.92 52.38 -48.24
C GLU C 90 16.50 53.78 -48.42
N VAL C 91 17.63 53.86 -49.11
CA VAL C 91 18.34 55.12 -49.34
C VAL C 91 18.25 55.49 -50.81
N PHE C 92 18.54 56.76 -51.07
CA PHE C 92 18.59 57.34 -52.39
C PHE C 92 19.97 57.97 -52.48
N ALA C 93 20.59 57.89 -53.64
CA ALA C 93 21.96 58.33 -53.78
C ALA C 93 22.02 59.49 -54.77
N ASN C 94 23.19 60.12 -54.80
CA ASN C 94 23.36 61.32 -55.61
C ASN C 94 22.88 61.08 -57.03
N ASP C 95 21.91 61.89 -57.45
CA ASP C 95 21.51 61.93 -58.85
C ASP C 95 20.81 60.64 -59.30
N LYS C 96 19.65 60.33 -58.69
CA LYS C 96 18.66 59.45 -59.30
C LYS C 96 19.02 57.97 -59.32
N GLU C 97 19.71 57.47 -58.30
CA GLU C 97 19.94 56.04 -58.13
C GLU C 97 19.49 55.61 -56.74
N ILE C 98 18.89 54.42 -56.67
CA ILE C 98 18.23 53.91 -55.48
C ILE C 98 18.99 52.71 -54.94
N CYS C 99 19.04 52.60 -53.61
CA CYS C 99 19.65 51.45 -52.98
C CYS C 99 18.74 50.89 -51.91
N MET C 100 18.63 49.56 -51.89
CA MET C 100 17.88 48.81 -50.88
C MET C 100 18.93 48.15 -50.00
N ILE C 101 19.07 48.65 -48.78
CA ILE C 101 20.00 48.10 -47.81
C ILE C 101 19.21 47.23 -46.84
N LYS C 102 19.71 46.03 -46.57
CA LYS C 102 19.13 45.17 -45.55
C LYS C 102 20.27 44.53 -44.76
N VAL C 103 20.20 44.65 -43.44
CA VAL C 103 21.30 44.24 -42.58
C VAL C 103 20.74 43.32 -41.50
N GLU C 104 21.32 42.14 -41.38
CA GLU C 104 20.94 41.19 -40.34
C GLU C 104 21.81 41.39 -39.11
N ILE C 105 21.20 41.19 -37.94
CA ILE C 105 21.90 41.31 -36.67
C ILE C 105 22.10 39.89 -36.14
N GLN C 106 23.36 39.48 -36.05
CA GLN C 106 23.68 38.13 -35.64
C GLN C 106 23.64 37.99 -34.13
N ASP C 107 23.23 36.80 -33.67
CA ASP C 107 23.22 36.50 -32.25
C ASP C 107 24.60 36.08 -31.80
N ILE C 108 24.99 36.54 -30.61
CA ILE C 108 26.19 36.05 -29.95
C ILE C 108 25.78 35.54 -28.58
N ASN C 109 26.53 34.55 -28.07
CA ASN C 109 26.21 33.93 -26.80
C ASN C 109 26.70 34.82 -25.66
N ASP C 110 26.04 35.97 -25.53
CA ASP C 110 26.34 36.93 -24.47
C ASP C 110 25.40 36.78 -23.28
N ASN C 111 24.62 35.70 -23.23
CA ASN C 111 23.76 35.38 -22.10
C ASN C 111 23.90 33.90 -21.77
N ALA C 112 23.90 33.61 -20.47
CA ALA C 112 23.89 32.26 -19.96
C ALA C 112 22.50 31.88 -19.49
N PRO C 113 22.18 30.59 -19.40
CA PRO C 113 20.92 30.21 -18.79
C PRO C 113 20.89 30.66 -17.34
N SER C 114 19.70 30.96 -16.84
CA SER C 114 19.56 31.51 -15.50
C SER C 114 18.37 30.89 -14.79
N PHE C 115 18.56 30.58 -13.52
CA PHE C 115 17.52 30.03 -12.67
C PHE C 115 16.91 31.12 -11.80
N SER C 116 15.68 30.88 -11.36
CA SER C 116 14.97 31.82 -10.50
C SER C 116 15.61 31.95 -9.12
N SER C 117 16.50 31.05 -8.74
CA SER C 117 17.18 31.11 -7.45
C SER C 117 18.51 30.36 -7.57
N ASP C 118 19.28 30.40 -6.49
CA ASP C 118 20.48 29.59 -6.36
C ASP C 118 20.27 28.36 -5.49
N GLN C 119 19.19 28.32 -4.71
CA GLN C 119 18.86 27.17 -3.88
C GLN C 119 17.36 27.06 -3.73
N ILE C 120 16.82 25.86 -3.97
CA ILE C 120 15.45 25.51 -3.65
C ILE C 120 15.44 24.42 -2.57
N GLU C 121 14.32 24.35 -1.84
CA GLU C 121 14.12 23.32 -0.83
C GLU C 121 12.80 22.60 -1.04
N MET C 122 12.82 21.27 -0.90
CA MET C 122 11.65 20.43 -1.08
C MET C 122 11.49 19.49 0.10
N ASP C 123 10.29 18.92 0.20
CA ASP C 123 9.92 17.98 1.27
C ASP C 123 9.56 16.64 0.63
N ILE C 124 10.50 15.68 0.68
CA ILE C 124 10.31 14.35 0.08
C ILE C 124 10.20 13.34 1.22
N SER C 125 9.08 12.62 1.25
CA SER C 125 8.91 11.55 2.21
C SER C 125 9.74 10.32 1.82
N GLU C 126 10.32 9.67 2.83
CA GLU C 126 11.06 8.44 2.57
C GLU C 126 10.17 7.35 1.99
N ASN C 127 8.85 7.54 2.04
CA ASN C 127 7.90 6.58 1.50
C ASN C 127 7.75 6.71 -0.01
N ALA C 128 8.49 7.60 -0.66
CA ALA C 128 8.35 7.85 -2.08
C ALA C 128 8.74 6.61 -2.87
N ALA C 129 7.83 6.12 -3.70
CA ALA C 129 8.09 4.91 -4.47
C ALA C 129 9.21 5.16 -5.48
N PRO C 130 10.11 4.21 -5.68
CA PRO C 130 11.11 4.36 -6.73
C PRO C 130 10.45 4.62 -8.08
N GLY C 131 10.99 5.58 -8.82
CA GLY C 131 10.43 6.01 -10.08
C GLY C 131 9.66 7.32 -9.99
N THR C 132 9.15 7.66 -8.81
CA THR C 132 8.39 8.89 -8.64
C THR C 132 9.20 10.08 -9.12
N ARG C 133 8.50 11.06 -9.68
CA ARG C 133 9.13 12.23 -10.28
C ARG C 133 8.59 13.52 -9.66
N PHE C 134 9.49 14.50 -9.50
CA PHE C 134 9.19 15.71 -8.74
C PHE C 134 9.54 16.96 -9.53
N PRO C 135 8.67 17.98 -9.54
CA PRO C 135 9.01 19.23 -10.24
C PRO C 135 10.34 19.82 -9.81
N LEU C 136 10.93 20.58 -10.74
CA LEU C 136 12.09 21.43 -10.48
C LEU C 136 11.97 22.69 -11.31
N THR C 137 12.54 23.78 -10.82
CA THR C 137 12.49 25.03 -11.57
C THR C 137 13.35 24.91 -12.83
N SER C 138 12.82 25.40 -13.95
CA SER C 138 13.56 25.40 -15.20
C SER C 138 14.38 26.67 -15.33
N ALA C 139 15.39 26.59 -16.20
CA ALA C 139 16.23 27.74 -16.51
C ALA C 139 15.81 28.36 -17.84
N HIS C 140 16.27 29.59 -18.07
CA HIS C 140 15.91 30.33 -19.27
C HIS C 140 17.15 30.97 -19.87
N ASP C 141 17.35 30.77 -21.17
CA ASP C 141 18.41 31.43 -21.92
C ASP C 141 17.78 32.34 -22.97
N PRO C 142 18.02 33.66 -22.95
CA PRO C 142 17.40 34.52 -23.97
C PRO C 142 18.02 34.37 -25.34
N ASP C 143 19.27 33.90 -25.44
CA ASP C 143 19.92 33.76 -26.73
C ASP C 143 19.10 32.89 -27.66
N ALA C 144 19.42 32.97 -28.96
CA ALA C 144 18.64 32.33 -30.01
C ALA C 144 19.38 31.14 -30.59
N GLY C 145 18.62 30.16 -31.05
CA GLY C 145 19.19 29.03 -31.75
C GLY C 145 20.20 28.27 -30.91
N GLU C 146 21.36 27.99 -31.51
CA GLU C 146 22.35 27.13 -30.89
C GLU C 146 22.87 27.70 -29.57
N ASN C 147 22.67 28.98 -29.31
CA ASN C 147 23.13 29.60 -28.08
C ASN C 147 22.11 29.50 -26.94
N GLY C 148 20.94 28.96 -27.20
CA GLY C 148 19.92 28.80 -26.17
C GLY C 148 20.10 27.53 -25.38
N LEU C 149 19.09 27.24 -24.55
CA LEU C 149 19.17 26.13 -23.61
C LEU C 149 19.40 24.82 -24.33
N ARG C 150 20.41 24.07 -23.88
CA ARG C 150 20.76 22.79 -24.46
C ARG C 150 20.17 21.62 -23.66
N THR C 151 20.55 21.49 -22.39
CA THR C 151 20.05 20.39 -21.57
C THR C 151 20.38 20.70 -20.11
N TYR C 152 19.83 19.88 -19.21
CA TYR C 152 20.15 19.93 -17.80
C TYR C 152 20.95 18.68 -17.42
N LEU C 153 21.76 18.81 -16.37
CA LEU C 153 22.56 17.71 -15.87
C LEU C 153 22.61 17.77 -14.36
N LEU C 154 22.56 16.59 -13.73
CA LEU C 154 22.59 16.52 -12.28
C LEU C 154 23.96 16.05 -11.79
N THR C 155 24.30 16.49 -10.58
CA THR C 155 25.46 15.99 -9.86
C THR C 155 24.91 15.26 -8.64
N ARG C 156 24.60 13.99 -8.83
CA ARG C 156 24.03 13.12 -7.81
C ARG C 156 25.16 12.47 -7.03
N ASP C 157 25.40 12.98 -5.82
CA ASP C 157 26.56 12.57 -5.04
C ASP C 157 26.36 11.22 -4.36
N ASP C 158 25.11 10.81 -4.14
CA ASP C 158 24.80 9.60 -3.37
C ASP C 158 24.71 8.38 -4.30
N HIS C 159 25.81 8.15 -5.03
CA HIS C 159 25.96 6.97 -5.87
C HIS C 159 24.68 6.66 -6.65
N GLY C 160 24.06 7.68 -7.23
CA GLY C 160 22.91 7.49 -8.09
C GLY C 160 21.61 7.20 -7.37
N LEU C 161 21.39 7.82 -6.21
CA LEU C 161 20.10 7.71 -5.55
C LEU C 161 19.04 8.46 -6.35
N PHE C 162 19.37 9.68 -6.77
CA PHE C 162 18.48 10.54 -7.55
C PHE C 162 18.92 10.55 -9.00
N GLY C 163 17.92 10.67 -9.89
CA GLY C 163 18.17 10.82 -11.30
C GLY C 163 17.43 12.04 -11.84
N LEU C 164 17.55 12.23 -13.15
CA LEU C 164 16.99 13.41 -13.81
C LEU C 164 16.23 12.98 -15.05
N ASP C 165 15.03 13.53 -15.22
CA ASP C 165 14.24 13.37 -16.43
C ASP C 165 14.13 14.73 -17.12
N VAL C 166 14.36 14.76 -18.42
CA VAL C 166 14.35 16.00 -19.19
C VAL C 166 13.25 15.91 -20.23
N LYS C 167 12.37 16.91 -20.27
CA LYS C 167 11.27 16.88 -21.24
C LYS C 167 11.04 18.24 -21.88
N SER C 168 10.70 18.23 -23.17
CA SER C 168 10.47 19.43 -23.95
C SER C 168 9.00 19.84 -23.90
N ARG C 169 8.75 21.09 -24.26
CA ARG C 169 7.41 21.63 -24.43
C ARG C 169 7.30 22.22 -25.82
N GLY C 170 6.08 22.66 -26.16
CA GLY C 170 5.76 23.03 -27.52
C GLY C 170 6.78 23.89 -28.25
N ASP C 171 7.31 24.90 -27.57
CA ASP C 171 8.24 25.84 -28.21
C ASP C 171 9.65 25.28 -28.38
N GLY C 172 9.90 24.04 -27.96
CA GLY C 172 11.22 23.45 -28.06
C GLY C 172 12.13 23.74 -26.87
N THR C 173 11.62 24.39 -25.83
CA THR C 173 12.37 24.59 -24.61
C THR C 173 12.12 23.40 -23.69
N LYS C 174 13.09 23.13 -22.82
CA LYS C 174 13.08 21.95 -21.99
C LYS C 174 12.97 22.32 -20.52
N PHE C 175 12.41 21.40 -19.75
CA PHE C 175 12.30 21.53 -18.30
C PHE C 175 12.68 20.20 -17.66
N PRO C 176 13.32 20.23 -16.48
CA PRO C 176 13.73 18.99 -15.83
C PRO C 176 12.81 18.58 -14.70
N GLU C 177 12.92 17.31 -14.29
CA GLU C 177 12.17 16.77 -13.17
C GLU C 177 13.03 15.75 -12.45
N LEU C 178 12.93 15.71 -11.13
CA LEU C 178 13.70 14.79 -10.32
C LEU C 178 13.11 13.38 -10.43
N VAL C 179 13.98 12.39 -10.41
CA VAL C 179 13.57 10.98 -10.36
C VAL C 179 14.17 10.34 -9.12
N ILE C 180 13.42 9.45 -8.50
CA ILE C 180 13.92 8.63 -7.39
C ILE C 180 14.26 7.26 -7.98
N GLN C 181 15.54 7.04 -8.26
CA GLN C 181 15.96 5.82 -8.93
C GLN C 181 15.98 4.62 -7.99
N LYS C 182 16.23 4.85 -6.70
CA LYS C 182 16.10 3.81 -5.69
C LYS C 182 15.49 4.41 -4.44
N ALA C 183 14.95 3.54 -3.59
CA ALA C 183 14.17 4.00 -2.46
C ALA C 183 15.00 4.88 -1.53
N LEU C 184 14.30 5.68 -0.72
CA LEU C 184 14.93 6.54 0.27
C LEU C 184 14.66 5.99 1.67
N ASP C 185 15.51 6.41 2.60
CA ASP C 185 15.34 6.03 4.01
C ASP C 185 15.84 7.19 4.86
N ARG C 186 14.92 7.84 5.58
CA ARG C 186 15.31 8.92 6.47
C ARG C 186 16.28 8.43 7.53
N GLU C 187 15.95 7.31 8.18
CA GLU C 187 16.76 6.81 9.29
C GLU C 187 18.17 6.42 8.85
N GLN C 188 18.44 6.34 7.54
CA GLN C 188 19.78 6.13 7.02
C GLN C 188 20.46 7.43 6.58
N GLN C 189 19.70 8.40 6.10
CA GLN C 189 20.25 9.71 5.77
C GLN C 189 19.11 10.71 5.80
N ASN C 190 19.20 11.69 6.71
CA ASN C 190 18.06 12.57 6.97
C ASN C 190 17.92 13.66 5.92
N HIS C 191 19.03 14.15 5.37
CA HIS C 191 19.01 15.24 4.41
C HIS C 191 19.88 14.87 3.21
N HIS C 192 19.54 15.43 2.04
CA HIS C 192 20.43 15.38 0.89
C HIS C 192 20.56 16.76 0.26
N THR C 193 21.67 16.96 -0.44
CA THR C 193 21.87 18.16 -1.25
C THR C 193 22.54 17.74 -2.55
N LEU C 194 21.94 18.10 -3.68
CA LEU C 194 22.50 17.75 -4.98
C LEU C 194 22.30 18.93 -5.92
N VAL C 195 23.16 19.05 -6.92
CA VAL C 195 23.25 20.27 -7.72
C VAL C 195 22.73 19.98 -9.12
N LEU C 196 21.79 20.81 -9.58
CA LEU C 196 21.24 20.76 -10.93
C LEU C 196 21.80 21.91 -11.74
N THR C 197 22.40 21.61 -12.89
CA THR C 197 22.98 22.62 -13.76
C THR C 197 22.27 22.64 -15.11
N ALA C 198 22.16 23.83 -15.69
CA ALA C 198 21.63 24.03 -17.02
C ALA C 198 22.74 24.49 -17.95
N LEU C 199 22.84 23.82 -19.10
CA LEU C 199 23.82 24.08 -20.14
C LEU C 199 23.13 24.52 -21.43
N ASP C 200 23.69 25.56 -22.05
CA ASP C 200 23.28 26.01 -23.37
C ASP C 200 24.28 25.52 -24.41
N GLY C 201 23.96 25.75 -25.67
CA GLY C 201 24.87 25.38 -26.73
C GLY C 201 26.00 26.39 -26.88
N GLY C 202 26.41 26.66 -28.12
CA GLY C 202 27.44 27.64 -28.37
C GLY C 202 28.84 27.16 -28.02
N GLU C 203 29.84 27.68 -28.72
CA GLU C 203 31.21 27.21 -28.56
C GLU C 203 31.78 27.63 -27.20
N PRO C 204 31.45 28.81 -26.70
CA PRO C 204 31.63 29.07 -25.26
C PRO C 204 30.43 28.56 -24.49
N PRO C 205 30.49 27.34 -23.94
CA PRO C 205 29.29 26.77 -23.30
C PRO C 205 28.99 27.47 -22.00
N ARG C 206 27.82 28.11 -21.94
CA ARG C 206 27.40 28.82 -20.74
C ARG C 206 26.58 27.87 -19.87
N SER C 207 26.76 27.98 -18.56
CA SER C 207 26.12 27.09 -17.61
C SER C 207 25.69 27.87 -16.38
N ALA C 208 24.71 27.31 -15.66
CA ALA C 208 24.30 27.91 -14.40
C ALA C 208 23.77 26.81 -13.49
N THR C 209 24.07 26.91 -12.20
CA THR C 209 23.80 25.83 -11.26
C THR C 209 22.82 26.28 -10.19
N VAL C 210 22.18 25.29 -9.57
CA VAL C 210 21.27 25.49 -8.45
C VAL C 210 21.43 24.30 -7.51
N GLN C 211 21.52 24.57 -6.21
CA GLN C 211 21.54 23.50 -5.22
C GLN C 211 20.10 23.14 -4.87
N ILE C 212 19.82 21.85 -4.83
CA ILE C 212 18.54 21.31 -4.38
C ILE C 212 18.81 20.71 -3.01
N ASN C 213 18.19 21.31 -1.98
CA ASN C 213 18.31 20.88 -0.60
C ASN C 213 17.04 20.15 -0.21
N VAL C 214 17.12 18.82 -0.14
CA VAL C 214 15.94 17.97 0.02
C VAL C 214 15.90 17.43 1.45
N LYS C 215 14.80 17.70 2.12
CA LYS C 215 14.48 17.17 3.44
C LYS C 215 13.80 15.82 3.29
N VAL C 216 14.38 14.78 3.86
CA VAL C 216 13.79 13.44 3.81
C VAL C 216 12.83 13.33 4.98
N ILE C 217 11.53 13.24 4.71
CA ILE C 217 10.52 13.23 5.75
C ILE C 217 10.40 11.82 6.32
N ASP C 218 9.94 11.75 7.56
CA ASP C 218 9.76 10.47 8.23
C ASP C 218 8.42 9.85 7.86
N SER C 219 8.44 8.56 7.51
CA SER C 219 7.25 7.74 7.46
C SER C 219 7.34 6.68 8.54
N ASN C 220 6.22 6.39 9.18
CA ASN C 220 6.20 5.49 10.34
C ASN C 220 6.50 4.08 9.86
N ASP C 221 7.79 3.80 9.65
CA ASP C 221 8.24 2.53 9.11
C ASP C 221 9.18 1.80 10.08
N ASN C 222 8.99 2.00 11.39
CA ASN C 222 9.75 1.27 12.39
C ASN C 222 8.84 0.92 13.56
N SER C 223 8.78 -0.36 13.89
CA SER C 223 8.04 -0.82 15.04
C SER C 223 8.83 -0.53 16.32
N PRO C 224 8.16 -0.34 17.45
CA PRO C 224 8.88 -0.36 18.73
C PRO C 224 9.53 -1.72 18.93
N VAL C 225 10.54 -1.74 19.80
CA VAL C 225 11.30 -2.95 20.05
C VAL C 225 11.64 -3.00 21.54
N PHE C 226 11.11 -4.01 22.23
CA PHE C 226 11.48 -4.23 23.62
C PHE C 226 12.89 -4.78 23.70
N GLU C 227 13.60 -4.39 24.77
CA GLU C 227 14.97 -4.85 24.95
C GLU C 227 15.06 -6.37 24.86
N ALA C 228 14.03 -7.08 25.35
CA ALA C 228 13.99 -8.52 25.27
C ALA C 228 12.54 -8.96 25.21
N PRO C 229 12.23 -10.03 24.46
CA PRO C 229 10.82 -10.41 24.30
C PRO C 229 10.18 -10.92 25.58
N SER C 230 10.95 -11.47 26.51
CA SER C 230 10.41 -12.10 27.70
C SER C 230 11.27 -11.76 28.91
N TYR C 231 10.62 -11.65 30.07
CA TYR C 231 11.30 -11.42 31.33
C TYR C 231 10.69 -12.32 32.40
N LEU C 232 11.49 -12.60 33.43
CA LEU C 232 11.03 -13.36 34.58
C LEU C 232 11.54 -12.68 35.83
N VAL C 233 10.62 -12.32 36.73
CA VAL C 233 10.92 -11.52 37.91
C VAL C 233 10.43 -12.25 39.14
N GLU C 234 11.28 -12.32 40.17
CA GLU C 234 10.93 -12.91 41.44
C GLU C 234 10.46 -11.82 42.40
N LEU C 235 9.39 -12.09 43.13
CA LEU C 235 8.93 -11.17 44.17
C LEU C 235 8.52 -11.97 45.41
N PRO C 236 8.75 -11.42 46.60
CA PRO C 236 8.26 -12.07 47.82
C PRO C 236 6.77 -11.83 48.01
N GLU C 237 6.05 -12.89 48.36
CA GLU C 237 4.61 -12.77 48.53
C GLU C 237 4.28 -11.68 49.56
N ASN C 238 3.07 -11.13 49.44
CA ASN C 238 2.63 -10.05 50.32
C ASN C 238 3.57 -8.86 50.22
N ALA C 239 4.17 -8.65 49.05
CA ALA C 239 5.10 -7.55 48.90
C ALA C 239 4.41 -6.22 49.16
N PRO C 240 5.13 -5.22 49.67
CA PRO C 240 4.48 -3.96 50.04
C PRO C 240 4.02 -3.19 48.81
N LEU C 241 2.89 -2.50 48.95
CA LEU C 241 2.34 -1.74 47.86
C LEU C 241 3.38 -0.77 47.32
N GLY C 242 3.40 -0.61 46.00
CA GLY C 242 4.32 0.27 45.35
C GLY C 242 5.69 -0.31 45.03
N THR C 243 5.96 -1.54 45.45
CA THR C 243 7.23 -2.18 45.10
C THR C 243 7.40 -2.22 43.59
N VAL C 244 8.59 -1.88 43.13
CA VAL C 244 8.87 -1.84 41.70
C VAL C 244 9.04 -3.27 41.20
N VAL C 245 8.32 -3.61 40.14
CA VAL C 245 8.44 -4.94 39.54
C VAL C 245 9.49 -4.90 38.45
N ILE C 246 9.33 -4.00 37.47
CA ILE C 246 10.29 -3.96 36.37
C ILE C 246 10.10 -2.67 35.56
N ASP C 247 11.18 -2.17 34.97
CA ASP C 247 11.11 -1.03 34.05
C ASP C 247 11.39 -1.55 32.65
N LEU C 248 10.33 -1.73 31.87
CA LEU C 248 10.49 -2.11 30.48
C LEU C 248 10.91 -0.88 29.67
N ASN C 249 11.69 -1.13 28.63
CA ASN C 249 12.15 -0.08 27.72
C ASN C 249 11.96 -0.55 26.30
N ALA C 250 11.16 0.18 25.53
CA ALA C 250 10.96 -0.09 24.11
C ALA C 250 11.39 1.13 23.32
N THR C 251 11.97 0.91 22.15
CA THR C 251 12.54 1.97 21.35
C THR C 251 11.98 1.91 19.93
N ASP C 252 11.62 3.08 19.41
CA ASP C 252 11.16 3.23 18.03
C ASP C 252 12.10 4.20 17.33
N ALA C 253 12.69 3.77 16.22
CA ALA C 253 13.69 4.55 15.50
C ALA C 253 13.09 5.65 14.63
N ASP C 254 11.78 5.87 14.68
CA ASP C 254 11.16 6.90 13.89
C ASP C 254 11.24 8.24 14.59
N GLU C 255 10.71 9.28 13.95
CA GLU C 255 10.74 10.64 14.44
C GLU C 255 9.41 11.02 15.07
N GLY C 256 9.47 12.01 15.97
CA GLY C 256 8.27 12.58 16.56
C GLY C 256 7.32 11.53 17.08
N PRO C 257 6.01 11.76 16.93
CA PRO C 257 5.04 10.73 17.36
C PRO C 257 5.27 9.37 16.75
N ASN C 258 5.75 9.29 15.50
CA ASN C 258 6.03 7.99 14.91
C ASN C 258 7.02 7.20 15.77
N GLY C 259 7.88 7.90 16.51
CA GLY C 259 8.82 7.25 17.41
C GLY C 259 8.55 7.56 18.87
N GLU C 260 7.28 7.73 19.24
CA GLU C 260 6.88 7.97 20.62
C GLU C 260 6.16 6.74 21.13
N VAL C 261 6.77 6.05 22.07
CA VAL C 261 6.26 4.77 22.57
C VAL C 261 5.25 5.03 23.67
N LEU C 262 4.18 4.24 23.65
CA LEU C 262 3.18 4.21 24.70
C LEU C 262 2.99 2.77 25.13
N TYR C 263 3.12 2.53 26.43
CA TYR C 263 2.99 1.20 27.00
C TYR C 263 1.57 1.04 27.54
N SER C 264 1.10 -0.21 27.53
CA SER C 264 -0.20 -0.50 28.12
C SER C 264 -0.30 -1.99 28.35
N PHE C 265 -1.24 -2.35 29.22
CA PHE C 265 -1.54 -3.75 29.47
C PHE C 265 -2.20 -4.35 28.22
N SER C 266 -1.80 -5.57 27.89
CA SER C 266 -2.36 -6.22 26.72
C SER C 266 -3.87 -6.41 26.92
N SER C 267 -4.57 -6.71 25.83
CA SER C 267 -6.00 -6.90 25.93
C SER C 267 -6.33 -8.17 26.71
N TYR C 268 -5.46 -9.16 26.67
CA TYR C 268 -5.75 -10.47 27.23
C TYR C 268 -5.01 -10.74 28.54
N VAL C 269 -4.56 -9.70 29.22
CA VAL C 269 -4.12 -9.86 30.61
C VAL C 269 -5.38 -9.86 31.49
N PRO C 270 -5.52 -10.81 32.42
CA PRO C 270 -6.77 -10.92 33.17
C PRO C 270 -7.02 -9.71 34.05
N ASP C 271 -8.29 -9.52 34.41
CA ASP C 271 -8.65 -8.41 35.29
C ASP C 271 -7.84 -8.48 36.58
N ARG C 272 -7.85 -9.64 37.25
CA ARG C 272 -7.12 -9.82 38.50
C ARG C 272 -5.71 -9.23 38.43
N VAL C 273 -4.94 -9.63 37.42
CA VAL C 273 -3.60 -9.07 37.24
C VAL C 273 -3.67 -7.56 37.16
N ARG C 274 -4.67 -7.02 36.44
CA ARG C 274 -4.85 -5.58 36.36
C ARG C 274 -5.04 -4.98 37.75
N GLU C 275 -5.73 -5.71 38.63
CA GLU C 275 -5.87 -5.28 40.01
C GLU C 275 -4.52 -5.28 40.72
N LEU C 276 -3.67 -6.25 40.39
CA LEU C 276 -2.45 -6.47 41.17
C LEU C 276 -1.32 -5.55 40.78
N PHE C 277 -1.28 -5.08 39.54
CA PHE C 277 -0.12 -4.33 39.03
C PHE C 277 -0.56 -3.05 38.34
N SER C 278 0.36 -2.07 38.34
CA SER C 278 0.15 -0.79 37.66
C SER C 278 1.35 -0.52 36.78
N ILE C 279 1.11 -0.25 35.50
CA ILE C 279 2.15 0.15 34.56
C ILE C 279 1.94 1.61 34.20
N ASP C 280 3.00 2.40 34.30
CA ASP C 280 2.90 3.81 33.93
C ASP C 280 3.01 3.94 32.42
N PRO C 281 2.06 4.59 31.74
CA PRO C 281 1.99 4.48 30.27
C PRO C 281 3.24 5.00 29.56
N LYS C 282 3.95 5.98 30.13
CA LYS C 282 5.07 6.59 29.42
C LYS C 282 6.43 6.06 29.86
N THR C 283 6.62 5.77 31.15
CA THR C 283 7.88 5.20 31.59
C THR C 283 8.01 3.75 31.16
N GLY C 284 6.93 2.98 31.29
CA GLY C 284 7.01 1.54 31.18
C GLY C 284 7.30 0.84 32.48
N LEU C 285 7.02 1.48 33.61
CA LEU C 285 7.33 0.94 34.92
C LEU C 285 6.15 0.14 35.44
N ILE C 286 6.38 -1.12 35.77
CA ILE C 286 5.38 -2.00 36.37
C ILE C 286 5.70 -2.12 37.85
N ARG C 287 4.72 -1.78 38.68
CA ARG C 287 4.87 -1.71 40.13
C ARG C 287 3.66 -2.37 40.78
N VAL C 288 3.84 -2.78 42.03
CA VAL C 288 2.81 -3.54 42.73
C VAL C 288 1.63 -2.64 43.10
N LYS C 289 0.42 -3.18 42.95
CA LYS C 289 -0.81 -2.48 43.29
C LYS C 289 -1.68 -3.21 44.30
N GLY C 290 -1.44 -4.51 44.52
CA GLY C 290 -2.20 -5.27 45.50
C GLY C 290 -1.31 -6.30 46.18
N ASN C 291 -1.89 -6.97 47.16
CA ASN C 291 -1.15 -7.97 47.94
C ASN C 291 -1.00 -9.24 47.12
N LEU C 292 0.23 -9.69 46.93
CA LEU C 292 0.53 -10.85 46.10
C LEU C 292 0.60 -12.07 47.01
N ASP C 293 -0.49 -12.82 47.08
CA ASP C 293 -0.56 -13.99 47.95
C ASP C 293 -0.05 -15.21 47.19
N TYR C 294 1.02 -15.83 47.71
CA TYR C 294 1.55 -17.04 47.10
C TYR C 294 0.49 -18.13 47.06
N GLU C 295 -0.26 -18.30 48.14
CA GLU C 295 -1.27 -19.35 48.20
C GLU C 295 -2.42 -19.09 47.23
N GLU C 296 -2.61 -17.84 46.80
CA GLU C 296 -3.59 -17.55 45.76
C GLU C 296 -3.10 -18.02 44.39
N ASN C 297 -1.88 -17.64 44.01
CA ASN C 297 -1.37 -17.95 42.68
C ASN C 297 0.15 -17.96 42.76
N GLY C 298 0.76 -19.05 42.32
CA GLY C 298 2.21 -19.17 42.44
C GLY C 298 2.95 -18.15 41.60
N MET C 299 2.58 -18.03 40.33
CA MET C 299 3.20 -17.06 39.43
C MET C 299 2.15 -16.54 38.45
N LEU C 300 2.39 -15.31 37.98
CA LEU C 300 1.46 -14.57 37.16
C LEU C 300 2.16 -14.12 35.88
N GLU C 301 1.36 -13.79 34.88
CA GLU C 301 1.89 -13.30 33.60
C GLU C 301 1.33 -11.91 33.33
N ILE C 302 2.23 -10.97 33.04
CA ILE C 302 1.89 -9.60 32.69
C ILE C 302 2.33 -9.39 31.25
N ASP C 303 1.36 -9.33 30.34
CA ASP C 303 1.63 -9.19 28.91
C ASP C 303 1.48 -7.72 28.54
N VAL C 304 2.60 -7.05 28.34
CA VAL C 304 2.63 -5.63 28.01
C VAL C 304 2.66 -5.47 26.50
N GLN C 305 2.16 -4.33 26.01
CA GLN C 305 2.32 -3.98 24.61
C GLN C 305 2.70 -2.51 24.49
N ALA C 306 3.55 -2.21 23.51
CA ALA C 306 4.02 -0.86 23.23
C ALA C 306 3.64 -0.50 21.80
N ARG C 307 3.15 0.73 21.62
CA ARG C 307 2.77 1.23 20.30
C ARG C 307 3.27 2.65 20.11
N ASP C 308 3.67 2.98 18.88
CA ASP C 308 4.07 4.35 18.61
C ASP C 308 2.81 5.21 18.39
N LEU C 309 2.98 6.52 18.58
CA LEU C 309 1.86 7.45 18.51
C LEU C 309 1.68 8.02 17.11
N GLY C 310 2.21 7.36 16.08
CA GLY C 310 1.99 7.77 14.71
C GLY C 310 0.73 7.14 14.14
N PRO C 311 0.46 7.41 12.87
CA PRO C 311 -0.67 6.75 12.19
C PRO C 311 -0.31 5.34 11.78
N ASN C 312 -1.34 4.53 11.58
CA ASN C 312 -1.20 3.08 11.36
C ASN C 312 -0.16 2.56 12.35
N PRO C 313 -0.39 2.74 13.65
CA PRO C 313 0.66 2.44 14.63
C PRO C 313 1.00 0.97 14.65
N ILE C 314 2.27 0.70 14.98
CA ILE C 314 2.80 -0.65 14.93
C ILE C 314 2.91 -1.16 16.37
N PRO C 315 2.15 -2.19 16.75
CA PRO C 315 2.23 -2.70 18.12
C PRO C 315 3.39 -3.67 18.30
N ALA C 316 3.73 -3.90 19.57
CA ALA C 316 4.81 -4.80 19.92
C ALA C 316 4.51 -5.41 21.28
N HIS C 317 4.74 -6.71 21.42
CA HIS C 317 4.31 -7.44 22.60
C HIS C 317 5.52 -7.89 23.43
N CYS C 318 5.36 -7.82 24.75
CA CYS C 318 6.34 -8.35 25.68
C CYS C 318 5.62 -9.11 26.78
N LYS C 319 6.39 -9.93 27.49
CA LYS C 319 5.84 -10.90 28.44
C LYS C 319 6.72 -10.91 29.69
N VAL C 320 6.16 -10.51 30.81
CA VAL C 320 6.87 -10.49 32.09
C VAL C 320 6.18 -11.49 33.00
N THR C 321 6.88 -12.58 33.32
CA THR C 321 6.38 -13.57 34.27
C THR C 321 6.86 -13.20 35.68
N VAL C 322 5.92 -12.92 36.57
CA VAL C 322 6.24 -12.63 37.97
C VAL C 322 6.12 -13.93 38.75
N LYS C 323 7.23 -14.40 39.30
CA LYS C 323 7.25 -15.64 40.06
C LYS C 323 7.33 -15.27 41.55
N LEU C 324 6.38 -15.76 42.33
CA LEU C 324 6.31 -15.39 43.74
C LEU C 324 7.13 -16.35 44.59
N ILE C 325 7.55 -15.85 45.74
CA ILE C 325 8.30 -16.61 46.72
C ILE C 325 7.41 -16.79 47.95
N ASP C 326 7.22 -18.04 48.36
CA ASP C 326 6.37 -18.33 49.50
C ASP C 326 7.10 -18.01 50.79
N ARG C 327 6.44 -17.23 51.65
CA ARG C 327 6.91 -17.02 53.02
C ARG C 327 5.94 -17.68 53.98
N ASN C 328 6.46 -18.10 55.13
CA ASN C 328 5.68 -18.78 56.15
C ASN C 328 4.71 -17.76 56.77
N ASP C 329 3.56 -17.61 56.10
CA ASP C 329 2.52 -16.69 56.54
C ASP C 329 1.22 -17.40 56.89
N ASN C 330 1.26 -18.72 57.09
CA ASN C 330 0.11 -19.50 57.51
C ASN C 330 0.53 -20.42 58.64
N ALA C 331 0.04 -20.13 59.85
CA ALA C 331 0.24 -21.04 60.96
C ALA C 331 -0.52 -22.34 60.73
N PRO C 332 -0.09 -23.43 61.36
CA PRO C 332 -0.80 -24.70 61.17
C PRO C 332 -2.11 -24.74 61.95
N SER C 333 -3.12 -25.32 61.32
CA SER C 333 -4.45 -25.43 61.92
C SER C 333 -4.71 -26.89 62.28
N ILE C 334 -5.41 -27.09 63.40
CA ILE C 334 -5.70 -28.41 63.95
C ILE C 334 -7.21 -28.58 63.99
N GLY C 335 -7.69 -29.75 63.57
CA GLY C 335 -9.11 -30.02 63.54
C GLY C 335 -9.44 -31.45 63.88
N PHE C 336 -10.32 -31.64 64.86
CA PHE C 336 -10.67 -32.98 65.32
C PHE C 336 -11.75 -33.55 64.41
N VAL C 337 -11.47 -34.68 63.75
CA VAL C 337 -12.51 -35.34 62.98
C VAL C 337 -13.49 -36.05 63.90
N SER C 338 -12.97 -36.73 64.92
CA SER C 338 -13.80 -37.45 65.86
C SER C 338 -13.03 -37.61 67.16
N VAL C 339 -13.74 -37.49 68.28
CA VAL C 339 -13.16 -37.61 69.60
C VAL C 339 -14.03 -38.56 70.39
N ARG C 340 -13.41 -39.41 71.21
CA ARG C 340 -14.16 -40.25 72.12
C ARG C 340 -14.75 -39.37 73.22
N GLN C 341 -15.47 -39.98 74.15
CA GLN C 341 -15.97 -39.14 75.22
C GLN C 341 -15.02 -39.26 76.42
N GLY C 342 -15.55 -39.03 77.62
CA GLY C 342 -14.73 -39.05 78.82
C GLY C 342 -14.63 -40.36 79.57
N ALA C 343 -14.87 -41.50 78.92
CA ALA C 343 -15.05 -42.75 79.66
C ALA C 343 -14.05 -43.78 79.16
N LEU C 344 -12.80 -43.58 79.57
CA LEU C 344 -11.71 -44.49 79.26
C LEU C 344 -11.57 -45.53 80.36
N SER C 345 -11.46 -46.79 79.95
CA SER C 345 -11.39 -47.90 80.89
C SER C 345 -10.02 -47.95 81.55
N GLU C 346 -10.01 -48.26 82.84
CA GLU C 346 -8.73 -48.39 83.55
C GLU C 346 -7.78 -49.31 82.82
N ALA C 347 -8.28 -50.44 82.37
CA ALA C 347 -7.43 -51.42 81.71
C ALA C 347 -7.63 -51.39 80.19
N ALA C 348 -7.49 -50.21 79.62
CA ALA C 348 -7.52 -50.06 78.17
C ALA C 348 -6.16 -50.45 77.62
N PRO C 349 -6.09 -51.36 76.64
CA PRO C 349 -4.79 -51.83 76.19
C PRO C 349 -3.99 -50.70 75.56
N PRO C 350 -2.67 -50.71 75.73
CA PRO C 350 -1.85 -49.71 75.06
C PRO C 350 -2.14 -49.65 73.57
N GLY C 351 -2.46 -48.45 73.09
CA GLY C 351 -2.84 -48.24 71.71
C GLY C 351 -4.32 -47.98 71.50
N THR C 352 -5.12 -47.94 72.56
CA THR C 352 -6.53 -47.60 72.44
C THR C 352 -6.68 -46.22 71.80
N VAL C 353 -7.50 -46.15 70.74
CA VAL C 353 -7.74 -44.88 70.06
C VAL C 353 -8.62 -44.00 70.92
N ILE C 354 -8.24 -42.74 71.05
CA ILE C 354 -9.03 -41.78 71.80
C ILE C 354 -9.58 -40.67 70.91
N ALA C 355 -8.90 -40.33 69.81
CA ALA C 355 -9.41 -39.32 68.88
C ALA C 355 -8.63 -39.35 67.58
N LEU C 356 -9.26 -38.84 66.52
CA LEU C 356 -8.63 -38.64 65.22
C LEU C 356 -8.55 -37.15 64.93
N VAL C 357 -7.38 -36.71 64.44
CA VAL C 357 -7.16 -35.28 64.19
C VAL C 357 -6.48 -35.09 62.84
N ARG C 358 -6.71 -33.91 62.26
CA ARG C 358 -6.03 -33.42 61.08
C ARG C 358 -5.22 -32.19 61.46
N VAL C 359 -4.04 -32.06 60.86
CA VAL C 359 -3.28 -30.82 60.92
C VAL C 359 -3.01 -30.37 59.50
N THR C 360 -2.94 -29.06 59.30
CA THR C 360 -2.75 -28.53 57.95
C THR C 360 -1.95 -27.23 58.00
N ASP C 361 -1.36 -26.88 56.86
CA ASP C 361 -0.66 -25.61 56.71
C ASP C 361 -0.77 -25.19 55.26
N ARG C 362 -1.35 -24.02 55.01
CA ARG C 362 -1.56 -23.57 53.64
C ARG C 362 -0.26 -23.23 52.94
N ASP C 363 0.83 -23.04 53.68
CA ASP C 363 2.11 -22.74 53.07
C ASP C 363 2.64 -23.98 52.34
N SER C 364 3.75 -23.79 51.64
CA SER C 364 4.40 -24.85 50.87
C SER C 364 5.85 -24.97 51.29
N GLY C 365 6.43 -26.15 51.06
CA GLY C 365 7.81 -26.37 51.40
C GLY C 365 8.03 -26.50 52.91
N LYS C 366 9.21 -26.09 53.35
CA LYS C 366 9.52 -26.12 54.77
C LYS C 366 8.51 -25.32 55.58
N ASN C 367 8.01 -24.22 55.01
CA ASN C 367 7.04 -23.40 55.72
C ASN C 367 5.76 -24.19 56.02
N GLY C 368 5.46 -25.20 55.21
CA GLY C 368 4.29 -26.03 55.42
C GLY C 368 4.63 -27.43 55.91
N GLN C 369 5.86 -27.62 56.38
CA GLN C 369 6.30 -28.90 56.93
C GLN C 369 5.98 -28.95 58.42
N LEU C 370 5.16 -29.92 58.83
CA LEU C 370 4.61 -29.96 60.17
C LEU C 370 5.33 -30.98 61.05
N GLN C 371 5.31 -30.71 62.35
CA GLN C 371 5.68 -31.71 63.33
C GLN C 371 4.80 -31.49 64.55
N CYS C 372 4.13 -32.55 65.01
CA CYS C 372 3.16 -32.44 66.08
C CYS C 372 3.54 -33.34 67.24
N ARG C 373 3.12 -32.94 68.45
CA ARG C 373 3.40 -33.70 69.65
C ARG C 373 2.39 -33.32 70.72
N VAL C 374 2.24 -34.22 71.70
CA VAL C 374 1.37 -34.02 72.86
C VAL C 374 2.15 -33.27 73.94
N LEU C 375 1.40 -32.48 74.72
CA LEU C 375 2.01 -31.59 75.70
C LEU C 375 3.03 -32.30 76.58
N GLY C 376 2.68 -33.47 77.12
CA GLY C 376 3.55 -34.17 78.05
C GLY C 376 4.17 -35.46 77.52
N GLY C 377 3.37 -36.26 76.82
CA GLY C 377 3.82 -37.55 76.29
C GLY C 377 5.01 -37.49 75.35
N SER C 392 4.00 -35.35 82.18
CA SER C 392 4.05 -36.61 81.43
C SER C 392 2.71 -37.34 81.54
N VAL C 393 1.99 -37.41 80.43
CA VAL C 393 0.70 -38.10 80.38
C VAL C 393 0.80 -39.19 79.34
N PRO C 394 -0.07 -40.21 79.41
CA PRO C 394 0.12 -41.41 78.60
C PRO C 394 -0.68 -41.40 77.30
N PHE C 395 -0.24 -40.62 76.32
CA PHE C 395 -0.90 -40.61 75.02
C PHE C 395 0.17 -40.38 73.95
N LYS C 396 0.03 -41.10 72.83
CA LYS C 396 0.92 -40.92 71.69
C LYS C 396 0.12 -40.44 70.49
N LEU C 397 0.77 -39.61 69.66
CA LEU C 397 0.23 -39.18 68.39
C LEU C 397 0.84 -40.04 67.28
N GLU C 398 -0.01 -40.63 66.45
CA GLU C 398 0.40 -41.58 65.43
C GLU C 398 -0.06 -41.08 64.06
N GLU C 399 0.89 -40.67 63.24
CA GLU C 399 0.56 -40.17 61.90
C GLU C 399 0.33 -41.34 60.96
N ASN C 400 -0.88 -41.42 60.42
CA ASN C 400 -1.26 -42.50 59.52
C ASN C 400 -1.25 -42.08 58.06
N TYR C 401 -1.87 -40.95 57.74
CA TYR C 401 -2.03 -40.55 56.33
C TYR C 401 -1.54 -39.11 56.16
N ASP C 402 -1.54 -38.64 54.92
CA ASP C 402 -1.24 -37.24 54.67
C ASP C 402 -2.06 -36.37 55.60
N ASN C 403 -1.38 -35.71 56.56
CA ASN C 403 -2.03 -34.80 57.49
C ASN C 403 -3.09 -35.50 58.34
N PHE C 404 -2.89 -36.78 58.66
CA PHE C 404 -3.84 -37.53 59.46
C PHE C 404 -3.13 -38.32 60.55
N TYR C 405 -3.47 -38.00 61.79
CA TYR C 405 -2.85 -38.51 63.01
C TYR C 405 -3.93 -39.15 63.89
N THR C 406 -3.55 -40.22 64.58
CA THR C 406 -4.42 -40.86 65.56
C THR C 406 -3.78 -40.73 66.93
N VAL C 407 -4.48 -40.10 67.87
CA VAL C 407 -4.03 -40.01 69.24
C VAL C 407 -4.54 -41.23 69.99
N VAL C 408 -3.61 -42.04 70.50
CA VAL C 408 -3.92 -43.30 71.15
C VAL C 408 -3.30 -43.28 72.54
N THR C 409 -3.60 -44.33 73.32
CA THR C 409 -3.05 -44.46 74.66
C THR C 409 -1.61 -44.96 74.60
N ASP C 410 -0.77 -44.40 75.47
CA ASP C 410 0.66 -44.68 75.48
C ASP C 410 1.01 -45.90 76.32
N ARG C 411 0.45 -46.02 77.52
CA ARG C 411 0.85 -47.05 78.47
C ARG C 411 -0.37 -47.68 79.13
N PRO C 412 -0.19 -48.75 79.90
CA PRO C 412 -1.30 -49.24 80.73
C PRO C 412 -1.64 -48.19 81.77
N LEU C 413 -2.93 -48.02 82.03
CA LEU C 413 -3.40 -46.96 82.91
C LEU C 413 -3.69 -47.49 84.31
N ASP C 414 -2.77 -48.27 84.87
CA ASP C 414 -2.98 -48.90 86.17
C ASP C 414 -2.02 -48.40 87.25
N ARG C 415 -0.78 -48.05 86.91
CA ARG C 415 0.16 -47.55 87.91
C ARG C 415 0.04 -46.03 88.01
N GLU C 416 0.42 -45.33 86.94
CA GLU C 416 0.23 -43.88 86.86
C GLU C 416 -1.18 -43.62 86.32
N THR C 417 -2.16 -43.74 87.22
CA THR C 417 -3.56 -43.47 86.91
C THR C 417 -3.93 -42.07 87.36
N GLN C 418 -4.54 -41.31 86.45
CA GLN C 418 -5.03 -39.97 86.77
C GLN C 418 -6.53 -39.92 86.58
N ASP C 419 -7.21 -39.19 87.46
CA ASP C 419 -8.66 -39.09 87.39
C ASP C 419 -9.11 -38.45 86.07
N GLU C 420 -8.59 -37.26 85.75
CA GLU C 420 -8.94 -36.61 84.49
C GLU C 420 -7.68 -36.11 83.80
N TYR C 421 -7.75 -36.03 82.47
CA TYR C 421 -6.67 -35.58 81.62
C TYR C 421 -7.15 -34.41 80.76
N ASN C 422 -6.31 -33.38 80.67
CA ASN C 422 -6.52 -32.26 79.75
C ASN C 422 -5.48 -32.37 78.65
N VAL C 423 -5.75 -33.23 77.68
CA VAL C 423 -4.80 -33.47 76.59
C VAL C 423 -4.77 -32.24 75.69
N THR C 424 -3.55 -31.84 75.30
CA THR C 424 -3.36 -30.71 74.42
C THR C 424 -2.39 -31.11 73.31
N ILE C 425 -2.82 -30.90 72.07
CA ILE C 425 -2.00 -31.21 70.90
C ILE C 425 -1.30 -29.93 70.48
N VAL C 426 -0.07 -30.10 69.97
CA VAL C 426 0.75 -29.00 69.47
C VAL C 426 1.20 -29.34 68.06
N ALA C 427 0.99 -28.42 67.14
CA ALA C 427 1.52 -28.50 65.78
C ALA C 427 2.52 -27.36 65.58
N ARG C 428 3.61 -27.66 64.88
CA ARG C 428 4.71 -26.71 64.71
C ARG C 428 5.24 -26.84 63.28
N ASP C 429 5.20 -25.73 62.53
CA ASP C 429 5.67 -25.76 61.15
C ASP C 429 7.17 -25.48 61.09
N GLY C 430 7.75 -25.69 59.91
CA GLY C 430 9.18 -25.52 59.73
C GLY C 430 9.54 -24.23 59.03
N GLY C 431 8.98 -23.11 59.51
CA GLY C 431 9.23 -21.82 58.91
C GLY C 431 10.43 -21.11 59.52
N SER C 432 10.69 -19.91 59.00
CA SER C 432 11.78 -19.08 59.47
C SER C 432 11.32 -17.63 59.66
N PRO C 433 10.80 -17.29 60.86
CA PRO C 433 10.69 -18.16 62.04
C PRO C 433 9.51 -19.14 61.93
N PRO C 434 9.53 -20.19 62.74
CA PRO C 434 8.43 -21.17 62.71
C PRO C 434 7.18 -20.63 63.40
N LEU C 435 6.09 -21.36 63.19
CA LEU C 435 4.79 -21.04 63.78
C LEU C 435 4.21 -22.31 64.40
N ASN C 436 3.50 -22.15 65.51
CA ASN C 436 2.90 -23.28 66.20
C ASN C 436 1.51 -22.92 66.71
N SER C 437 0.64 -23.92 66.73
CA SER C 437 -0.71 -23.77 67.26
C SER C 437 -1.04 -24.99 68.11
N THR C 438 -1.96 -24.80 69.06
CA THR C 438 -2.30 -25.84 70.02
C THR C 438 -3.81 -25.97 70.10
N LYS C 439 -4.28 -27.13 70.60
CA LYS C 439 -5.72 -27.35 70.75
C LYS C 439 -5.94 -28.52 71.70
N SER C 440 -6.89 -28.35 72.63
CA SER C 440 -7.06 -29.28 73.74
C SER C 440 -8.42 -29.96 73.74
N PHE C 441 -8.46 -31.13 74.39
CA PHE C 441 -9.67 -31.88 74.68
C PHE C 441 -9.43 -32.66 75.97
N ALA C 442 -10.53 -33.00 76.66
CA ALA C 442 -10.46 -33.62 77.98
C ALA C 442 -11.01 -35.05 77.95
N ILE C 443 -10.41 -35.91 78.78
CA ILE C 443 -10.83 -37.32 78.89
C ILE C 443 -10.72 -37.73 80.35
N LYS C 444 -11.58 -38.67 80.77
CA LYS C 444 -11.59 -39.15 82.15
C LYS C 444 -11.39 -40.68 82.14
N ILE C 445 -10.97 -41.20 83.29
CA ILE C 445 -10.82 -42.65 83.50
C ILE C 445 -11.91 -43.14 84.45
N LEU C 446 -12.44 -44.33 84.15
CA LEU C 446 -13.47 -44.97 84.96
C LEU C 446 -12.74 -45.83 86.01
N ASP C 447 -12.28 -45.17 87.08
CA ASP C 447 -11.16 -45.65 87.87
C ASP C 447 -11.55 -46.35 89.16
N HIS C 448 -12.46 -45.81 89.96
CA HIS C 448 -12.74 -46.41 91.27
C HIS C 448 -14.23 -46.70 91.39
N HIS C 449 -14.57 -47.98 91.46
CA HIS C 449 -15.95 -48.42 91.52
C HIS C 449 -16.14 -49.44 92.63
N LEU D 1 -1.84 -54.70 59.76
CA LEU D 1 -2.51 -54.00 58.62
C LEU D 1 -2.00 -52.57 58.49
N LYS D 2 -0.78 -52.44 57.97
CA LYS D 2 -0.08 -51.16 57.89
C LYS D 2 0.25 -50.82 56.45
N ASN D 3 -0.02 -49.58 56.05
CA ASN D 3 0.29 -49.06 54.74
C ASN D 3 1.76 -48.61 54.66
N LEU D 4 2.30 -48.64 53.44
CA LEU D 4 3.65 -48.12 53.16
C LEU D 4 3.61 -47.17 51.97
N ASN D 5 4.28 -46.02 52.10
CA ASN D 5 4.35 -45.02 51.04
C ASN D 5 5.81 -44.81 50.64
N TYR D 6 6.14 -45.16 49.40
CA TYR D 6 7.46 -44.95 48.83
C TYR D 6 7.40 -43.82 47.80
N SER D 7 8.57 -43.31 47.44
CA SER D 7 8.66 -42.34 46.35
C SER D 7 10.05 -42.47 45.73
N VAL D 8 10.10 -42.58 44.41
CA VAL D 8 11.32 -43.00 43.73
C VAL D 8 11.47 -42.22 42.43
N PRO D 9 12.70 -41.82 42.04
CA PRO D 9 12.88 -41.15 40.76
C PRO D 9 12.49 -42.07 39.60
N GLU D 10 12.17 -41.45 38.47
CA GLU D 10 11.87 -42.20 37.26
C GLU D 10 13.17 -42.79 36.67
N GLU D 11 13.01 -43.47 35.55
CA GLU D 11 14.14 -44.12 34.86
C GLU D 11 14.99 -44.93 35.83
N GLN D 12 14.33 -45.64 36.75
CA GLN D 12 15.04 -46.57 37.61
C GLN D 12 15.59 -47.72 36.78
N GLY D 13 16.70 -48.29 37.24
CA GLY D 13 17.25 -49.44 36.57
C GLY D 13 16.34 -50.65 36.70
N ALA D 14 16.19 -51.38 35.61
CA ALA D 14 15.37 -52.58 35.62
C ALA D 14 15.92 -53.56 36.66
N GLY D 15 15.03 -54.06 37.51
CA GLY D 15 15.44 -54.89 38.62
C GLY D 15 15.97 -54.12 39.80
N THR D 16 15.59 -52.85 39.94
CA THR D 16 15.95 -52.06 41.10
C THR D 16 15.02 -52.41 42.27
N VAL D 17 15.61 -52.59 43.45
CA VAL D 17 14.83 -52.86 44.65
C VAL D 17 14.25 -51.53 45.12
N ILE D 18 12.92 -51.41 45.11
CA ILE D 18 12.27 -50.22 45.63
C ILE D 18 12.07 -50.31 47.14
N GLY D 19 11.58 -51.46 47.63
CA GLY D 19 11.28 -51.55 49.05
C GLY D 19 11.43 -52.96 49.57
N ASN D 20 11.38 -53.06 50.90
CA ASN D 20 11.40 -54.33 51.61
C ASN D 20 10.16 -54.34 52.51
N ILE D 21 9.09 -54.99 52.05
CA ILE D 21 7.83 -54.97 52.79
C ILE D 21 8.02 -55.60 54.16
N GLY D 22 8.62 -56.79 54.21
CA GLY D 22 8.76 -57.49 55.47
C GLY D 22 9.40 -56.63 56.54
N ARG D 23 10.53 -55.98 56.20
CA ARG D 23 11.23 -55.15 57.17
C ARG D 23 10.53 -53.83 57.40
N ASP D 24 10.02 -53.20 56.33
CA ASP D 24 9.49 -51.85 56.46
C ASP D 24 8.20 -51.83 57.28
N ALA D 25 7.36 -52.84 57.12
CA ALA D 25 6.09 -52.92 57.84
C ALA D 25 6.21 -53.68 59.16
N ARG D 26 7.38 -54.23 59.47
CA ARG D 26 7.63 -54.95 60.72
C ARG D 26 6.68 -56.13 60.88
N LEU D 27 6.80 -57.09 59.95
CA LEU D 27 6.00 -58.30 60.12
C LEU D 27 6.60 -59.20 61.19
N GLN D 28 5.91 -60.31 61.43
CA GLN D 28 6.24 -61.30 62.43
C GLN D 28 6.48 -62.65 61.76
N PRO D 29 7.39 -63.47 62.30
CA PRO D 29 7.55 -64.82 61.72
C PRO D 29 6.30 -65.68 61.84
N GLY D 30 5.54 -65.54 62.93
CA GLY D 30 4.32 -66.29 63.10
C GLY D 30 3.11 -65.60 62.52
N GLY D 45 7.74 -67.18 55.35
CA GLY D 45 7.57 -65.88 54.72
C GLY D 45 6.89 -65.97 53.37
N SER D 46 5.70 -65.39 53.28
CA SER D 46 4.91 -65.39 52.04
C SER D 46 4.45 -63.97 51.75
N TYR D 47 4.41 -63.62 50.46
CA TYR D 47 4.05 -62.27 50.04
C TYR D 47 3.29 -62.39 48.71
N ARG D 48 1.97 -62.52 48.80
CA ARG D 48 1.13 -62.62 47.62
C ARG D 48 0.67 -61.23 47.20
N VAL D 49 0.51 -61.04 45.89
CA VAL D 49 0.05 -59.78 45.33
C VAL D 49 -1.42 -59.96 44.97
N LEU D 50 -2.28 -59.19 45.64
CA LEU D 50 -3.72 -59.35 45.51
C LEU D 50 -4.30 -58.51 44.38
N GLU D 51 -4.45 -57.20 44.61
CA GLU D 51 -4.92 -56.27 43.60
C GLU D 51 -3.88 -55.17 43.48
N ASN D 52 -3.12 -55.17 42.39
CA ASN D 52 -2.02 -54.23 42.19
C ASN D 52 -2.34 -53.31 41.01
N SER D 53 -1.55 -52.24 40.87
CA SER D 53 -1.86 -51.24 39.87
C SER D 53 -1.29 -51.62 38.50
N ALA D 54 0.02 -51.83 38.41
CA ALA D 54 0.67 -52.18 37.16
C ALA D 54 1.58 -53.38 37.41
N PRO D 55 1.22 -54.58 36.98
CA PRO D 55 2.12 -55.72 37.17
C PRO D 55 3.35 -55.70 36.28
N HIS D 56 3.25 -55.10 35.09
CA HIS D 56 4.35 -55.06 34.14
C HIS D 56 5.46 -54.08 34.52
N LEU D 57 5.39 -53.40 35.66
CA LEU D 57 6.46 -52.51 36.09
C LEU D 57 6.91 -52.80 37.51
N LEU D 58 6.00 -53.28 38.35
CA LEU D 58 6.28 -53.50 39.76
C LEU D 58 5.89 -54.92 40.14
N ASP D 59 6.72 -55.58 40.95
CA ASP D 59 6.35 -56.89 41.44
C ASP D 59 7.06 -57.16 42.76
N VAL D 60 6.45 -58.02 43.57
CA VAL D 60 6.97 -58.38 44.89
C VAL D 60 7.40 -59.84 44.84
N ASP D 61 8.60 -60.11 45.35
CA ASP D 61 9.10 -61.48 45.42
C ASP D 61 8.36 -62.23 46.52
N ALA D 62 7.78 -63.38 46.15
CA ALA D 62 6.86 -64.07 47.05
C ALA D 62 7.51 -64.43 48.38
N ASP D 63 8.74 -64.94 48.33
CA ASP D 63 9.39 -65.50 49.51
C ASP D 63 10.39 -64.57 50.17
N SER D 64 10.57 -63.35 49.65
CA SER D 64 11.46 -62.38 50.28
C SER D 64 10.76 -61.10 50.70
N GLY D 65 9.58 -60.79 50.15
CA GLY D 65 8.90 -59.57 50.51
C GLY D 65 9.54 -58.32 49.96
N LEU D 66 10.30 -58.43 48.88
CA LEU D 66 10.99 -57.30 48.28
C LEU D 66 10.21 -56.78 47.09
N LEU D 67 9.99 -55.47 47.05
CA LEU D 67 9.29 -54.80 45.96
C LEU D 67 10.32 -54.26 44.98
N TYR D 68 10.27 -54.76 43.74
CA TYR D 68 11.25 -54.45 42.72
C TYR D 68 10.57 -54.01 41.42
N THR D 69 11.37 -53.29 40.63
CA THR D 69 10.94 -52.83 39.31
C THR D 69 11.06 -53.95 38.29
N LYS D 70 10.02 -54.11 37.47
CA LYS D 70 10.00 -55.10 36.41
C LYS D 70 10.60 -54.58 35.11
N GLN D 71 10.47 -53.27 34.88
CA GLN D 71 11.11 -52.59 33.76
C GLN D 71 11.54 -51.22 34.22
N ARG D 72 12.14 -50.45 33.32
CA ARG D 72 12.36 -49.04 33.59
C ARG D 72 11.02 -48.33 33.67
N ILE D 73 11.00 -47.23 34.43
CA ILE D 73 9.76 -46.48 34.64
C ILE D 73 9.98 -45.06 34.14
N ASP D 74 9.23 -44.68 33.11
CA ASP D 74 9.29 -43.34 32.52
C ASP D 74 8.07 -42.56 32.97
N ARG D 75 8.26 -41.62 33.90
CA ARG D 75 7.14 -40.85 34.42
C ARG D 75 6.42 -40.10 33.30
N GLU D 76 7.14 -39.71 32.24
CA GLU D 76 6.49 -39.03 31.13
C GLU D 76 5.53 -39.95 30.38
N SER D 77 5.91 -41.22 30.20
CA SER D 77 5.05 -42.16 29.49
C SER D 77 3.86 -42.57 30.34
N LEU D 78 4.00 -42.59 31.66
CA LEU D 78 2.91 -42.97 32.54
C LEU D 78 1.94 -41.82 32.77
N CYS D 79 2.44 -40.71 33.31
CA CYS D 79 1.60 -39.64 33.85
C CYS D 79 1.72 -38.34 33.08
N ARG D 80 2.46 -38.31 31.97
CA ARG D 80 2.55 -37.13 31.13
C ARG D 80 3.01 -35.92 31.92
N HIS D 81 2.15 -34.90 32.07
CA HIS D 81 2.50 -33.67 32.76
C HIS D 81 1.99 -33.63 34.20
N ASN D 82 1.32 -34.68 34.67
CA ASN D 82 0.71 -34.66 35.99
C ASN D 82 1.74 -34.36 37.07
N ALA D 83 1.40 -33.43 37.97
CA ALA D 83 2.30 -33.08 39.06
C ALA D 83 2.54 -34.26 40.00
N LYS D 84 1.49 -35.00 40.32
CA LYS D 84 1.61 -36.23 41.09
C LYS D 84 1.37 -37.46 40.21
N CYS D 85 2.19 -38.48 40.41
CA CYS D 85 2.18 -39.70 39.61
C CYS D 85 2.38 -40.87 40.55
N GLN D 86 1.33 -41.66 40.78
CA GLN D 86 1.31 -42.62 41.87
C GLN D 86 0.93 -44.01 41.34
N LEU D 87 1.47 -45.04 42.01
CA LEU D 87 1.15 -46.43 41.71
C LEU D 87 0.70 -47.14 42.98
N SER D 88 -0.37 -47.92 42.86
CA SER D 88 -0.96 -48.66 43.96
C SER D 88 -0.53 -50.13 43.91
N LEU D 89 -0.57 -50.76 45.07
CA LEU D 89 -0.17 -52.15 45.22
C LEU D 89 -0.77 -52.71 46.49
N GLU D 90 -1.37 -53.90 46.40
CA GLU D 90 -2.00 -54.59 47.51
C GLU D 90 -1.34 -55.95 47.64
N VAL D 91 -0.62 -56.18 48.74
CA VAL D 91 0.02 -57.47 48.93
C VAL D 91 -0.59 -58.16 50.15
N PHE D 92 -0.31 -59.45 50.25
CA PHE D 92 -0.71 -60.29 51.36
C PHE D 92 0.54 -60.87 51.98
N ALA D 93 0.62 -60.80 53.30
CA ALA D 93 1.82 -61.23 53.99
C ALA D 93 1.47 -62.36 54.93
N ASN D 94 2.51 -63.08 55.35
CA ASN D 94 2.36 -64.33 56.06
C ASN D 94 1.31 -64.23 57.15
N ASP D 95 0.36 -65.15 57.12
CA ASP D 95 -0.67 -65.25 58.15
C ASP D 95 -1.57 -64.01 58.17
N LYS D 96 -2.17 -63.74 57.02
CA LYS D 96 -3.30 -62.82 56.91
C LYS D 96 -2.89 -61.38 57.28
N GLU D 97 -1.91 -60.84 56.56
CA GLU D 97 -1.57 -59.43 56.76
C GLU D 97 -1.65 -58.67 55.43
N ILE D 98 -2.80 -58.05 55.16
CA ILE D 98 -2.92 -57.18 54.01
C ILE D 98 -1.99 -55.99 54.19
N CYS D 99 -1.33 -55.59 53.11
CA CYS D 99 -0.45 -54.43 53.13
C CYS D 99 -0.81 -53.55 51.94
N MET D 100 -0.85 -52.24 52.19
CA MET D 100 -1.14 -51.25 51.18
C MET D 100 0.15 -50.50 50.87
N ILE D 101 0.70 -50.78 49.70
CA ILE D 101 1.90 -50.12 49.20
C ILE D 101 1.45 -49.10 48.16
N LYS D 102 1.95 -47.88 48.27
CA LYS D 102 1.73 -46.88 47.23
C LYS D 102 3.03 -46.13 47.02
N VAL D 103 3.49 -46.06 45.78
CA VAL D 103 4.80 -45.53 45.47
C VAL D 103 4.64 -44.43 44.42
N GLU D 104 5.16 -43.25 44.71
CA GLU D 104 5.12 -42.13 43.78
C GLU D 104 6.38 -42.14 42.93
N ILE D 105 6.21 -41.76 41.66
CA ILE D 105 7.31 -41.73 40.71
C ILE D 105 7.67 -40.26 40.48
N GLN D 106 8.87 -39.87 40.89
CA GLN D 106 9.30 -38.50 40.79
C GLN D 106 9.84 -38.19 39.40
N ASP D 107 9.62 -36.96 38.95
CA ASP D 107 10.12 -36.50 37.67
C ASP D 107 11.57 -36.07 37.78
N ILE D 108 12.30 -36.26 36.69
CA ILE D 108 13.64 -35.73 36.54
C ILE D 108 13.73 -35.08 35.18
N ASN D 109 14.58 -34.07 35.05
CA ASN D 109 14.73 -33.33 33.80
C ASN D 109 15.61 -34.17 32.86
N ASP D 110 15.06 -35.30 32.45
CA ASP D 110 15.73 -36.22 31.53
C ASP D 110 15.31 -36.00 30.09
N ASN D 111 14.61 -34.91 29.80
CA ASN D 111 14.22 -34.56 28.44
C ASN D 111 14.52 -33.09 28.21
N ALA D 112 14.97 -32.78 27.02
CA ALA D 112 15.15 -31.42 26.57
C ALA D 112 14.01 -31.02 25.65
N PRO D 113 13.74 -29.73 25.48
CA PRO D 113 12.78 -29.33 24.45
C PRO D 113 13.30 -29.79 23.10
N SER D 114 12.38 -30.12 22.21
CA SER D 114 12.76 -30.68 20.92
C SER D 114 11.90 -30.08 19.82
N PHE D 115 12.53 -29.76 18.71
CA PHE D 115 11.86 -29.24 17.54
C PHE D 115 11.65 -30.36 16.52
N SER D 116 10.65 -30.18 15.66
CA SER D 116 10.38 -31.17 14.64
C SER D 116 11.51 -31.28 13.61
N SER D 117 12.44 -30.33 13.62
CA SER D 117 13.59 -30.38 12.71
C SER D 117 14.74 -29.60 13.34
N ASP D 118 15.88 -29.64 12.66
CA ASP D 118 17.04 -28.84 13.01
C ASP D 118 17.18 -27.61 12.12
N GLN D 119 16.41 -27.53 11.04
CA GLN D 119 16.45 -26.39 10.13
C GLN D 119 15.06 -26.15 9.58
N ILE D 120 14.60 -24.90 9.65
CA ILE D 120 13.44 -24.46 8.88
C ILE D 120 13.94 -23.47 7.85
N GLU D 121 13.21 -23.36 6.75
CA GLU D 121 13.50 -22.39 5.72
C GLU D 121 12.23 -21.62 5.43
N MET D 122 12.35 -20.30 5.27
CA MET D 122 11.20 -19.44 5.10
C MET D 122 11.33 -18.62 3.83
N ASP D 123 10.19 -18.15 3.34
CA ASP D 123 10.11 -17.31 2.15
C ASP D 123 9.42 -16.01 2.54
N ILE D 124 10.21 -14.98 2.80
CA ILE D 124 9.72 -13.66 3.21
C ILE D 124 10.02 -12.69 2.08
N SER D 125 8.98 -12.03 1.58
CA SER D 125 9.17 -11.00 0.58
C SER D 125 9.75 -9.75 1.23
N GLU D 126 10.68 -9.10 0.52
CA GLU D 126 11.24 -7.86 1.02
C GLU D 126 10.17 -6.79 1.22
N ASN D 127 8.98 -7.00 0.68
CA ASN D 127 7.86 -6.07 0.82
C ASN D 127 7.17 -6.20 2.17
N ALA D 128 7.64 -7.08 3.05
CA ALA D 128 6.98 -7.33 4.32
C ALA D 128 7.03 -6.08 5.20
N ALA D 129 5.87 -5.61 5.62
CA ALA D 129 5.80 -4.39 6.42
C ALA D 129 6.46 -4.60 7.77
N PRO D 130 7.22 -3.62 8.27
CA PRO D 130 7.75 -3.73 9.63
C PRO D 130 6.64 -3.98 10.63
N GLY D 131 6.88 -4.92 11.56
CA GLY D 131 5.89 -5.34 12.52
C GLY D 131 5.24 -6.67 12.18
N THR D 132 5.21 -7.03 10.90
CA THR D 132 4.59 -8.28 10.47
C THR D 132 5.22 -9.44 11.22
N ARG D 133 4.39 -10.44 11.54
CA ARG D 133 4.84 -11.58 12.32
C ARG D 133 4.56 -12.87 11.56
N PHE D 134 5.46 -13.85 11.70
CA PHE D 134 5.45 -15.05 10.89
C PHE D 134 5.49 -16.30 11.75
N PRO D 135 4.68 -17.32 11.45
CA PRO D 135 4.74 -18.56 12.21
C PRO D 135 6.15 -19.14 12.29
N LEU D 136 6.38 -19.90 13.36
CA LEU D 136 7.58 -20.71 13.53
C LEU D 136 7.18 -21.99 14.24
N THR D 137 7.91 -23.06 13.97
CA THR D 137 7.63 -24.32 14.64
C THR D 137 7.98 -24.21 16.12
N SER D 138 7.10 -24.72 16.97
CA SER D 138 7.33 -24.71 18.41
C SER D 138 8.05 -25.99 18.83
N ALA D 139 8.67 -25.92 20.00
CA ALA D 139 9.31 -27.06 20.62
C ALA D 139 8.40 -27.65 21.69
N HIS D 140 8.72 -28.87 22.10
CA HIS D 140 7.93 -29.59 23.08
C HIS D 140 8.85 -30.24 24.11
N ASP D 141 8.54 -30.01 25.39
CA ASP D 141 9.24 -30.66 26.48
C ASP D 141 8.25 -31.56 27.21
N PRO D 142 8.46 -32.88 27.25
CA PRO D 142 7.50 -33.75 27.95
C PRO D 142 7.60 -33.66 29.45
N ASP D 143 8.74 -33.23 29.99
CA ASP D 143 8.92 -33.15 31.43
C ASP D 143 7.80 -32.32 32.06
N ALA D 144 7.67 -32.46 33.37
CA ALA D 144 6.55 -31.90 34.11
C ALA D 144 6.99 -30.69 34.93
N GLY D 145 6.07 -29.76 35.10
CA GLY D 145 6.31 -28.61 35.95
C GLY D 145 7.50 -27.81 35.46
N GLU D 146 8.36 -27.42 36.39
CA GLU D 146 9.48 -26.54 36.07
C GLU D 146 10.50 -27.17 35.13
N ASN D 147 10.43 -28.47 34.88
CA ASN D 147 11.37 -29.10 33.94
C ASN D 147 10.89 -29.00 32.49
N GLY D 148 9.70 -28.45 32.25
CA GLY D 148 9.19 -28.27 30.92
C GLY D 148 9.64 -26.98 30.27
N LEU D 149 9.05 -26.71 29.11
CA LEU D 149 9.47 -25.57 28.29
C LEU D 149 9.31 -24.27 29.06
N ARG D 150 10.38 -23.48 29.11
CA ARG D 150 10.38 -22.21 29.82
C ARG D 150 10.15 -21.03 28.88
N THR D 151 11.01 -20.85 27.88
CA THR D 151 10.83 -19.75 26.94
C THR D 151 11.66 -20.00 25.69
N TYR D 152 11.48 -19.12 24.71
CA TYR D 152 12.29 -19.12 23.50
C TYR D 152 13.16 -17.87 23.48
N LEU D 153 14.28 -17.97 22.77
CA LEU D 153 15.19 -16.85 22.60
C LEU D 153 15.75 -16.89 21.19
N LEU D 154 15.92 -15.71 20.60
CA LEU D 154 16.47 -15.60 19.27
C LEU D 154 17.93 -15.19 19.34
N THR D 155 18.67 -15.65 18.36
CA THR D 155 20.03 -15.23 18.07
C THR D 155 19.89 -14.55 16.72
N ARG D 156 19.66 -13.23 16.79
CA ARG D 156 19.51 -12.36 15.63
C ARG D 156 20.92 -11.87 15.30
N ASP D 157 21.57 -12.53 14.36
CA ASP D 157 22.97 -12.19 14.12
C ASP D 157 23.12 -10.90 13.34
N ASP D 158 22.08 -10.49 12.59
CA ASP D 158 22.15 -9.28 11.77
C ASP D 158 21.89 -8.02 12.58
N HIS D 159 22.08 -8.07 13.90
CA HIS D 159 21.98 -6.89 14.75
C HIS D 159 20.58 -6.27 14.67
N GLY D 160 19.60 -7.07 15.11
CA GLY D 160 18.25 -6.58 15.32
C GLY D 160 17.47 -6.26 14.07
N LEU D 161 17.70 -6.99 12.98
CA LEU D 161 16.79 -6.90 11.84
C LEU D 161 15.49 -7.63 12.16
N PHE D 162 15.62 -8.83 12.71
CA PHE D 162 14.52 -9.69 13.10
C PHE D 162 14.39 -9.71 14.61
N GLY D 163 13.16 -9.84 15.08
CA GLY D 163 12.86 -10.01 16.49
C GLY D 163 12.01 -11.25 16.71
N LEU D 164 11.63 -11.44 17.97
CA LEU D 164 10.89 -12.63 18.38
C LEU D 164 9.70 -12.22 19.22
N ASP D 165 8.55 -12.81 18.93
CA ASP D 165 7.38 -12.68 19.80
C ASP D 165 7.06 -14.04 20.38
N VAL D 166 6.85 -14.08 21.69
CA VAL D 166 6.56 -15.30 22.43
C VAL D 166 5.16 -15.16 23.00
N LYS D 167 4.32 -16.15 22.76
CA LYS D 167 2.94 -16.10 23.24
C LYS D 167 2.55 -17.42 23.87
N SER D 168 1.72 -17.32 24.90
CA SER D 168 1.25 -18.47 25.66
C SER D 168 0.06 -19.11 24.97
N ARG D 169 -0.22 -20.35 25.35
CA ARG D 169 -1.38 -21.04 24.80
C ARG D 169 -2.35 -21.38 25.94
N GLY D 170 -3.41 -22.12 25.59
CA GLY D 170 -4.44 -22.44 26.57
C GLY D 170 -3.93 -23.30 27.71
N ASP D 171 -3.12 -24.30 27.41
CA ASP D 171 -2.65 -25.23 28.45
C ASP D 171 -1.38 -24.79 29.15
N GLY D 172 -0.81 -23.65 28.79
CA GLY D 172 0.36 -23.13 29.46
C GLY D 172 1.68 -23.36 28.76
N THR D 173 1.66 -23.96 27.56
CA THR D 173 2.84 -24.06 26.72
C THR D 173 2.90 -22.85 25.80
N LYS D 174 4.11 -22.51 25.37
CA LYS D 174 4.34 -21.29 24.62
C LYS D 174 4.80 -21.59 23.20
N PHE D 175 4.50 -20.67 22.29
CA PHE D 175 4.98 -20.77 20.92
C PHE D 175 5.61 -19.46 20.49
N PRO D 176 6.54 -19.51 19.53
CA PRO D 176 7.18 -18.29 19.04
C PRO D 176 6.70 -17.89 17.66
N GLU D 177 7.03 -16.68 17.24
CA GLU D 177 6.87 -16.30 15.84
C GLU D 177 7.75 -15.09 15.57
N LEU D 178 8.28 -15.05 14.34
CA LEU D 178 9.25 -14.03 13.95
C LEU D 178 8.58 -12.67 13.81
N VAL D 179 9.32 -11.63 14.15
CA VAL D 179 8.89 -10.25 13.94
C VAL D 179 9.89 -9.57 13.02
N ILE D 180 9.39 -8.71 12.14
CA ILE D 180 10.23 -7.90 11.28
C ILE D 180 10.31 -6.52 11.92
N GLN D 181 11.40 -6.26 12.65
CA GLN D 181 11.52 -5.03 13.40
C GLN D 181 11.81 -3.83 12.51
N LYS D 182 12.50 -4.04 11.39
CA LYS D 182 12.68 -3.01 10.39
C LYS D 182 12.65 -3.66 9.01
N ALA D 183 12.41 -2.83 7.99
CA ALA D 183 12.15 -3.34 6.66
C ALA D 183 13.32 -4.17 6.13
N LEU D 184 13.02 -4.99 5.13
CA LEU D 184 14.00 -5.82 4.45
C LEU D 184 14.26 -5.27 3.05
N ASP D 185 15.41 -5.66 2.49
CA ASP D 185 15.74 -5.29 1.12
C ASP D 185 16.53 -6.43 0.51
N ARG D 186 15.93 -7.11 -0.47
CA ARG D 186 16.63 -8.20 -1.16
C ARG D 186 17.89 -7.69 -1.83
N GLU D 187 17.78 -6.59 -2.57
CA GLU D 187 18.92 -6.07 -3.32
C GLU D 187 20.07 -5.67 -2.42
N GLN D 188 19.86 -5.59 -1.11
CA GLN D 188 20.95 -5.35 -0.17
C GLN D 188 21.45 -6.61 0.51
N GLN D 189 20.57 -7.60 0.73
CA GLN D 189 20.99 -8.89 1.26
C GLN D 189 19.95 -9.94 0.85
N ASN D 190 20.39 -10.93 0.09
CA ASN D 190 19.44 -11.87 -0.52
C ASN D 190 18.95 -12.94 0.45
N HIS D 191 19.81 -13.38 1.37
CA HIS D 191 19.48 -14.45 2.30
C HIS D 191 19.84 -14.03 3.72
N HIS D 192 19.10 -14.57 4.70
CA HIS D 192 19.51 -14.45 6.09
C HIS D 192 19.42 -15.81 6.76
N THR D 193 20.18 -15.97 7.85
CA THR D 193 20.10 -17.15 8.70
C THR D 193 20.22 -16.72 10.15
N LEU D 194 19.24 -17.10 10.96
CA LEU D 194 19.21 -16.73 12.37
C LEU D 194 18.70 -17.91 13.18
N VAL D 195 19.12 -18.01 14.45
CA VAL D 195 18.94 -19.25 15.22
C VAL D 195 17.93 -19.03 16.34
N LEU D 196 16.94 -19.92 16.41
CA LEU D 196 15.92 -19.90 17.45
C LEU D 196 16.18 -21.04 18.42
N THR D 197 16.30 -20.72 19.72
CA THR D 197 16.53 -21.74 20.74
C THR D 197 15.38 -21.76 21.73
N ALA D 198 15.06 -22.97 22.21
CA ALA D 198 14.04 -23.20 23.24
C ALA D 198 14.74 -23.67 24.51
N LEU D 199 14.39 -23.03 25.63
CA LEU D 199 14.95 -23.31 26.94
C LEU D 199 13.86 -23.82 27.87
N ASP D 200 14.17 -24.88 28.63
CA ASP D 200 13.28 -25.38 29.67
C ASP D 200 13.80 -24.91 31.03
N GLY D 201 13.03 -25.18 32.08
CA GLY D 201 13.46 -24.86 33.42
C GLY D 201 14.42 -25.89 33.99
N GLY D 202 14.32 -26.17 35.28
CA GLY D 202 15.16 -27.18 35.90
C GLY D 202 16.58 -26.71 36.10
N GLU D 203 17.27 -27.24 37.13
CA GLU D 203 18.59 -26.72 37.46
C GLU D 203 19.60 -27.14 36.40
N PRO D 204 19.47 -28.33 35.82
CA PRO D 204 20.16 -28.59 34.54
C PRO D 204 19.35 -28.03 33.38
N PRO D 205 19.65 -26.80 32.94
CA PRO D 205 18.80 -26.18 31.92
C PRO D 205 18.99 -26.85 30.57
N ARG D 206 17.94 -27.48 30.07
CA ARG D 206 18.00 -28.13 28.78
C ARG D 206 17.58 -27.15 27.69
N SER D 207 18.24 -27.24 26.54
CA SER D 207 18.02 -26.30 25.45
C SER D 207 18.11 -27.03 24.12
N ALA D 208 17.47 -26.46 23.10
CA ALA D 208 17.58 -27.00 21.75
C ALA D 208 17.42 -25.89 20.73
N THR D 209 18.19 -25.95 19.65
CA THR D 209 18.27 -24.87 18.67
C THR D 209 17.74 -25.34 17.33
N VAL D 210 17.37 -24.37 16.50
CA VAL D 210 16.94 -24.61 15.13
C VAL D 210 17.43 -23.44 14.28
N GLN D 211 17.95 -23.75 13.10
CA GLN D 211 18.34 -22.71 12.16
C GLN D 211 17.14 -22.30 11.33
N ILE D 212 16.92 -21.00 11.22
CA ILE D 212 15.91 -20.43 10.34
C ILE D 212 16.67 -19.79 9.18
N ASN D 213 16.53 -20.38 8.00
CA ASN D 213 17.17 -19.90 6.79
C ASN D 213 16.09 -19.23 5.94
N VAL D 214 16.11 -17.91 5.91
CA VAL D 214 15.03 -17.12 5.30
C VAL D 214 15.51 -16.60 3.96
N LYS D 215 14.78 -16.96 2.92
CA LYS D 215 14.99 -16.49 1.56
C LYS D 215 14.21 -15.19 1.36
N VAL D 216 14.92 -14.11 1.02
CA VAL D 216 14.29 -12.82 0.82
C VAL D 216 13.82 -12.75 -0.64
N ILE D 217 12.51 -12.71 -0.84
CA ILE D 217 11.95 -12.71 -2.19
C ILE D 217 12.00 -11.31 -2.75
N ASP D 218 12.03 -11.21 -4.08
CA ASP D 218 12.09 -9.92 -4.74
C ASP D 218 10.69 -9.32 -4.87
N SER D 219 10.58 -8.04 -4.55
CA SER D 219 9.43 -7.22 -4.93
C SER D 219 9.91 -6.15 -5.89
N ASN D 220 9.09 -5.85 -6.89
CA ASN D 220 9.46 -4.93 -7.97
C ASN D 220 9.56 -3.52 -7.40
N ASP D 221 10.71 -3.24 -6.77
CA ASP D 221 10.94 -1.95 -6.11
C ASP D 221 12.15 -1.23 -6.69
N ASN D 222 12.43 -1.41 -7.98
CA ASN D 222 13.49 -0.67 -8.64
C ASN D 222 13.06 -0.33 -10.05
N SER D 223 13.12 0.96 -10.38
CA SER D 223 12.84 1.43 -11.73
C SER D 223 14.01 1.15 -12.65
N PRO D 224 13.77 0.98 -13.96
CA PRO D 224 14.88 1.01 -14.91
C PRO D 224 15.59 2.35 -14.87
N VAL D 225 16.83 2.36 -15.34
CA VAL D 225 17.65 3.57 -15.31
C VAL D 225 18.48 3.62 -16.59
N PHE D 226 18.22 4.61 -17.43
CA PHE D 226 19.05 4.83 -18.60
C PHE D 226 20.40 5.40 -18.21
N GLU D 227 21.43 5.00 -18.96
CA GLU D 227 22.78 5.48 -18.69
C GLU D 227 22.83 7.00 -18.58
N ALA D 228 22.03 7.69 -19.40
CA ALA D 228 21.97 9.14 -19.37
C ALA D 228 20.59 9.60 -19.82
N PRO D 229 20.06 10.69 -19.24
CA PRO D 229 18.69 11.09 -19.60
C PRO D 229 18.54 11.59 -21.02
N SER D 230 19.61 12.11 -21.63
CA SER D 230 19.51 12.74 -22.94
C SER D 230 20.70 12.37 -23.80
N TYR D 231 20.46 12.27 -25.11
CA TYR D 231 21.51 12.03 -26.09
C TYR D 231 21.28 12.93 -27.28
N LEU D 232 22.36 13.20 -28.02
CA LEU D 232 22.30 13.98 -29.25
C LEU D 232 23.15 13.29 -30.30
N VAL D 233 22.54 12.96 -31.43
CA VAL D 233 23.18 12.17 -32.47
C VAL D 233 23.07 12.93 -33.79
N GLU D 234 24.19 13.07 -34.49
CA GLU D 234 24.23 13.68 -35.80
C GLU D 234 24.20 12.58 -36.87
N LEU D 235 23.39 12.80 -37.90
CA LEU D 235 23.33 11.89 -39.03
C LEU D 235 23.30 12.67 -40.32
N PRO D 236 23.91 12.15 -41.39
CA PRO D 236 23.80 12.81 -42.70
C PRO D 236 22.45 12.49 -43.32
N GLU D 237 21.80 13.52 -43.88
CA GLU D 237 20.49 13.33 -44.47
C GLU D 237 20.57 12.24 -45.54
N ASN D 238 19.41 11.65 -45.83
CA ASN D 238 19.32 10.57 -46.80
C ASN D 238 20.21 9.39 -46.42
N ALA D 239 20.38 9.17 -45.12
CA ALA D 239 21.24 8.10 -44.65
C ALA D 239 20.68 6.74 -45.11
N PRO D 240 21.56 5.76 -45.33
CA PRO D 240 21.09 4.48 -45.87
C PRO D 240 20.28 3.69 -44.85
N LEU D 241 19.29 2.95 -45.35
CA LEU D 241 18.43 2.17 -44.49
C LEU D 241 19.24 1.26 -43.58
N GLY D 242 18.81 1.14 -42.34
CA GLY D 242 19.47 0.27 -41.37
C GLY D 242 20.64 0.89 -40.65
N THR D 243 21.03 2.12 -40.99
CA THR D 243 22.14 2.77 -40.29
C THR D 243 21.82 2.86 -38.81
N VAL D 244 22.82 2.54 -37.98
CA VAL D 244 22.63 2.52 -36.54
C VAL D 244 22.59 3.95 -36.03
N VAL D 245 21.56 4.28 -35.26
CA VAL D 245 21.45 5.60 -34.66
C VAL D 245 22.09 5.56 -33.28
N ILE D 246 21.63 4.65 -32.43
CA ILE D 246 22.16 4.59 -31.06
C ILE D 246 21.74 3.31 -30.36
N ASP D 247 22.57 2.82 -29.44
CA ASP D 247 22.22 1.67 -28.61
C ASP D 247 22.01 2.17 -27.18
N LEU D 248 20.74 2.30 -26.79
CA LEU D 248 20.40 2.67 -25.43
C LEU D 248 20.57 1.48 -24.50
N ASN D 249 20.91 1.77 -23.25
CA ASN D 249 21.07 0.74 -22.23
C ASN D 249 20.42 1.22 -20.95
N ALA D 250 19.41 0.48 -20.49
CA ALA D 250 18.74 0.74 -19.22
C ALA D 250 18.87 -0.50 -18.33
N THR D 251 19.00 -0.27 -17.03
CA THR D 251 19.26 -1.35 -16.09
C THR D 251 18.26 -1.30 -14.94
N ASP D 252 17.73 -2.46 -14.59
CA ASP D 252 16.83 -2.62 -13.45
C ASP D 252 17.47 -3.59 -12.46
N ALA D 253 17.62 -3.15 -11.21
CA ALA D 253 18.34 -3.93 -10.21
C ALA D 253 17.48 -5.05 -9.60
N ASP D 254 16.28 -5.27 -10.10
CA ASP D 254 15.42 -6.33 -9.58
C ASP D 254 15.74 -7.67 -10.24
N GLU D 255 15.01 -8.70 -9.82
CA GLU D 255 15.21 -10.07 -10.29
C GLU D 255 14.18 -10.41 -11.36
N GLY D 256 14.53 -11.40 -12.18
CA GLY D 256 13.61 -11.98 -13.14
C GLY D 256 12.87 -10.95 -13.95
N PRO D 257 11.59 -11.19 -14.25
CA PRO D 257 10.82 -10.18 -14.99
C PRO D 257 10.83 -8.82 -14.33
N ASN D 258 10.85 -8.74 -13.00
CA ASN D 258 10.91 -7.45 -12.33
C ASN D 258 12.12 -6.64 -12.77
N GLY D 259 13.20 -7.32 -13.14
CA GLY D 259 14.40 -6.65 -13.62
C GLY D 259 14.69 -6.96 -15.07
N GLU D 260 13.63 -7.17 -15.86
CA GLU D 260 13.76 -7.45 -17.29
C GLU D 260 13.23 -6.24 -18.05
N VAL D 261 14.13 -5.53 -18.72
CA VAL D 261 13.82 -4.26 -19.37
C VAL D 261 13.25 -4.50 -20.76
N LEU D 262 12.24 -3.70 -21.11
CA LEU D 262 11.65 -3.66 -22.44
C LEU D 262 11.63 -2.21 -22.90
N TYR D 263 12.20 -1.96 -24.08
CA TYR D 263 12.26 -0.63 -24.67
C TYR D 263 11.12 -0.45 -25.66
N SER D 264 10.67 0.80 -25.80
CA SER D 264 9.66 1.11 -26.80
C SER D 264 9.61 2.61 -27.00
N PHE D 265 9.01 3.02 -28.12
CA PHE D 265 8.77 4.43 -28.35
C PHE D 265 7.67 4.91 -27.41
N SER D 266 7.87 6.10 -26.84
CA SER D 266 6.89 6.65 -25.91
C SER D 266 5.58 6.91 -26.65
N SER D 267 4.52 7.15 -25.88
CA SER D 267 3.21 7.37 -26.49
C SER D 267 3.15 8.67 -27.28
N TYR D 268 3.90 9.71 -26.88
CA TYR D 268 3.78 11.01 -27.51
C TYR D 268 4.84 11.22 -28.59
N VAL D 269 5.37 10.14 -29.14
CA VAL D 269 6.23 10.24 -30.32
C VAL D 269 5.36 10.33 -31.57
N PRO D 270 5.61 11.26 -32.48
CA PRO D 270 4.75 11.41 -33.65
C PRO D 270 4.82 10.18 -34.54
N ASP D 271 3.76 10.01 -35.34
CA ASP D 271 3.74 8.89 -36.29
C ASP D 271 4.96 8.92 -37.19
N ARG D 272 5.20 10.06 -37.84
CA ARG D 272 6.31 10.21 -38.76
C ARG D 272 7.62 9.63 -38.21
N VAL D 273 7.99 10.04 -36.99
CA VAL D 273 9.19 9.49 -36.38
C VAL D 273 9.11 7.97 -36.31
N ARG D 274 7.94 7.45 -35.95
CA ARG D 274 7.77 5.99 -35.92
C ARG D 274 8.04 5.40 -37.29
N GLU D 275 7.67 6.10 -38.36
CA GLU D 275 8.01 5.66 -39.71
C GLU D 275 9.51 5.70 -39.95
N LEU D 276 10.19 6.70 -39.39
CA LEU D 276 11.58 6.97 -39.75
C LEU D 276 12.56 6.07 -38.99
N PHE D 277 12.22 5.62 -37.80
CA PHE D 277 13.16 4.91 -36.95
C PHE D 277 12.55 3.62 -36.44
N SER D 278 13.42 2.64 -36.16
CA SER D 278 13.02 1.37 -35.58
C SER D 278 13.89 1.11 -34.37
N ILE D 279 13.26 0.86 -33.22
CA ILE D 279 13.95 0.47 -32.01
C ILE D 279 13.63 -1.00 -31.73
N ASP D 280 14.66 -1.79 -31.52
CA ASP D 280 14.46 -3.20 -31.21
C ASP D 280 14.11 -3.34 -29.73
N PRO D 281 12.99 -3.98 -29.40
CA PRO D 281 12.48 -3.88 -28.02
C PRO D 281 13.42 -4.42 -26.95
N LYS D 282 14.27 -5.38 -27.29
CA LYS D 282 15.06 -6.11 -26.31
C LYS D 282 16.48 -5.60 -26.19
N THR D 283 17.12 -5.26 -27.31
CA THR D 283 18.45 -4.68 -27.27
C THR D 283 18.41 -3.22 -26.83
N GLY D 284 17.43 -2.47 -27.34
CA GLY D 284 17.43 -1.02 -27.21
C GLY D 284 18.15 -0.31 -28.33
N LEU D 285 18.29 -0.95 -29.49
CA LEU D 285 19.02 -0.39 -30.62
C LEU D 285 18.07 0.37 -31.54
N ILE D 286 18.37 1.64 -31.78
CA ILE D 286 17.59 2.49 -32.68
C ILE D 286 18.38 2.65 -33.97
N ARG D 287 17.73 2.30 -35.09
CA ARG D 287 18.33 2.32 -36.40
C ARG D 287 17.37 2.95 -37.39
N VAL D 288 17.93 3.40 -38.52
CA VAL D 288 17.16 4.15 -39.51
C VAL D 288 16.20 3.21 -40.24
N LYS D 289 14.98 3.70 -40.48
CA LYS D 289 13.96 2.94 -41.18
C LYS D 289 13.43 3.64 -42.42
N GLY D 290 13.68 4.95 -42.58
CA GLY D 290 13.27 5.67 -43.77
C GLY D 290 14.31 6.71 -44.13
N ASN D 291 14.08 7.37 -45.26
CA ASN D 291 15.02 8.38 -45.76
C ASN D 291 14.85 9.66 -44.96
N LEU D 292 15.95 10.15 -44.37
CA LEU D 292 15.93 11.31 -43.49
C LEU D 292 16.22 12.54 -44.34
N ASP D 293 15.18 13.26 -44.72
CA ASP D 293 15.30 14.44 -45.57
C ASP D 293 15.56 15.67 -44.70
N TYR D 294 16.71 16.31 -44.90
CA TYR D 294 17.02 17.53 -44.18
C TYR D 294 15.98 18.61 -44.47
N GLU D 295 15.57 18.74 -45.73
CA GLU D 295 14.61 19.78 -46.10
C GLU D 295 13.24 19.51 -45.50
N GLU D 296 12.93 18.27 -45.14
CA GLU D 296 11.69 17.98 -44.44
C GLU D 296 11.75 18.46 -43.00
N ASN D 297 12.82 18.09 -42.28
CA ASN D 297 12.91 18.42 -40.87
C ASN D 297 14.38 18.46 -40.47
N GLY D 298 14.79 19.57 -39.86
CA GLY D 298 16.19 19.74 -39.50
C GLY D 298 16.65 18.73 -38.45
N MET D 299 15.91 18.61 -37.36
CA MET D 299 16.25 17.64 -36.33
C MET D 299 14.97 17.12 -35.70
N LEU D 300 15.03 15.89 -35.19
CA LEU D 300 13.88 15.21 -34.62
C LEU D 300 14.21 14.74 -33.22
N GLU D 301 13.16 14.44 -32.46
CA GLU D 301 13.30 13.92 -31.10
C GLU D 301 12.65 12.54 -31.03
N ILE D 302 13.41 11.57 -30.53
CA ILE D 302 12.95 10.20 -30.32
C ILE D 302 12.91 9.99 -28.81
N ASP D 303 11.69 9.95 -28.27
CA ASP D 303 11.49 9.82 -26.83
C ASP D 303 11.23 8.34 -26.53
N VAL D 304 12.24 7.66 -26.02
CA VAL D 304 12.16 6.24 -25.71
C VAL D 304 11.74 6.08 -24.25
N GLN D 305 11.09 4.96 -23.96
CA GLN D 305 10.79 4.59 -22.59
C GLN D 305 11.07 3.11 -22.38
N ALA D 306 11.56 2.78 -21.19
CA ALA D 306 11.88 1.43 -20.79
C ALA D 306 11.06 1.05 -19.57
N ARG D 307 10.52 -0.16 -19.58
CA ARG D 307 9.70 -0.66 -18.47
C ARG D 307 10.09 -2.09 -18.15
N ASP D 308 10.06 -2.43 -16.86
CA ASP D 308 10.31 -3.81 -16.48
C ASP D 308 9.06 -4.66 -16.69
N LEU D 309 9.28 -5.97 -16.83
CA LEU D 309 8.20 -6.90 -17.14
C LEU D 309 7.55 -7.48 -15.89
N GLY D 310 7.69 -6.81 -14.74
CA GLY D 310 7.01 -7.22 -13.54
C GLY D 310 5.63 -6.58 -13.44
N PRO D 311 4.94 -6.84 -12.34
CA PRO D 311 3.65 -6.18 -12.12
C PRO D 311 3.86 -4.75 -11.62
N ASN D 312 2.82 -3.93 -11.81
CA ASN D 312 2.87 -2.50 -11.58
C ASN D 312 4.19 -1.96 -12.11
N PRO D 313 4.46 -2.12 -13.41
CA PRO D 313 5.79 -1.83 -13.93
C PRO D 313 6.12 -0.35 -13.82
N ILE D 314 7.41 -0.07 -13.66
CA ILE D 314 7.90 1.28 -13.43
C ILE D 314 8.53 1.79 -14.72
N PRO D 315 7.99 2.81 -15.36
CA PRO D 315 8.57 3.30 -16.60
C PRO D 315 9.73 4.26 -16.36
N ALA D 316 10.51 4.47 -17.42
CA ALA D 316 11.66 5.37 -17.37
C ALA D 316 11.87 5.96 -18.76
N HIS D 317 12.14 7.26 -18.81
CA HIS D 317 12.15 8.00 -20.07
C HIS D 317 13.57 8.42 -20.43
N CYS D 318 13.87 8.34 -21.73
CA CYS D 318 15.12 8.84 -22.29
C CYS D 318 14.78 9.57 -23.59
N LYS D 319 15.72 10.41 -24.03
CA LYS D 319 15.45 11.36 -25.11
C LYS D 319 16.65 11.45 -26.03
N VAL D 320 16.47 11.06 -27.29
CA VAL D 320 17.53 11.09 -28.29
C VAL D 320 17.17 12.11 -29.36
N THR D 321 17.95 13.19 -29.43
CA THR D 321 17.78 14.18 -30.48
C THR D 321 18.67 13.82 -31.67
N VAL D 322 18.04 13.57 -32.81
CA VAL D 322 18.76 13.29 -34.06
C VAL D 322 18.89 14.60 -34.82
N LYS D 323 20.13 15.06 -35.00
CA LYS D 323 20.43 16.29 -35.71
C LYS D 323 20.91 15.93 -37.12
N LEU D 324 20.25 16.46 -38.14
CA LEU D 324 20.61 16.12 -39.50
C LEU D 324 21.64 17.10 -40.06
N ILE D 325 22.40 16.61 -41.04
CA ILE D 325 23.38 17.41 -41.78
C ILE D 325 22.89 17.52 -43.21
N ASP D 326 22.90 18.75 -43.75
CA ASP D 326 22.38 18.98 -45.10
C ASP D 326 23.40 18.55 -46.14
N ARG D 327 22.95 17.76 -47.10
CA ARG D 327 23.74 17.38 -48.27
C ARG D 327 23.11 17.99 -49.51
N ASN D 328 23.95 18.30 -50.50
CA ASN D 328 23.48 18.89 -51.75
C ASN D 328 22.70 17.83 -52.53
N ASP D 329 21.42 17.71 -52.20
CA ASP D 329 20.54 16.74 -52.85
C ASP D 329 19.38 17.40 -53.58
N ASN D 330 19.48 18.70 -53.88
CA ASN D 330 18.46 19.40 -54.64
C ASN D 330 19.14 20.24 -55.71
N ALA D 331 18.95 19.87 -56.98
CA ALA D 331 19.43 20.68 -58.08
C ALA D 331 18.63 21.98 -58.14
N PRO D 332 19.19 23.03 -58.74
CA PRO D 332 18.48 24.30 -58.81
C PRO D 332 17.38 24.26 -59.86
N SER D 333 16.25 24.90 -59.54
CA SER D 333 15.09 24.96 -60.42
C SER D 333 14.93 26.36 -60.97
N ILE D 334 14.49 26.45 -62.22
CA ILE D 334 14.36 27.71 -62.95
C ILE D 334 12.90 27.88 -63.33
N GLY D 335 12.39 29.10 -63.14
CA GLY D 335 10.99 29.38 -63.43
C GLY D 335 10.77 30.77 -63.98
N PHE D 336 10.10 30.86 -65.13
CA PHE D 336 9.86 32.14 -65.78
C PHE D 336 8.65 32.81 -65.14
N VAL D 337 8.87 33.98 -64.54
CA VAL D 337 7.78 34.77 -64.00
C VAL D 337 7.01 35.46 -65.12
N SER D 338 7.71 36.00 -66.11
CA SER D 338 7.07 36.66 -67.24
C SER D 338 8.04 36.64 -68.43
N VAL D 339 7.50 36.39 -69.62
CA VAL D 339 8.30 36.30 -70.84
C VAL D 339 7.61 37.14 -71.92
N ARG D 340 8.25 38.23 -72.32
CA ARG D 340 7.77 39.07 -73.42
C ARG D 340 8.36 38.48 -74.70
N GLN D 341 7.58 37.71 -75.44
CA GLN D 341 8.07 37.02 -76.64
C GLN D 341 7.74 37.73 -77.95
N GLY D 342 6.47 38.04 -78.18
CA GLY D 342 6.07 38.69 -79.43
C GLY D 342 6.15 40.20 -79.39
N ALA D 343 6.99 40.74 -78.52
CA ALA D 343 7.00 42.17 -78.22
C ALA D 343 8.40 42.74 -78.29
N LEU D 344 9.28 42.14 -79.08
CA LEU D 344 10.65 42.63 -79.22
C LEU D 344 10.82 43.28 -80.59
N SER D 345 11.62 44.34 -80.63
CA SER D 345 11.71 45.24 -81.77
C SER D 345 13.07 45.16 -82.44
N GLU D 346 13.08 45.26 -83.77
CA GLU D 346 14.34 45.24 -84.51
C GLU D 346 15.32 46.24 -83.92
N ALA D 347 14.85 47.43 -83.61
CA ALA D 347 15.71 48.47 -83.05
C ALA D 347 15.41 48.62 -81.56
N ALA D 348 15.48 47.52 -80.82
CA ALA D 348 15.32 47.59 -79.37
C ALA D 348 16.62 48.08 -78.73
N PRO D 349 16.58 49.09 -77.87
CA PRO D 349 17.83 49.63 -77.34
C PRO D 349 18.53 48.60 -76.48
N PRO D 350 19.88 48.59 -76.46
CA PRO D 350 20.60 47.69 -75.55
C PRO D 350 20.09 47.83 -74.12
N GLY D 351 19.69 46.70 -73.52
CA GLY D 351 19.11 46.69 -72.20
C GLY D 351 17.62 46.49 -72.16
N THR D 352 16.98 46.32 -73.33
CA THR D 352 15.56 46.03 -73.35
C THR D 352 15.27 44.76 -72.56
N VAL D 353 14.35 44.87 -71.60
CA VAL D 353 13.98 43.72 -70.78
C VAL D 353 13.15 42.75 -71.62
N ILE D 354 13.51 41.47 -71.54
CA ILE D 354 12.81 40.45 -72.32
C ILE D 354 12.06 39.45 -71.44
N ALA D 355 12.53 39.17 -70.23
CA ALA D 355 11.82 38.24 -69.38
C ALA D 355 12.36 38.35 -67.95
N LEU D 356 11.53 37.92 -67.01
CA LEU D 356 11.88 37.83 -65.61
C LEU D 356 11.91 36.35 -65.21
N VAL D 357 12.94 35.96 -64.46
CA VAL D 357 13.09 34.57 -64.05
C VAL D 357 13.49 34.50 -62.58
N ARG D 358 13.13 33.39 -61.96
CA ARG D 358 13.57 33.04 -60.61
C ARG D 358 14.30 31.70 -60.64
N VAL D 359 15.40 31.64 -59.91
CA VAL D 359 16.10 30.39 -59.67
C VAL D 359 16.00 30.09 -58.17
N THR D 360 15.97 28.81 -57.84
CA THR D 360 15.81 28.41 -56.44
C THR D 360 16.55 27.11 -56.19
N ASP D 361 16.84 26.85 -54.91
CA ASP D 361 17.45 25.61 -54.49
C ASP D 361 16.98 25.30 -53.08
N ARG D 362 16.35 24.13 -52.91
CA ARG D 362 15.80 23.78 -51.60
C ARG D 362 16.89 23.52 -50.57
N ASP D 363 18.13 23.29 -50.99
CA ASP D 363 19.22 23.09 -50.05
C ASP D 363 19.53 24.40 -49.33
N SER D 364 20.44 24.31 -48.35
CA SER D 364 20.85 25.45 -47.56
C SER D 364 22.37 25.61 -47.63
N GLY D 365 22.83 26.83 -47.37
CA GLY D 365 24.25 27.10 -47.39
C GLY D 365 24.79 27.13 -48.80
N LYS D 366 26.07 26.75 -48.93
CA LYS D 366 26.70 26.69 -50.25
C LYS D 366 25.94 25.75 -51.19
N ASN D 367 25.37 24.67 -50.65
CA ASN D 367 24.63 23.74 -51.49
C ASN D 367 23.46 24.42 -52.18
N GLY D 368 22.93 25.50 -51.57
CA GLY D 368 21.84 26.25 -52.15
C GLY D 368 22.27 27.60 -52.67
N GLN D 369 23.57 27.81 -52.81
CA GLN D 369 24.10 29.07 -53.34
C GLN D 369 24.20 28.94 -54.86
N LEU D 370 23.49 29.80 -55.57
CA LEU D 370 23.35 29.67 -57.02
C LEU D 370 24.23 30.68 -57.75
N GLN D 371 24.58 30.32 -58.98
CA GLN D 371 25.19 31.22 -59.94
C GLN D 371 24.59 30.90 -61.29
N CYS D 372 24.10 31.92 -61.98
CA CYS D 372 23.36 31.73 -63.22
C CYS D 372 24.03 32.46 -64.36
N ARG D 373 23.82 31.95 -65.56
CA ARG D 373 24.36 32.55 -66.76
C ARG D 373 23.49 32.18 -67.95
N VAL D 374 23.55 33.02 -68.97
CA VAL D 374 22.94 32.69 -70.25
C VAL D 374 23.99 31.92 -71.05
N LEU D 375 23.53 30.92 -71.80
CA LEU D 375 24.46 30.00 -72.45
C LEU D 375 25.52 30.74 -73.27
N GLY D 376 25.10 31.73 -74.05
CA GLY D 376 26.01 32.41 -74.95
C GLY D 376 26.42 33.79 -74.48
N GLY D 377 25.43 34.66 -74.29
CA GLY D 377 25.70 36.02 -73.85
C GLY D 377 26.51 36.07 -72.56
N VAL D 393 24.25 34.80 -78.82
CA VAL D 393 23.10 35.69 -78.78
C VAL D 393 23.38 36.93 -77.92
N PRO D 394 22.90 38.05 -78.31
CA PRO D 394 23.09 39.25 -77.48
C PRO D 394 22.05 39.38 -76.37
N PHE D 395 22.26 38.62 -75.29
CA PHE D 395 21.41 38.72 -74.12
C PHE D 395 22.24 38.53 -72.86
N LYS D 396 21.93 39.34 -71.85
CA LYS D 396 22.56 39.29 -70.54
C LYS D 396 21.54 38.87 -69.49
N LEU D 397 22.07 38.33 -68.39
CA LEU D 397 21.28 38.04 -67.20
C LEU D 397 21.67 39.03 -66.12
N GLU D 398 20.68 39.69 -65.53
CA GLU D 398 20.90 40.76 -64.55
C GLU D 398 20.19 40.38 -63.26
N GLU D 399 20.97 40.04 -62.24
CA GLU D 399 20.40 39.65 -60.95
C GLU D 399 20.02 40.90 -60.19
N ASN D 400 18.74 41.04 -59.86
CA ASN D 400 18.24 42.20 -59.16
C ASN D 400 18.05 41.94 -57.68
N TYR D 401 17.37 40.85 -57.33
CA TYR D 401 17.03 40.58 -55.92
C TYR D 401 17.46 39.16 -55.58
N ASP D 402 17.31 38.78 -54.31
CA ASP D 402 17.55 37.42 -53.89
C ASP D 402 16.80 36.46 -54.82
N ASN D 403 17.56 35.71 -55.62
CA ASN D 403 16.99 34.73 -56.54
C ASN D 403 16.09 35.37 -57.59
N PHE D 404 16.37 36.60 -57.99
CA PHE D 404 15.56 37.26 -59.01
C PHE D 404 16.45 37.97 -60.01
N TYR D 405 16.33 37.54 -61.27
CA TYR D 405 17.16 37.95 -62.40
C TYR D 405 16.28 38.48 -63.52
N THR D 406 16.78 39.48 -64.25
CA THR D 406 16.11 40.00 -65.44
C THR D 406 17.00 39.75 -66.64
N VAL D 407 16.48 39.03 -67.64
CA VAL D 407 17.19 38.79 -68.89
C VAL D 407 16.87 39.92 -69.86
N VAL D 408 17.91 40.64 -70.27
CA VAL D 408 17.76 41.82 -71.12
C VAL D 408 18.58 41.62 -72.40
N THR D 409 18.44 42.57 -73.33
CA THR D 409 19.17 42.54 -74.59
C THR D 409 20.60 43.02 -74.39
N ASP D 410 21.56 42.34 -75.03
CA ASP D 410 22.96 42.70 -74.88
C ASP D 410 23.38 43.75 -75.91
N ARG D 411 23.06 43.55 -77.19
CA ARG D 411 23.46 44.50 -78.22
C ARG D 411 22.34 44.70 -79.24
N PRO D 412 22.48 45.69 -80.13
CA PRO D 412 21.54 45.79 -81.26
C PRO D 412 21.69 44.60 -82.20
N LEU D 413 20.57 44.12 -82.72
CA LEU D 413 20.56 42.94 -83.58
C LEU D 413 20.58 43.36 -85.05
N ASP D 414 21.67 44.04 -85.42
CA ASP D 414 21.81 44.56 -86.78
C ASP D 414 22.13 43.43 -87.76
N ARG D 415 23.17 42.65 -87.47
CA ARG D 415 23.58 41.54 -88.35
C ARG D 415 23.05 40.21 -87.81
N GLU D 416 21.76 40.01 -87.90
CA GLU D 416 21.21 38.75 -87.44
C GLU D 416 21.02 37.81 -88.62
N THR D 417 21.19 36.51 -88.35
CA THR D 417 21.02 35.47 -89.37
C THR D 417 19.71 34.72 -89.22
N GLN D 418 19.22 34.54 -88.00
CA GLN D 418 18.00 33.82 -87.73
C GLN D 418 16.95 34.79 -87.21
N ASP D 419 15.70 34.54 -87.59
CA ASP D 419 14.61 35.39 -87.16
C ASP D 419 14.22 35.18 -85.69
N GLU D 420 14.39 33.97 -85.17
CA GLU D 420 13.97 33.62 -83.82
C GLU D 420 15.17 33.16 -83.00
N TYR D 421 15.08 33.33 -81.69
CA TYR D 421 16.12 32.93 -80.76
C TYR D 421 15.58 31.92 -79.76
N ASN D 422 16.37 30.86 -79.54
CA ASN D 422 16.11 29.87 -78.48
C ASN D 422 17.06 30.19 -77.33
N VAL D 423 16.62 31.06 -76.44
CA VAL D 423 17.40 31.44 -75.27
C VAL D 423 17.37 30.31 -74.26
N THR D 424 18.54 29.99 -73.68
CA THR D 424 18.67 28.92 -72.72
C THR D 424 19.41 29.44 -71.49
N ILE D 425 18.80 29.32 -70.32
CA ILE D 425 19.38 29.75 -69.05
C ILE D 425 19.97 28.55 -68.34
N VAL D 426 21.06 28.81 -67.61
CA VAL D 426 21.75 27.79 -66.82
C VAL D 426 21.89 28.29 -65.39
N ALA D 427 21.47 27.46 -64.43
CA ALA D 427 21.70 27.69 -63.02
C ALA D 427 22.62 26.61 -62.47
N ARG D 428 23.51 27.00 -61.56
CA ARG D 428 24.54 26.10 -61.04
C ARG D 428 24.72 26.36 -59.56
N ASP D 429 24.50 25.33 -58.74
CA ASP D 429 24.63 25.50 -57.30
C ASP D 429 26.08 25.28 -56.86
N GLY D 430 26.37 25.64 -55.62
CA GLY D 430 27.70 25.53 -55.08
C GLY D 430 27.90 24.33 -54.18
N GLY D 431 27.45 23.16 -54.64
CA GLY D 431 27.55 21.95 -53.85
C GLY D 431 28.85 21.21 -54.08
N SER D 432 28.98 20.08 -53.39
CA SER D 432 30.16 19.24 -53.50
C SER D 432 29.76 17.76 -53.64
N PRO D 433 29.57 17.29 -54.88
CA PRO D 433 29.74 18.04 -56.13
C PRO D 433 28.57 18.98 -56.43
N PRO D 434 28.78 19.95 -57.31
CA PRO D 434 27.71 20.90 -57.64
C PRO D 434 26.68 20.26 -58.57
N LEU D 435 25.56 20.96 -58.72
CA LEU D 435 24.47 20.54 -59.57
C LEU D 435 24.03 21.72 -60.43
N ASN D 436 23.57 21.42 -61.64
CA ASN D 436 23.16 22.47 -62.57
C ASN D 436 21.87 22.04 -63.27
N SER D 437 21.06 23.03 -63.60
CA SER D 437 19.84 22.79 -64.37
C SER D 437 19.72 23.88 -65.42
N THR D 438 19.01 23.56 -66.50
CA THR D 438 18.88 24.47 -67.63
C THR D 438 17.41 24.60 -68.01
N LYS D 439 17.08 25.68 -68.72
CA LYS D 439 15.69 25.88 -69.13
C LYS D 439 15.63 26.90 -70.26
N SER D 440 14.82 26.61 -71.27
CA SER D 440 14.82 27.37 -72.52
C SER D 440 13.47 28.05 -72.75
N PHE D 441 13.53 29.15 -73.49
CA PHE D 441 12.35 29.82 -74.01
C PHE D 441 12.73 30.50 -75.31
N ALA D 442 11.75 30.72 -76.18
CA ALA D 442 12.00 31.25 -77.51
C ALA D 442 11.35 32.62 -77.67
N ILE D 443 12.02 33.50 -78.41
CA ILE D 443 11.49 34.85 -78.65
C ILE D 443 11.83 35.26 -80.08
N LYS D 444 10.95 36.08 -80.67
CA LYS D 444 11.12 36.56 -82.03
C LYS D 444 11.14 38.09 -82.06
N ILE D 445 11.71 38.62 -83.15
CA ILE D 445 11.71 40.04 -83.45
C ILE D 445 10.79 40.27 -84.63
N LEU D 446 10.01 41.33 -84.57
CA LEU D 446 9.03 41.64 -85.59
C LEU D 446 9.65 42.54 -86.67
N ASP D 447 9.47 42.14 -87.92
CA ASP D 447 10.09 42.84 -89.05
C ASP D 447 9.14 43.84 -89.68
#